data_2C8I
# 
_entry.id   2C8I 
# 
_audit_conform.dict_name       mmcif_pdbx.dic 
_audit_conform.dict_version    5.391 
_audit_conform.dict_location   http://mmcif.pdb.org/dictionaries/ascii/mmcif_pdbx.dic 
# 
loop_
_database_2.database_id 
_database_2.database_code 
_database_2.pdbx_database_accession 
_database_2.pdbx_DOI 
PDB   2C8I         pdb_00002c8i 10.2210/pdb2c8i/pdb 
PDBE  EBI-26623    ?            ?                   
WWPDB D_1290026623 ?            ?                   
# 
loop_
_pdbx_audit_revision_history.ordinal 
_pdbx_audit_revision_history.data_content_type 
_pdbx_audit_revision_history.major_revision 
_pdbx_audit_revision_history.minor_revision 
_pdbx_audit_revision_history.revision_date 
1 'Structure model' 1 0 2006-01-17 
2 'Structure model' 1 1 2017-08-30 
3 'Structure model' 1 2 2024-05-08 
# 
_pdbx_audit_revision_details.ordinal             1 
_pdbx_audit_revision_details.revision_ordinal    1 
_pdbx_audit_revision_details.data_content_type   'Structure model' 
_pdbx_audit_revision_details.provider            repository 
_pdbx_audit_revision_details.type                'Initial release' 
_pdbx_audit_revision_details.description         ? 
_pdbx_audit_revision_details.details             ? 
# 
loop_
_pdbx_audit_revision_group.ordinal 
_pdbx_audit_revision_group.revision_ordinal 
_pdbx_audit_revision_group.data_content_type 
_pdbx_audit_revision_group.group 
1 2 'Structure model' 'Data collection'        
2 3 'Structure model' 'Data collection'        
3 3 'Structure model' 'Database references'    
4 3 'Structure model' 'Derived calculations'   
5 3 'Structure model' 'Refinement description' 
# 
loop_
_pdbx_audit_revision_category.ordinal 
_pdbx_audit_revision_category.revision_ordinal 
_pdbx_audit_revision_category.data_content_type 
_pdbx_audit_revision_category.category 
1 2 'Structure model' em_software                   
2 3 'Structure model' chem_comp_atom                
3 3 'Structure model' chem_comp_bond                
4 3 'Structure model' database_2                    
5 3 'Structure model' em_3d_fitting_list            
6 3 'Structure model' pdbx_initial_refinement_model 
7 3 'Structure model' pdbx_struct_oper_list         
# 
loop_
_pdbx_audit_revision_item.ordinal 
_pdbx_audit_revision_item.revision_ordinal 
_pdbx_audit_revision_item.data_content_type 
_pdbx_audit_revision_item.item 
1  2 'Structure model' '_em_software.image_processing_id'                
2  3 'Structure model' '_database_2.pdbx_DOI'                            
3  3 'Structure model' '_database_2.pdbx_database_accession'             
4  3 'Structure model' '_em_3d_fitting_list.accession_code'              
5  3 'Structure model' '_em_3d_fitting_list.initial_refinement_model_id' 
6  3 'Structure model' '_em_3d_fitting_list.source_name'                 
7  3 'Structure model' '_em_3d_fitting_list.type'                        
8  3 'Structure model' '_pdbx_struct_oper_list.name'                     
9  3 'Structure model' '_pdbx_struct_oper_list.symmetry_operation'       
10 3 'Structure model' '_pdbx_struct_oper_list.type'                     
# 
_pdbx_database_status.status_code                     REL 
_pdbx_database_status.entry_id                        2C8I 
_pdbx_database_status.deposit_site                    PDBE 
_pdbx_database_status.process_site                    PDBE 
_pdbx_database_status.SG_entry                        . 
_pdbx_database_status.recvd_initial_deposition_date   2005-12-05 
_pdbx_database_status.pdb_format_compatible           Y 
_pdbx_database_status.status_code_sf                  ? 
_pdbx_database_status.status_code_mr                  ? 
_pdbx_database_status.status_code_cs                  ? 
_pdbx_database_status.methods_development_category    ? 
_pdbx_database_status.status_code_nmr_data            ? 
# 
loop_
_pdbx_database_related.db_name 
_pdbx_database_related.db_id 
_pdbx_database_related.content_type 
_pdbx_database_related.details 
PDB  1H03     unspecified            'HUMAN CD55 DOMAINS 3 & 4' 
PDB  1H04     unspecified            'HUMAN CD55 DOMAINS 3 & 4' 
PDB  1H2P     unspecified            'HUMAN CD55 DOMAINS 3 & 4' 
PDB  1H2Q     unspecified            'HUMAN CD55 DOMAINS 3 & 4' 
PDB  1M11     unspecified            
'STRUCTURAL MODEL OF HUMAN DECAY-ACCELERATING FACTOR BOUNDTO ECHOVIRUS 7 FROM CRYO- ELECTRON MICROSCOPY' 
PDB  1NWV     unspecified            'SOLUTION STRUCTURE OF A FUNCTIONALLY ACTIVE COMPONENT OFDECAY ACCELERATING FACTOR' 
PDB  1OJV     unspecified            'DECAY ACCELERATING FACTOR: THE STRUCTURE OF AN INTACT HUMAN COMPLEMENT REGULATOR.' 
PDB  1OJW     unspecified            'DECAY ACCELERATING FACTOR: THE STRUCTURE OF AN INTACT HUMAN COMPLEMENT REGULATOR.' 
PDB  1OJY     unspecified            'DECAY ACCELERATING FACTOR: THE STRUCTURE OF AN INTACT HUMAN COMPLEMENT REGULATOR.' 
PDB  1OK1     unspecified            'DECAY ACCELERATING FACTOR: THE STRUCTURE OF AN INTACT HUMAN COMPLEMENT REGULATOR.' 
PDB  1OK2     unspecified            'DECAY ACCELERATING FACTOR: THE STRUCTURE OF AN INTACT HUMAN COMPLEMENT REGULATOR.' 
PDB  1OK3     unspecified            'DECAY ACCELERATING FACTOR: THE STRUCTURE OF AN INTACT HUMAN COMPLEMENT REGULATOR.' 
PDB  1OK9     unspecified            'DECAY ACCELERATING FACTOR: THE STRUCTURE OF AN INTACT HUMAN COMPLEMENT REGULATOR.' 
PDB  1UOT     unspecified            'HUMAN CD55 DOMAINS 3 & 4' 
PDB  1UPN     unspecified            
;COMPLEX OF ECHOVIRUS TYPE 12 WITH DOMAINS 3 AND 4 OF ITS RECEPTOR DECAY ACCELERATING FACTOR (CD55) BY CRYO ELECTRON MICROSCOPY AT 16 A
;
EMDB EMD-1182 'other EM volume'      
'STRUCTURAL AND FUNCTIONAL INSIGHTS INTO THE INTERACTION OF ECHOVIRUSES AND DECAY-ACCELERATING FACTOR' 
EMDB EMD-1183 'associated EM volume' 
'STRUCTURAL AND FUNCTIONAL INSIGHTS INTO THE INTERACTION OF ECHOVIRUSES AND DECAY-ACCELERATING FACTOR' 
# 
loop_
_audit_author.name 
_audit_author.pdbx_ordinal 
'Pettigrew, D.M.' 1 
'Williams, D.T.'  2 
'Kerrigan, D.'    3 
'Evans, D.J.'     4 
'Lea, S.M.'       5 
'Bhella, D.'      6 
# 
loop_
_citation.id 
_citation.title 
_citation.journal_abbrev 
_citation.journal_volume 
_citation.page_first 
_citation.page_last 
_citation.year 
_citation.journal_id_ASTM 
_citation.country 
_citation.journal_id_ISSN 
_citation.journal_id_CSD 
_citation.book_publisher 
_citation.pdbx_database_id_PubMed 
_citation.pdbx_database_id_DOI 
primary 'Structural and Functional Insights Into the Interaction of Echoviruses and Decay-Accelerating Factor.' J.Biol.Chem. 281 
5169 ? 2006 JBCHA3 US 0021-9258 0071 ? 16272562 10.1074/JBC.M510362200 
1       
;Complex of Echovirus Type 12 with Domains 3 and 4 of its Receptor Decay Accelerating Factor (Cd55) by Cryo Electron Microscopy at 16 A
;
J.Biol.Chem. 279 8325 ? 2004 JBCHA3 US 0021-9258 0071 ? 14634014 10.1074/JBC.M311334200 
# 
loop_
_citation_author.citation_id 
_citation_author.name 
_citation_author.ordinal 
_citation_author.identifier_ORCID 
primary 'Pettigrew, D.M.'  1  ? 
primary 'Williams, D.T.'   2  ? 
primary 'Kerrigan, D.'     3  ? 
primary 'Evans, D.J.'      4  ? 
primary 'Lea, S.M.'        5  ? 
primary 'Bhella, D.'       6  ? 
1       'Bhella, D.'       7  ? 
1       'Goodfellow, I.G.' 8  ? 
1       'Roversi, P.'      9  ? 
1       'Pettigrew, D.'    10 ? 
1       'Chaudry, Y.'      11 ? 
1       'Evans, D.J.'      12 ? 
1       'Lea, S.M.'        13 ? 
# 
loop_
_entity.id 
_entity.type 
_entity.src_method 
_entity.pdbx_description 
_entity.formula_weight 
_entity.pdbx_number_of_molecules 
_entity.pdbx_ec 
_entity.pdbx_mutation 
_entity.pdbx_fragment 
_entity.details 
1 polymer nat 'ECHOVIRUS 11 COAT PROTEIN VP1'        32447.342 1 ? ? ? ? 
2 polymer nat 'ECHOVIRUS 11 COAT PROTEIN VP2'        27996.480 1 ? ? ? ? 
3 polymer nat 'ECHOVIRUS 11 COAT PROTEIN VP3'        25897.391 1 ? ? ? ? 
4 polymer nat 'ECHOVIRUS 11 COAT PROTEIN VP4'        6620.287  1 ? ? ? 
;STRUCTURE OF ECHOVIRUS TYPE 11 FITTED INTO CRYO-EM ELECTRON DENSITY FOR ECHOVIRUS TYPE 12. THE EM DENSITY HAS BEEN DEPOSITED IN THE EMDB, WITH ACCESSION CODE 1057
;
5 polymer man 'COMPLEMENT DECAY-ACCELERATING FACTOR' 35034.164 1 ? ? ? ? 
# 
_entity_name_com.entity_id   5 
_entity_name_com.name        CD55 
# 
loop_
_entity_poly.entity_id 
_entity_poly.type 
_entity_poly.nstd_linkage 
_entity_poly.nstd_monomer 
_entity_poly.pdbx_seq_one_letter_code 
_entity_poly.pdbx_seq_one_letter_code_can 
_entity_poly.pdbx_strand_id 
_entity_poly.pdbx_target_identifier 
1 'polypeptide(L)' no no 
;GDVVEAVENAVARVADTIGSGPSNSQAVPALTAVETGHTSQVTPSDTVQTRHVKNYHSRSESSIENFLSRSACVYMGEYH
TTNSDQTKLFASWTISARRMVQMRRKLEIFTYVRFDVEVTFVITSKQDQGTQLGQDMPPLTHQIMYIPPGGPIPKSVTDY
TWQTSTNPSIFWTEGNAPPRMSIPFISIGNAYSNFYDGWSHFSQNGVYGYNTLNHMGQIYVRHVNGSSPLPMTSTVRMYF
KPKHVKAWVPRPPRLCQYKNASTVNFSPTDITDKRNSITYIPDTVKPDV
;
;GDVVEAVENAVARVADTIGSGPSNSQAVPALTAVETGHTSQVTPSDTVQTRHVKNYHSRSESSIENFLSRSACVYMGEYH
TTNSDQTKLFASWTISARRMVQMRRKLEIFTYVRFDVEVTFVITSKQDQGTQLGQDMPPLTHQIMYIPPGGPIPKSVTDY
TWQTSTNPSIFWTEGNAPPRMSIPFISIGNAYSNFYDGWSHFSQNGVYGYNTLNHMGQIYVRHVNGSSPLPMTSTVRMYF
KPKHVKAWVPRPPRLCQYKNASTVNFSPTDITDKRNSITYIPDTVKPDV
;
A ? 
2 'polypeptide(L)' no no 
;SDRVRSITLGNSTITTQESANVVVGYGRWPEYLRDDEATAEDQPTQPDVATCRFYTLESVTWEKDSPGWWWKFPDALKDM
GLFGQNMYYHYLGRAGYTIHVQCNASKFHQGCLLVVCVPEAEMGCSTVDGTVNEHGLSEGETAKKFSATGTNGTNTVQSI
VTNAGMGVGVGNLTIFPHQWINLRTNNCATIVMPYINNVPMDNMFRHHNFTLMIIPFVPLNYSSDFSTYVPITVTVAPMC
AEYNGLRLSTAL
;
;SDRVRSITLGNSTITTQESANVVVGYGRWPEYLRDDEATAEDQPTQPDVATCRFYTLESVTWEKDSPGWWWKFPDALKDM
GLFGQNMYYHYLGRAGYTIHVQCNASKFHQGCLLVVCVPEAEMGCSTVDGTVNEHGLSEGETAKKFSATGTNGTNTVQSI
VTNAGMGVGVGNLTIFPHQWINLRTNNCATIVMPYINNVPMDNMFRHHNFTLMIIPFVPLNYSSDFSTYVPITVTVAPMC
AEYNGLRLSTAL
;
B ? 
3 'polypeptide(L)' no no 
;GLPVINTPGSNQFLTSDDFQSPSAMPQFDVTPELNIPGEVQNLMEIAEVDSVVPVNNVAGNLETMDIYRIPVQSGNHQSS
QVFGFQVQPGLDGVFKHTLLGEILNYYAHWSGSIKLTFVFCGSAMATGKFLLAYAPPGANAPKSRKDAMLGTHIIWDVGL
QSSCVLCIPWISQTHYRLVQQDEYTSAGNVTCWYQTGIVVPAGTPTSCSIMCFVSACNDFSVRLLKDTPFIQQAALLQ
;
;GLPVINTPGSNQFLTSDDFQSPSAMPQFDVTPELNIPGEVQNLMEIAEVDSVVPVNNVAGNLETMDIYRIPVQSGNHQSS
QVFGFQVQPGLDGVFKHTLLGEILNYYAHWSGSIKLTFVFCGSAMATGKFLLAYAPPGANAPKSRKDAMLGTHIIWDVGL
QSSCVLCIPWISQTHYRLVQQDEYTSAGNVTCWYQTGIVVPAGTPTSCSIMCFVSACNDFSVRLLKDTPFIQQAALLQ
;
C ? 
4 'polypeptide(L)' no no GAQVSTQKTGAHESIIHYTNINYYKDAASNSANRQDFTQDPGKFTEPVKDIMVKSLPALN 
GAQVSTQKTGAHESIIHYTNINYYKDAASNSANRQDFTQDPGKFTEPVKDIMVKSLPALN D ? 
5 'polypeptide(L)' no no 
;QDCGLPPDVPNAQPALEGRTSFPEDTVITYKCEESFVKIPGEKDSVICLKGSQWSDIEEFCNRSQDCGLPPDVPNAQPAL
EGRTSFPEDTVITYKCEESFVKIPGEKDSVICLKGSQWSDIEEFCNRSCEVPTRLNSASLKQPYITQNYFPVGTVVEYEC
RPGYRREPSLSPKLTCLQNLKWSTAVEFCKKKSCPNPGEIRNGQIDVPGGILFGATISFSCNTGYKLFGSTSSFCLISGS
SVQWSDPLPECREIYCPAPPQIDNGIIQGERDHYGYRQSVTYACNKGFTMIGEHSIYCTVNNDEGEWSGPPPECRG
;
;QDCGLPPDVPNAQPALEGRTSFPEDTVITYKCEESFVKIPGEKDSVICLKGSQWSDIEEFCNRSQDCGLPPDVPNAQPAL
EGRTSFPEDTVITYKCEESFVKIPGEKDSVICLKGSQWSDIEEFCNRSCEVPTRLNSASLKQPYITQNYFPVGTVVEYEC
RPGYRREPSLSPKLTCLQNLKWSTAVEFCKKKSCPNPGEIRNGQIDVPGGILFGATISFSCNTGYKLFGSTSSFCLISGS
SVQWSDPLPECREIYCPAPPQIDNGIIQGERDHYGYRQSVTYACNKGFTMIGEHSIYCTVNNDEGEWSGPPPECRG
;
E ? 
# 
loop_
_entity_poly_seq.entity_id 
_entity_poly_seq.num 
_entity_poly_seq.mon_id 
_entity_poly_seq.hetero 
1 1   GLY n 
1 2   ASP n 
1 3   VAL n 
1 4   VAL n 
1 5   GLU n 
1 6   ALA n 
1 7   VAL n 
1 8   GLU n 
1 9   ASN n 
1 10  ALA n 
1 11  VAL n 
1 12  ALA n 
1 13  ARG n 
1 14  VAL n 
1 15  ALA n 
1 16  ASP n 
1 17  THR n 
1 18  ILE n 
1 19  GLY n 
1 20  SER n 
1 21  GLY n 
1 22  PRO n 
1 23  SER n 
1 24  ASN n 
1 25  SER n 
1 26  GLN n 
1 27  ALA n 
1 28  VAL n 
1 29  PRO n 
1 30  ALA n 
1 31  LEU n 
1 32  THR n 
1 33  ALA n 
1 34  VAL n 
1 35  GLU n 
1 36  THR n 
1 37  GLY n 
1 38  HIS n 
1 39  THR n 
1 40  SER n 
1 41  GLN n 
1 42  VAL n 
1 43  THR n 
1 44  PRO n 
1 45  SER n 
1 46  ASP n 
1 47  THR n 
1 48  VAL n 
1 49  GLN n 
1 50  THR n 
1 51  ARG n 
1 52  HIS n 
1 53  VAL n 
1 54  LYS n 
1 55  ASN n 
1 56  TYR n 
1 57  HIS n 
1 58  SER n 
1 59  ARG n 
1 60  SER n 
1 61  GLU n 
1 62  SER n 
1 63  SER n 
1 64  ILE n 
1 65  GLU n 
1 66  ASN n 
1 67  PHE n 
1 68  LEU n 
1 69  SER n 
1 70  ARG n 
1 71  SER n 
1 72  ALA n 
1 73  CYS n 
1 74  VAL n 
1 75  TYR n 
1 76  MET n 
1 77  GLY n 
1 78  GLU n 
1 79  TYR n 
1 80  HIS n 
1 81  THR n 
1 82  THR n 
1 83  ASN n 
1 84  SER n 
1 85  ASP n 
1 86  GLN n 
1 87  THR n 
1 88  LYS n 
1 89  LEU n 
1 90  PHE n 
1 91  ALA n 
1 92  SER n 
1 93  TRP n 
1 94  THR n 
1 95  ILE n 
1 96  SER n 
1 97  ALA n 
1 98  ARG n 
1 99  ARG n 
1 100 MET n 
1 101 VAL n 
1 102 GLN n 
1 103 MET n 
1 104 ARG n 
1 105 ARG n 
1 106 LYS n 
1 107 LEU n 
1 108 GLU n 
1 109 ILE n 
1 110 PHE n 
1 111 THR n 
1 112 TYR n 
1 113 VAL n 
1 114 ARG n 
1 115 PHE n 
1 116 ASP n 
1 117 VAL n 
1 118 GLU n 
1 119 VAL n 
1 120 THR n 
1 121 PHE n 
1 122 VAL n 
1 123 ILE n 
1 124 THR n 
1 125 SER n 
1 126 LYS n 
1 127 GLN n 
1 128 ASP n 
1 129 GLN n 
1 130 GLY n 
1 131 THR n 
1 132 GLN n 
1 133 LEU n 
1 134 GLY n 
1 135 GLN n 
1 136 ASP n 
1 137 MET n 
1 138 PRO n 
1 139 PRO n 
1 140 LEU n 
1 141 THR n 
1 142 HIS n 
1 143 GLN n 
1 144 ILE n 
1 145 MET n 
1 146 TYR n 
1 147 ILE n 
1 148 PRO n 
1 149 PRO n 
1 150 GLY n 
1 151 GLY n 
1 152 PRO n 
1 153 ILE n 
1 154 PRO n 
1 155 LYS n 
1 156 SER n 
1 157 VAL n 
1 158 THR n 
1 159 ASP n 
1 160 TYR n 
1 161 THR n 
1 162 TRP n 
1 163 GLN n 
1 164 THR n 
1 165 SER n 
1 166 THR n 
1 167 ASN n 
1 168 PRO n 
1 169 SER n 
1 170 ILE n 
1 171 PHE n 
1 172 TRP n 
1 173 THR n 
1 174 GLU n 
1 175 GLY n 
1 176 ASN n 
1 177 ALA n 
1 178 PRO n 
1 179 PRO n 
1 180 ARG n 
1 181 MET n 
1 182 SER n 
1 183 ILE n 
1 184 PRO n 
1 185 PHE n 
1 186 ILE n 
1 187 SER n 
1 188 ILE n 
1 189 GLY n 
1 190 ASN n 
1 191 ALA n 
1 192 TYR n 
1 193 SER n 
1 194 ASN n 
1 195 PHE n 
1 196 TYR n 
1 197 ASP n 
1 198 GLY n 
1 199 TRP n 
1 200 SER n 
1 201 HIS n 
1 202 PHE n 
1 203 SER n 
1 204 GLN n 
1 205 ASN n 
1 206 GLY n 
1 207 VAL n 
1 208 TYR n 
1 209 GLY n 
1 210 TYR n 
1 211 ASN n 
1 212 THR n 
1 213 LEU n 
1 214 ASN n 
1 215 HIS n 
1 216 MET n 
1 217 GLY n 
1 218 GLN n 
1 219 ILE n 
1 220 TYR n 
1 221 VAL n 
1 222 ARG n 
1 223 HIS n 
1 224 VAL n 
1 225 ASN n 
1 226 GLY n 
1 227 SER n 
1 228 SER n 
1 229 PRO n 
1 230 LEU n 
1 231 PRO n 
1 232 MET n 
1 233 THR n 
1 234 SER n 
1 235 THR n 
1 236 VAL n 
1 237 ARG n 
1 238 MET n 
1 239 TYR n 
1 240 PHE n 
1 241 LYS n 
1 242 PRO n 
1 243 LYS n 
1 244 HIS n 
1 245 VAL n 
1 246 LYS n 
1 247 ALA n 
1 248 TRP n 
1 249 VAL n 
1 250 PRO n 
1 251 ARG n 
1 252 PRO n 
1 253 PRO n 
1 254 ARG n 
1 255 LEU n 
1 256 CYS n 
1 257 GLN n 
1 258 TYR n 
1 259 LYS n 
1 260 ASN n 
1 261 ALA n 
1 262 SER n 
1 263 THR n 
1 264 VAL n 
1 265 ASN n 
1 266 PHE n 
1 267 SER n 
1 268 PRO n 
1 269 THR n 
1 270 ASP n 
1 271 ILE n 
1 272 THR n 
1 273 ASP n 
1 274 LYS n 
1 275 ARG n 
1 276 ASN n 
1 277 SER n 
1 278 ILE n 
1 279 THR n 
1 280 TYR n 
1 281 ILE n 
1 282 PRO n 
1 283 ASP n 
1 284 THR n 
1 285 VAL n 
1 286 LYS n 
1 287 PRO n 
1 288 ASP n 
1 289 VAL n 
2 1   SER n 
2 2   ASP n 
2 3   ARG n 
2 4   VAL n 
2 5   ARG n 
2 6   SER n 
2 7   ILE n 
2 8   THR n 
2 9   LEU n 
2 10  GLY n 
2 11  ASN n 
2 12  SER n 
2 13  THR n 
2 14  ILE n 
2 15  THR n 
2 16  THR n 
2 17  GLN n 
2 18  GLU n 
2 19  SER n 
2 20  ALA n 
2 21  ASN n 
2 22  VAL n 
2 23  VAL n 
2 24  VAL n 
2 25  GLY n 
2 26  TYR n 
2 27  GLY n 
2 28  ARG n 
2 29  TRP n 
2 30  PRO n 
2 31  GLU n 
2 32  TYR n 
2 33  LEU n 
2 34  ARG n 
2 35  ASP n 
2 36  ASP n 
2 37  GLU n 
2 38  ALA n 
2 39  THR n 
2 40  ALA n 
2 41  GLU n 
2 42  ASP n 
2 43  GLN n 
2 44  PRO n 
2 45  THR n 
2 46  GLN n 
2 47  PRO n 
2 48  ASP n 
2 49  VAL n 
2 50  ALA n 
2 51  THR n 
2 52  CYS n 
2 53  ARG n 
2 54  PHE n 
2 55  TYR n 
2 56  THR n 
2 57  LEU n 
2 58  GLU n 
2 59  SER n 
2 60  VAL n 
2 61  THR n 
2 62  TRP n 
2 63  GLU n 
2 64  LYS n 
2 65  ASP n 
2 66  SER n 
2 67  PRO n 
2 68  GLY n 
2 69  TRP n 
2 70  TRP n 
2 71  TRP n 
2 72  LYS n 
2 73  PHE n 
2 74  PRO n 
2 75  ASP n 
2 76  ALA n 
2 77  LEU n 
2 78  LYS n 
2 79  ASP n 
2 80  MET n 
2 81  GLY n 
2 82  LEU n 
2 83  PHE n 
2 84  GLY n 
2 85  GLN n 
2 86  ASN n 
2 87  MET n 
2 88  TYR n 
2 89  TYR n 
2 90  HIS n 
2 91  TYR n 
2 92  LEU n 
2 93  GLY n 
2 94  ARG n 
2 95  ALA n 
2 96  GLY n 
2 97  TYR n 
2 98  THR n 
2 99  ILE n 
2 100 HIS n 
2 101 VAL n 
2 102 GLN n 
2 103 CYS n 
2 104 ASN n 
2 105 ALA n 
2 106 SER n 
2 107 LYS n 
2 108 PHE n 
2 109 HIS n 
2 110 GLN n 
2 111 GLY n 
2 112 CYS n 
2 113 LEU n 
2 114 LEU n 
2 115 VAL n 
2 116 VAL n 
2 117 CYS n 
2 118 VAL n 
2 119 PRO n 
2 120 GLU n 
2 121 ALA n 
2 122 GLU n 
2 123 MET n 
2 124 GLY n 
2 125 CYS n 
2 126 SER n 
2 127 THR n 
2 128 VAL n 
2 129 ASP n 
2 130 GLY n 
2 131 THR n 
2 132 VAL n 
2 133 ASN n 
2 134 GLU n 
2 135 HIS n 
2 136 GLY n 
2 137 LEU n 
2 138 SER n 
2 139 GLU n 
2 140 GLY n 
2 141 GLU n 
2 142 THR n 
2 143 ALA n 
2 144 LYS n 
2 145 LYS n 
2 146 PHE n 
2 147 SER n 
2 148 ALA n 
2 149 THR n 
2 150 GLY n 
2 151 THR n 
2 152 ASN n 
2 153 GLY n 
2 154 THR n 
2 155 ASN n 
2 156 THR n 
2 157 VAL n 
2 158 GLN n 
2 159 SER n 
2 160 ILE n 
2 161 VAL n 
2 162 THR n 
2 163 ASN n 
2 164 ALA n 
2 165 GLY n 
2 166 MET n 
2 167 GLY n 
2 168 VAL n 
2 169 GLY n 
2 170 VAL n 
2 171 GLY n 
2 172 ASN n 
2 173 LEU n 
2 174 THR n 
2 175 ILE n 
2 176 PHE n 
2 177 PRO n 
2 178 HIS n 
2 179 GLN n 
2 180 TRP n 
2 181 ILE n 
2 182 ASN n 
2 183 LEU n 
2 184 ARG n 
2 185 THR n 
2 186 ASN n 
2 187 ASN n 
2 188 CYS n 
2 189 ALA n 
2 190 THR n 
2 191 ILE n 
2 192 VAL n 
2 193 MET n 
2 194 PRO n 
2 195 TYR n 
2 196 ILE n 
2 197 ASN n 
2 198 ASN n 
2 199 VAL n 
2 200 PRO n 
2 201 MET n 
2 202 ASP n 
2 203 ASN n 
2 204 MET n 
2 205 PHE n 
2 206 ARG n 
2 207 HIS n 
2 208 HIS n 
2 209 ASN n 
2 210 PHE n 
2 211 THR n 
2 212 LEU n 
2 213 MET n 
2 214 ILE n 
2 215 ILE n 
2 216 PRO n 
2 217 PHE n 
2 218 VAL n 
2 219 PRO n 
2 220 LEU n 
2 221 ASN n 
2 222 TYR n 
2 223 SER n 
2 224 SER n 
2 225 ASP n 
2 226 PHE n 
2 227 SER n 
2 228 THR n 
2 229 TYR n 
2 230 VAL n 
2 231 PRO n 
2 232 ILE n 
2 233 THR n 
2 234 VAL n 
2 235 THR n 
2 236 VAL n 
2 237 ALA n 
2 238 PRO n 
2 239 MET n 
2 240 CYS n 
2 241 ALA n 
2 242 GLU n 
2 243 TYR n 
2 244 ASN n 
2 245 GLY n 
2 246 LEU n 
2 247 ARG n 
2 248 LEU n 
2 249 SER n 
2 250 THR n 
2 251 ALA n 
2 252 LEU n 
3 1   GLY n 
3 2   LEU n 
3 3   PRO n 
3 4   VAL n 
3 5   ILE n 
3 6   ASN n 
3 7   THR n 
3 8   PRO n 
3 9   GLY n 
3 10  SER n 
3 11  ASN n 
3 12  GLN n 
3 13  PHE n 
3 14  LEU n 
3 15  THR n 
3 16  SER n 
3 17  ASP n 
3 18  ASP n 
3 19  PHE n 
3 20  GLN n 
3 21  SER n 
3 22  PRO n 
3 23  SER n 
3 24  ALA n 
3 25  MET n 
3 26  PRO n 
3 27  GLN n 
3 28  PHE n 
3 29  ASP n 
3 30  VAL n 
3 31  THR n 
3 32  PRO n 
3 33  GLU n 
3 34  LEU n 
3 35  ASN n 
3 36  ILE n 
3 37  PRO n 
3 38  GLY n 
3 39  GLU n 
3 40  VAL n 
3 41  GLN n 
3 42  ASN n 
3 43  LEU n 
3 44  MET n 
3 45  GLU n 
3 46  ILE n 
3 47  ALA n 
3 48  GLU n 
3 49  VAL n 
3 50  ASP n 
3 51  SER n 
3 52  VAL n 
3 53  VAL n 
3 54  PRO n 
3 55  VAL n 
3 56  ASN n 
3 57  ASN n 
3 58  VAL n 
3 59  ALA n 
3 60  GLY n 
3 61  ASN n 
3 62  LEU n 
3 63  GLU n 
3 64  THR n 
3 65  MET n 
3 66  ASP n 
3 67  ILE n 
3 68  TYR n 
3 69  ARG n 
3 70  ILE n 
3 71  PRO n 
3 72  VAL n 
3 73  GLN n 
3 74  SER n 
3 75  GLY n 
3 76  ASN n 
3 77  HIS n 
3 78  GLN n 
3 79  SER n 
3 80  SER n 
3 81  GLN n 
3 82  VAL n 
3 83  PHE n 
3 84  GLY n 
3 85  PHE n 
3 86  GLN n 
3 87  VAL n 
3 88  GLN n 
3 89  PRO n 
3 90  GLY n 
3 91  LEU n 
3 92  ASP n 
3 93  GLY n 
3 94  VAL n 
3 95  PHE n 
3 96  LYS n 
3 97  HIS n 
3 98  THR n 
3 99  LEU n 
3 100 LEU n 
3 101 GLY n 
3 102 GLU n 
3 103 ILE n 
3 104 LEU n 
3 105 ASN n 
3 106 TYR n 
3 107 TYR n 
3 108 ALA n 
3 109 HIS n 
3 110 TRP n 
3 111 SER n 
3 112 GLY n 
3 113 SER n 
3 114 ILE n 
3 115 LYS n 
3 116 LEU n 
3 117 THR n 
3 118 PHE n 
3 119 VAL n 
3 120 PHE n 
3 121 CYS n 
3 122 GLY n 
3 123 SER n 
3 124 ALA n 
3 125 MET n 
3 126 ALA n 
3 127 THR n 
3 128 GLY n 
3 129 LYS n 
3 130 PHE n 
3 131 LEU n 
3 132 LEU n 
3 133 ALA n 
3 134 TYR n 
3 135 ALA n 
3 136 PRO n 
3 137 PRO n 
3 138 GLY n 
3 139 ALA n 
3 140 ASN n 
3 141 ALA n 
3 142 PRO n 
3 143 LYS n 
3 144 SER n 
3 145 ARG n 
3 146 LYS n 
3 147 ASP n 
3 148 ALA n 
3 149 MET n 
3 150 LEU n 
3 151 GLY n 
3 152 THR n 
3 153 HIS n 
3 154 ILE n 
3 155 ILE n 
3 156 TRP n 
3 157 ASP n 
3 158 VAL n 
3 159 GLY n 
3 160 LEU n 
3 161 GLN n 
3 162 SER n 
3 163 SER n 
3 164 CYS n 
3 165 VAL n 
3 166 LEU n 
3 167 CYS n 
3 168 ILE n 
3 169 PRO n 
3 170 TRP n 
3 171 ILE n 
3 172 SER n 
3 173 GLN n 
3 174 THR n 
3 175 HIS n 
3 176 TYR n 
3 177 ARG n 
3 178 LEU n 
3 179 VAL n 
3 180 GLN n 
3 181 GLN n 
3 182 ASP n 
3 183 GLU n 
3 184 TYR n 
3 185 THR n 
3 186 SER n 
3 187 ALA n 
3 188 GLY n 
3 189 ASN n 
3 190 VAL n 
3 191 THR n 
3 192 CYS n 
3 193 TRP n 
3 194 TYR n 
3 195 GLN n 
3 196 THR n 
3 197 GLY n 
3 198 ILE n 
3 199 VAL n 
3 200 VAL n 
3 201 PRO n 
3 202 ALA n 
3 203 GLY n 
3 204 THR n 
3 205 PRO n 
3 206 THR n 
3 207 SER n 
3 208 CYS n 
3 209 SER n 
3 210 ILE n 
3 211 MET n 
3 212 CYS n 
3 213 PHE n 
3 214 VAL n 
3 215 SER n 
3 216 ALA n 
3 217 CYS n 
3 218 ASN n 
3 219 ASP n 
3 220 PHE n 
3 221 SER n 
3 222 VAL n 
3 223 ARG n 
3 224 LEU n 
3 225 LEU n 
3 226 LYS n 
3 227 ASP n 
3 228 THR n 
3 229 PRO n 
3 230 PHE n 
3 231 ILE n 
3 232 GLN n 
3 233 GLN n 
3 234 ALA n 
3 235 ALA n 
3 236 LEU n 
3 237 LEU n 
3 238 GLN n 
4 1   GLY n 
4 2   ALA n 
4 3   GLN n 
4 4   VAL n 
4 5   SER n 
4 6   THR n 
4 7   GLN n 
4 8   LYS n 
4 9   THR n 
4 10  GLY n 
4 11  ALA n 
4 12  HIS n 
4 13  GLU n 
4 14  SER n 
4 15  ILE n 
4 16  ILE n 
4 17  HIS n 
4 18  TYR n 
4 19  THR n 
4 20  ASN n 
4 21  ILE n 
4 22  ASN n 
4 23  TYR n 
4 24  TYR n 
4 25  LYS n 
4 26  ASP n 
4 27  ALA n 
4 28  ALA n 
4 29  SER n 
4 30  ASN n 
4 31  SER n 
4 32  ALA n 
4 33  ASN n 
4 34  ARG n 
4 35  GLN n 
4 36  ASP n 
4 37  PHE n 
4 38  THR n 
4 39  GLN n 
4 40  ASP n 
4 41  PRO n 
4 42  GLY n 
4 43  LYS n 
4 44  PHE n 
4 45  THR n 
4 46  GLU n 
4 47  PRO n 
4 48  VAL n 
4 49  LYS n 
4 50  ASP n 
4 51  ILE n 
4 52  MET n 
4 53  VAL n 
4 54  LYS n 
4 55  SER n 
4 56  LEU n 
4 57  PRO n 
4 58  ALA n 
4 59  LEU n 
4 60  ASN n 
5 1   GLN n 
5 2   ASP n 
5 3   CYS n 
5 4   GLY n 
5 5   LEU n 
5 6   PRO n 
5 7   PRO n 
5 8   ASP n 
5 9   VAL n 
5 10  PRO n 
5 11  ASN n 
5 12  ALA n 
5 13  GLN n 
5 14  PRO n 
5 15  ALA n 
5 16  LEU n 
5 17  GLU n 
5 18  GLY n 
5 19  ARG n 
5 20  THR n 
5 21  SER n 
5 22  PHE n 
5 23  PRO n 
5 24  GLU n 
5 25  ASP n 
5 26  THR n 
5 27  VAL n 
5 28  ILE n 
5 29  THR n 
5 30  TYR n 
5 31  LYS n 
5 32  CYS n 
5 33  GLU n 
5 34  GLU n 
5 35  SER n 
5 36  PHE n 
5 37  VAL n 
5 38  LYS n 
5 39  ILE n 
5 40  PRO n 
5 41  GLY n 
5 42  GLU n 
5 43  LYS n 
5 44  ASP n 
5 45  SER n 
5 46  VAL n 
5 47  ILE n 
5 48  CYS n 
5 49  LEU n 
5 50  LYS n 
5 51  GLY n 
5 52  SER n 
5 53  GLN n 
5 54  TRP n 
5 55  SER n 
5 56  ASP n 
5 57  ILE n 
5 58  GLU n 
5 59  GLU n 
5 60  PHE n 
5 61  CYS n 
5 62  ASN n 
5 63  ARG n 
5 64  SER n 
5 65  GLN n 
5 66  ASP n 
5 67  CYS n 
5 68  GLY n 
5 69  LEU n 
5 70  PRO n 
5 71  PRO n 
5 72  ASP n 
5 73  VAL n 
5 74  PRO n 
5 75  ASN n 
5 76  ALA n 
5 77  GLN n 
5 78  PRO n 
5 79  ALA n 
5 80  LEU n 
5 81  GLU n 
5 82  GLY n 
5 83  ARG n 
5 84  THR n 
5 85  SER n 
5 86  PHE n 
5 87  PRO n 
5 88  GLU n 
5 89  ASP n 
5 90  THR n 
5 91  VAL n 
5 92  ILE n 
5 93  THR n 
5 94  TYR n 
5 95  LYS n 
5 96  CYS n 
5 97  GLU n 
5 98  GLU n 
5 99  SER n 
5 100 PHE n 
5 101 VAL n 
5 102 LYS n 
5 103 ILE n 
5 104 PRO n 
5 105 GLY n 
5 106 GLU n 
5 107 LYS n 
5 108 ASP n 
5 109 SER n 
5 110 VAL n 
5 111 ILE n 
5 112 CYS n 
5 113 LEU n 
5 114 LYS n 
5 115 GLY n 
5 116 SER n 
5 117 GLN n 
5 118 TRP n 
5 119 SER n 
5 120 ASP n 
5 121 ILE n 
5 122 GLU n 
5 123 GLU n 
5 124 PHE n 
5 125 CYS n 
5 126 ASN n 
5 127 ARG n 
5 128 SER n 
5 129 CYS n 
5 130 GLU n 
5 131 VAL n 
5 132 PRO n 
5 133 THR n 
5 134 ARG n 
5 135 LEU n 
5 136 ASN n 
5 137 SER n 
5 138 ALA n 
5 139 SER n 
5 140 LEU n 
5 141 LYS n 
5 142 GLN n 
5 143 PRO n 
5 144 TYR n 
5 145 ILE n 
5 146 THR n 
5 147 GLN n 
5 148 ASN n 
5 149 TYR n 
5 150 PHE n 
5 151 PRO n 
5 152 VAL n 
5 153 GLY n 
5 154 THR n 
5 155 VAL n 
5 156 VAL n 
5 157 GLU n 
5 158 TYR n 
5 159 GLU n 
5 160 CYS n 
5 161 ARG n 
5 162 PRO n 
5 163 GLY n 
5 164 TYR n 
5 165 ARG n 
5 166 ARG n 
5 167 GLU n 
5 168 PRO n 
5 169 SER n 
5 170 LEU n 
5 171 SER n 
5 172 PRO n 
5 173 LYS n 
5 174 LEU n 
5 175 THR n 
5 176 CYS n 
5 177 LEU n 
5 178 GLN n 
5 179 ASN n 
5 180 LEU n 
5 181 LYS n 
5 182 TRP n 
5 183 SER n 
5 184 THR n 
5 185 ALA n 
5 186 VAL n 
5 187 GLU n 
5 188 PHE n 
5 189 CYS n 
5 190 LYS n 
5 191 LYS n 
5 192 LYS n 
5 193 SER n 
5 194 CYS n 
5 195 PRO n 
5 196 ASN n 
5 197 PRO n 
5 198 GLY n 
5 199 GLU n 
5 200 ILE n 
5 201 ARG n 
5 202 ASN n 
5 203 GLY n 
5 204 GLN n 
5 205 ILE n 
5 206 ASP n 
5 207 VAL n 
5 208 PRO n 
5 209 GLY n 
5 210 GLY n 
5 211 ILE n 
5 212 LEU n 
5 213 PHE n 
5 214 GLY n 
5 215 ALA n 
5 216 THR n 
5 217 ILE n 
5 218 SER n 
5 219 PHE n 
5 220 SER n 
5 221 CYS n 
5 222 ASN n 
5 223 THR n 
5 224 GLY n 
5 225 TYR n 
5 226 LYS n 
5 227 LEU n 
5 228 PHE n 
5 229 GLY n 
5 230 SER n 
5 231 THR n 
5 232 SER n 
5 233 SER n 
5 234 PHE n 
5 235 CYS n 
5 236 LEU n 
5 237 ILE n 
5 238 SER n 
5 239 GLY n 
5 240 SER n 
5 241 SER n 
5 242 VAL n 
5 243 GLN n 
5 244 TRP n 
5 245 SER n 
5 246 ASP n 
5 247 PRO n 
5 248 LEU n 
5 249 PRO n 
5 250 GLU n 
5 251 CYS n 
5 252 ARG n 
5 253 GLU n 
5 254 ILE n 
5 255 TYR n 
5 256 CYS n 
5 257 PRO n 
5 258 ALA n 
5 259 PRO n 
5 260 PRO n 
5 261 GLN n 
5 262 ILE n 
5 263 ASP n 
5 264 ASN n 
5 265 GLY n 
5 266 ILE n 
5 267 ILE n 
5 268 GLN n 
5 269 GLY n 
5 270 GLU n 
5 271 ARG n 
5 272 ASP n 
5 273 HIS n 
5 274 TYR n 
5 275 GLY n 
5 276 TYR n 
5 277 ARG n 
5 278 GLN n 
5 279 SER n 
5 280 VAL n 
5 281 THR n 
5 282 TYR n 
5 283 ALA n 
5 284 CYS n 
5 285 ASN n 
5 286 LYS n 
5 287 GLY n 
5 288 PHE n 
5 289 THR n 
5 290 MET n 
5 291 ILE n 
5 292 GLY n 
5 293 GLU n 
5 294 HIS n 
5 295 SER n 
5 296 ILE n 
5 297 TYR n 
5 298 CYS n 
5 299 THR n 
5 300 VAL n 
5 301 ASN n 
5 302 ASN n 
5 303 ASP n 
5 304 GLU n 
5 305 GLY n 
5 306 GLU n 
5 307 TRP n 
5 308 SER n 
5 309 GLY n 
5 310 PRO n 
5 311 PRO n 
5 312 PRO n 
5 313 GLU n 
5 314 CYS n 
5 315 ARG n 
5 316 GLY n 
# 
_entity_src_gen.entity_id                          5 
_entity_src_gen.pdbx_src_id                        1 
_entity_src_gen.pdbx_alt_source_flag               sample 
_entity_src_gen.pdbx_seq_type                      ? 
_entity_src_gen.pdbx_beg_seq_num                   ? 
_entity_src_gen.pdbx_end_seq_num                   ? 
_entity_src_gen.gene_src_common_name               HUMAN 
_entity_src_gen.gene_src_genus                     ? 
_entity_src_gen.pdbx_gene_src_gene                 ? 
_entity_src_gen.gene_src_species                   ? 
_entity_src_gen.gene_src_strain                    ? 
_entity_src_gen.gene_src_tissue                    ? 
_entity_src_gen.gene_src_tissue_fraction           ? 
_entity_src_gen.gene_src_details                   ? 
_entity_src_gen.pdbx_gene_src_fragment             ? 
_entity_src_gen.pdbx_gene_src_scientific_name      'HOMO SAPIENS' 
_entity_src_gen.pdbx_gene_src_ncbi_taxonomy_id     9606 
_entity_src_gen.pdbx_gene_src_variant              ? 
_entity_src_gen.pdbx_gene_src_cell_line            ? 
_entity_src_gen.pdbx_gene_src_atcc                 ? 
_entity_src_gen.pdbx_gene_src_organ                ? 
_entity_src_gen.pdbx_gene_src_organelle            ? 
_entity_src_gen.pdbx_gene_src_cell                 ? 
_entity_src_gen.pdbx_gene_src_cellular_location    ? 
_entity_src_gen.host_org_common_name               ? 
_entity_src_gen.pdbx_host_org_scientific_name      'ESCHERICHIA COLI' 
_entity_src_gen.pdbx_host_org_ncbi_taxonomy_id     562 
_entity_src_gen.host_org_genus                     ? 
_entity_src_gen.pdbx_host_org_gene                 ? 
_entity_src_gen.pdbx_host_org_organ                ? 
_entity_src_gen.host_org_species                   ? 
_entity_src_gen.pdbx_host_org_tissue               ? 
_entity_src_gen.pdbx_host_org_tissue_fraction      ? 
_entity_src_gen.pdbx_host_org_strain               ? 
_entity_src_gen.pdbx_host_org_variant              ? 
_entity_src_gen.pdbx_host_org_cell_line            ? 
_entity_src_gen.pdbx_host_org_atcc                 ? 
_entity_src_gen.pdbx_host_org_culture_collection   ? 
_entity_src_gen.pdbx_host_org_cell                 ? 
_entity_src_gen.pdbx_host_org_organelle            ? 
_entity_src_gen.pdbx_host_org_cellular_location    ? 
_entity_src_gen.pdbx_host_org_vector_type          ? 
_entity_src_gen.pdbx_host_org_vector               ? 
_entity_src_gen.host_org_details                   ? 
_entity_src_gen.expression_system_id               ? 
_entity_src_gen.plasmid_name                       ? 
_entity_src_gen.plasmid_details                    ? 
_entity_src_gen.pdbx_description                   ? 
# 
loop_
_entity_src_nat.entity_id 
_entity_src_nat.pdbx_src_id 
_entity_src_nat.pdbx_alt_source_flag 
_entity_src_nat.pdbx_beg_seq_num 
_entity_src_nat.pdbx_end_seq_num 
_entity_src_nat.common_name 
_entity_src_nat.pdbx_organism_scientific 
_entity_src_nat.pdbx_ncbi_taxonomy_id 
_entity_src_nat.genus 
_entity_src_nat.species 
_entity_src_nat.strain 
_entity_src_nat.tissue 
_entity_src_nat.tissue_fraction 
_entity_src_nat.pdbx_secretion 
_entity_src_nat.pdbx_fragment 
_entity_src_nat.pdbx_variant 
_entity_src_nat.pdbx_cell_line 
_entity_src_nat.pdbx_atcc 
_entity_src_nat.pdbx_cellular_location 
_entity_src_nat.pdbx_organ 
_entity_src_nat.pdbx_organelle 
_entity_src_nat.pdbx_cell 
_entity_src_nat.pdbx_plasmid_name 
_entity_src_nat.pdbx_plasmid_details 
_entity_src_nat.details 
1 1 sample ? ? ? 'HUMAN ECHOVIRUS 11' 12078 ? ? GREGORY ? ? ? ? ? ? ? ? ? ? ? ? ? ? 
2 1 sample ? ? ? 'HUMAN ECHOVIRUS 11' 12078 ? ? GREGORY ? ? ? ? ? ? ? ? ? ? ? ? ? ? 
3 1 sample ? ? ? 'HUMAN ECHOVIRUS 11' 12078 ? ? GREGORY ? ? ? ? ? ? ? ? ? ? ? ? ? ? 
4 1 sample ? ? ? 'HUMAN ECHOVIRUS 11' 12078 ? ? GREGORY ? ? ? ? ? ? ? ? ? ? ? ? ? ? 
# 
loop_
_chem_comp.id 
_chem_comp.type 
_chem_comp.mon_nstd_flag 
_chem_comp.name 
_chem_comp.pdbx_synonyms 
_chem_comp.formula 
_chem_comp.formula_weight 
ALA 'L-peptide linking' y ALANINE         ? 'C3 H7 N O2'     89.093  
ARG 'L-peptide linking' y ARGININE        ? 'C6 H15 N4 O2 1' 175.209 
ASN 'L-peptide linking' y ASPARAGINE      ? 'C4 H8 N2 O3'    132.118 
ASP 'L-peptide linking' y 'ASPARTIC ACID' ? 'C4 H7 N O4'     133.103 
CYS 'L-peptide linking' y CYSTEINE        ? 'C3 H7 N O2 S'   121.158 
GLN 'L-peptide linking' y GLUTAMINE       ? 'C5 H10 N2 O3'   146.144 
GLU 'L-peptide linking' y 'GLUTAMIC ACID' ? 'C5 H9 N O4'     147.129 
GLY 'peptide linking'   y GLYCINE         ? 'C2 H5 N O2'     75.067  
HIS 'L-peptide linking' y HISTIDINE       ? 'C6 H10 N3 O2 1' 156.162 
ILE 'L-peptide linking' y ISOLEUCINE      ? 'C6 H13 N O2'    131.173 
LEU 'L-peptide linking' y LEUCINE         ? 'C6 H13 N O2'    131.173 
LYS 'L-peptide linking' y LYSINE          ? 'C6 H15 N2 O2 1' 147.195 
MET 'L-peptide linking' y METHIONINE      ? 'C5 H11 N O2 S'  149.211 
PHE 'L-peptide linking' y PHENYLALANINE   ? 'C9 H11 N O2'    165.189 
PRO 'L-peptide linking' y PROLINE         ? 'C5 H9 N O2'     115.130 
SER 'L-peptide linking' y SERINE          ? 'C3 H7 N O3'     105.093 
THR 'L-peptide linking' y THREONINE       ? 'C4 H9 N O3'     119.119 
TRP 'L-peptide linking' y TRYPTOPHAN      ? 'C11 H12 N2 O2'  204.225 
TYR 'L-peptide linking' y TYROSINE        ? 'C9 H11 N O3'    181.189 
VAL 'L-peptide linking' y VALINE          ? 'C5 H11 N O2'    117.146 
# 
loop_
_pdbx_poly_seq_scheme.asym_id 
_pdbx_poly_seq_scheme.entity_id 
_pdbx_poly_seq_scheme.seq_id 
_pdbx_poly_seq_scheme.mon_id 
_pdbx_poly_seq_scheme.ndb_seq_num 
_pdbx_poly_seq_scheme.pdb_seq_num 
_pdbx_poly_seq_scheme.auth_seq_num 
_pdbx_poly_seq_scheme.pdb_mon_id 
_pdbx_poly_seq_scheme.auth_mon_id 
_pdbx_poly_seq_scheme.pdb_strand_id 
_pdbx_poly_seq_scheme.pdb_ins_code 
_pdbx_poly_seq_scheme.hetero 
A 1 1   GLY 1   1   1   GLY GLY A . n 
A 1 2   ASP 2   2   2   ASP ASP A . n 
A 1 3   VAL 3   3   3   VAL VAL A . n 
A 1 4   VAL 4   4   4   VAL VAL A . n 
A 1 5   GLU 5   5   5   GLU GLU A . n 
A 1 6   ALA 6   6   6   ALA ALA A . n 
A 1 7   VAL 7   7   7   VAL VAL A . n 
A 1 8   GLU 8   8   8   GLU GLU A . n 
A 1 9   ASN 9   9   9   ASN ASN A . n 
A 1 10  ALA 10  10  10  ALA ALA A . n 
A 1 11  VAL 11  11  11  VAL VAL A . n 
A 1 12  ALA 12  12  12  ALA ALA A . n 
A 1 13  ARG 13  13  13  ARG ARG A . n 
A 1 14  VAL 14  14  14  VAL VAL A . n 
A 1 15  ALA 15  15  15  ALA ALA A . n 
A 1 16  ASP 16  16  16  ASP ASP A . n 
A 1 17  THR 17  17  17  THR THR A . n 
A 1 18  ILE 18  18  18  ILE ILE A . n 
A 1 19  GLY 19  19  19  GLY GLY A . n 
A 1 20  SER 20  20  20  SER SER A . n 
A 1 21  GLY 21  21  21  GLY GLY A . n 
A 1 22  PRO 22  22  22  PRO PRO A . n 
A 1 23  SER 23  23  23  SER SER A . n 
A 1 24  ASN 24  24  24  ASN ASN A . n 
A 1 25  SER 25  25  25  SER SER A . n 
A 1 26  GLN 26  26  26  GLN GLN A . n 
A 1 27  ALA 27  27  27  ALA ALA A . n 
A 1 28  VAL 28  28  28  VAL VAL A . n 
A 1 29  PRO 29  29  29  PRO PRO A . n 
A 1 30  ALA 30  30  30  ALA ALA A . n 
A 1 31  LEU 31  31  31  LEU LEU A . n 
A 1 32  THR 32  32  32  THR THR A . n 
A 1 33  ALA 33  33  33  ALA ALA A . n 
A 1 34  VAL 34  34  34  VAL VAL A . n 
A 1 35  GLU 35  35  35  GLU GLU A . n 
A 1 36  THR 36  36  36  THR THR A . n 
A 1 37  GLY 37  37  37  GLY GLY A . n 
A 1 38  HIS 38  38  38  HIS HIS A . n 
A 1 39  THR 39  39  39  THR THR A . n 
A 1 40  SER 40  40  40  SER SER A . n 
A 1 41  GLN 41  41  41  GLN GLN A . n 
A 1 42  VAL 42  42  42  VAL VAL A . n 
A 1 43  THR 43  43  43  THR THR A . n 
A 1 44  PRO 44  44  44  PRO PRO A . n 
A 1 45  SER 45  45  45  SER SER A . n 
A 1 46  ASP 46  46  46  ASP ASP A . n 
A 1 47  THR 47  47  47  THR THR A . n 
A 1 48  VAL 48  48  48  VAL VAL A . n 
A 1 49  GLN 49  49  49  GLN GLN A . n 
A 1 50  THR 50  50  50  THR THR A . n 
A 1 51  ARG 51  51  51  ARG ARG A . n 
A 1 52  HIS 52  52  52  HIS HIS A . n 
A 1 53  VAL 53  53  53  VAL VAL A . n 
A 1 54  LYS 54  54  54  LYS LYS A . n 
A 1 55  ASN 55  55  55  ASN ASN A . n 
A 1 56  TYR 56  56  56  TYR TYR A . n 
A 1 57  HIS 57  57  57  HIS HIS A . n 
A 1 58  SER 58  58  58  SER SER A . n 
A 1 59  ARG 59  59  59  ARG ARG A . n 
A 1 60  SER 60  60  60  SER SER A . n 
A 1 61  GLU 61  61  61  GLU GLU A . n 
A 1 62  SER 62  62  62  SER SER A . n 
A 1 63  SER 63  63  63  SER SER A . n 
A 1 64  ILE 64  64  64  ILE ILE A . n 
A 1 65  GLU 65  65  65  GLU GLU A . n 
A 1 66  ASN 66  66  66  ASN ASN A . n 
A 1 67  PHE 67  67  67  PHE PHE A . n 
A 1 68  LEU 68  68  68  LEU LEU A . n 
A 1 69  SER 69  69  69  SER SER A . n 
A 1 70  ARG 70  70  70  ARG ARG A . n 
A 1 71  SER 71  71  71  SER SER A . n 
A 1 72  ALA 72  72  72  ALA ALA A . n 
A 1 73  CYS 73  73  73  CYS CYS A . n 
A 1 74  VAL 74  74  74  VAL VAL A . n 
A 1 75  TYR 75  75  75  TYR TYR A . n 
A 1 76  MET 76  76  76  MET MET A . n 
A 1 77  GLY 77  77  77  GLY GLY A . n 
A 1 78  GLU 78  78  78  GLU GLU A . n 
A 1 79  TYR 79  79  79  TYR TYR A . n 
A 1 80  HIS 80  80  80  HIS HIS A . n 
A 1 81  THR 81  81  81  THR THR A . n 
A 1 82  THR 82  82  82  THR THR A . n 
A 1 83  ASN 83  83  83  ASN ASN A . n 
A 1 84  SER 84  84  84  SER SER A . n 
A 1 85  ASP 85  85  85  ASP ASP A . n 
A 1 86  GLN 86  86  86  GLN GLN A . n 
A 1 87  THR 87  87  87  THR THR A . n 
A 1 88  LYS 88  88  88  LYS LYS A . n 
A 1 89  LEU 89  89  89  LEU LEU A . n 
A 1 90  PHE 90  90  90  PHE PHE A . n 
A 1 91  ALA 91  91  91  ALA ALA A . n 
A 1 92  SER 92  92  92  SER SER A . n 
A 1 93  TRP 93  93  93  TRP TRP A . n 
A 1 94  THR 94  94  94  THR THR A . n 
A 1 95  ILE 95  95  95  ILE ILE A . n 
A 1 96  SER 96  96  96  SER SER A . n 
A 1 97  ALA 97  97  97  ALA ALA A . n 
A 1 98  ARG 98  98  98  ARG ARG A . n 
A 1 99  ARG 99  99  99  ARG ARG A . n 
A 1 100 MET 100 100 100 MET MET A . n 
A 1 101 VAL 101 101 101 VAL VAL A . n 
A 1 102 GLN 102 102 102 GLN GLN A . n 
A 1 103 MET 103 103 103 MET MET A . n 
A 1 104 ARG 104 104 104 ARG ARG A . n 
A 1 105 ARG 105 105 105 ARG ARG A . n 
A 1 106 LYS 106 106 106 LYS LYS A . n 
A 1 107 LEU 107 107 107 LEU LEU A . n 
A 1 108 GLU 108 108 108 GLU GLU A . n 
A 1 109 ILE 109 109 109 ILE ILE A . n 
A 1 110 PHE 110 110 110 PHE PHE A . n 
A 1 111 THR 111 111 111 THR THR A . n 
A 1 112 TYR 112 112 112 TYR TYR A . n 
A 1 113 VAL 113 113 113 VAL VAL A . n 
A 1 114 ARG 114 114 114 ARG ARG A . n 
A 1 115 PHE 115 115 115 PHE PHE A . n 
A 1 116 ASP 116 116 116 ASP ASP A . n 
A 1 117 VAL 117 117 117 VAL VAL A . n 
A 1 118 GLU 118 118 118 GLU GLU A . n 
A 1 119 VAL 119 119 119 VAL VAL A . n 
A 1 120 THR 120 120 120 THR THR A . n 
A 1 121 PHE 121 121 121 PHE PHE A . n 
A 1 122 VAL 122 122 122 VAL VAL A . n 
A 1 123 ILE 123 123 123 ILE ILE A . n 
A 1 124 THR 124 124 124 THR THR A . n 
A 1 125 SER 125 125 125 SER SER A . n 
A 1 126 LYS 126 126 126 LYS LYS A . n 
A 1 127 GLN 127 127 127 GLN GLN A . n 
A 1 128 ASP 128 128 128 ASP ASP A . n 
A 1 129 GLN 129 129 129 GLN GLN A . n 
A 1 130 GLY 130 130 130 GLY GLY A . n 
A 1 131 THR 131 131 131 THR THR A . n 
A 1 132 GLN 132 132 132 GLN GLN A . n 
A 1 133 LEU 133 133 133 LEU LEU A . n 
A 1 134 GLY 134 134 134 GLY GLY A . n 
A 1 135 GLN 135 135 135 GLN GLN A . n 
A 1 136 ASP 136 136 136 ASP ASP A . n 
A 1 137 MET 137 137 137 MET MET A . n 
A 1 138 PRO 138 138 138 PRO PRO A . n 
A 1 139 PRO 139 139 139 PRO PRO A . n 
A 1 140 LEU 140 140 140 LEU LEU A . n 
A 1 141 THR 141 141 141 THR THR A . n 
A 1 142 HIS 142 142 142 HIS HIS A . n 
A 1 143 GLN 143 143 143 GLN GLN A . n 
A 1 144 ILE 144 144 144 ILE ILE A . n 
A 1 145 MET 145 145 145 MET MET A . n 
A 1 146 TYR 146 146 146 TYR TYR A . n 
A 1 147 ILE 147 147 147 ILE ILE A . n 
A 1 148 PRO 148 148 148 PRO PRO A . n 
A 1 149 PRO 149 149 149 PRO PRO A . n 
A 1 150 GLY 150 150 150 GLY GLY A . n 
A 1 151 GLY 151 151 151 GLY GLY A . n 
A 1 152 PRO 152 152 152 PRO PRO A . n 
A 1 153 ILE 153 153 153 ILE ILE A . n 
A 1 154 PRO 154 154 154 PRO PRO A . n 
A 1 155 LYS 155 155 155 LYS LYS A . n 
A 1 156 SER 156 156 156 SER SER A . n 
A 1 157 VAL 157 157 157 VAL VAL A . n 
A 1 158 THR 158 158 158 THR THR A . n 
A 1 159 ASP 159 159 159 ASP ASP A . n 
A 1 160 TYR 160 160 160 TYR TYR A . n 
A 1 161 THR 161 161 161 THR THR A . n 
A 1 162 TRP 162 162 162 TRP TRP A . n 
A 1 163 GLN 163 163 163 GLN GLN A . n 
A 1 164 THR 164 164 164 THR THR A . n 
A 1 165 SER 165 165 165 SER SER A . n 
A 1 166 THR 166 166 166 THR THR A . n 
A 1 167 ASN 167 167 167 ASN ASN A . n 
A 1 168 PRO 168 168 168 PRO PRO A . n 
A 1 169 SER 169 169 169 SER SER A . n 
A 1 170 ILE 170 170 170 ILE ILE A . n 
A 1 171 PHE 171 171 171 PHE PHE A . n 
A 1 172 TRP 172 172 172 TRP TRP A . n 
A 1 173 THR 173 173 173 THR THR A . n 
A 1 174 GLU 174 174 174 GLU GLU A . n 
A 1 175 GLY 175 175 175 GLY GLY A . n 
A 1 176 ASN 176 176 176 ASN ASN A . n 
A 1 177 ALA 177 177 177 ALA ALA A . n 
A 1 178 PRO 178 178 178 PRO PRO A . n 
A 1 179 PRO 179 179 179 PRO PRO A . n 
A 1 180 ARG 180 180 180 ARG ARG A . n 
A 1 181 MET 181 181 181 MET MET A . n 
A 1 182 SER 182 182 182 SER SER A . n 
A 1 183 ILE 183 183 183 ILE ILE A . n 
A 1 184 PRO 184 184 184 PRO PRO A . n 
A 1 185 PHE 185 185 185 PHE PHE A . n 
A 1 186 ILE 186 186 186 ILE ILE A . n 
A 1 187 SER 187 187 187 SER SER A . n 
A 1 188 ILE 188 188 188 ILE ILE A . n 
A 1 189 GLY 189 189 189 GLY GLY A . n 
A 1 190 ASN 190 190 190 ASN ASN A . n 
A 1 191 ALA 191 191 191 ALA ALA A . n 
A 1 192 TYR 192 192 192 TYR TYR A . n 
A 1 193 SER 193 193 193 SER SER A . n 
A 1 194 ASN 194 194 194 ASN ASN A . n 
A 1 195 PHE 195 195 195 PHE PHE A . n 
A 1 196 TYR 196 196 196 TYR TYR A . n 
A 1 197 ASP 197 197 197 ASP ASP A . n 
A 1 198 GLY 198 198 198 GLY GLY A . n 
A 1 199 TRP 199 199 199 TRP TRP A . n 
A 1 200 SER 200 200 200 SER SER A . n 
A 1 201 HIS 201 201 201 HIS HIS A . n 
A 1 202 PHE 202 202 202 PHE PHE A . n 
A 1 203 SER 203 203 203 SER SER A . n 
A 1 204 GLN 204 204 204 GLN GLN A . n 
A 1 205 ASN 205 205 205 ASN ASN A . n 
A 1 206 GLY 206 206 206 GLY GLY A . n 
A 1 207 VAL 207 207 207 VAL VAL A . n 
A 1 208 TYR 208 208 208 TYR TYR A . n 
A 1 209 GLY 209 209 209 GLY GLY A . n 
A 1 210 TYR 210 210 210 TYR TYR A . n 
A 1 211 ASN 211 211 211 ASN ASN A . n 
A 1 212 THR 212 212 212 THR THR A . n 
A 1 213 LEU 213 213 213 LEU LEU A . n 
A 1 214 ASN 214 214 214 ASN ASN A . n 
A 1 215 HIS 215 215 215 HIS HIS A . n 
A 1 216 MET 216 216 216 MET MET A . n 
A 1 217 GLY 217 217 217 GLY GLY A . n 
A 1 218 GLN 218 218 218 GLN GLN A . n 
A 1 219 ILE 219 219 219 ILE ILE A . n 
A 1 220 TYR 220 220 220 TYR TYR A . n 
A 1 221 VAL 221 221 221 VAL VAL A . n 
A 1 222 ARG 222 222 222 ARG ARG A . n 
A 1 223 HIS 223 223 223 HIS HIS A . n 
A 1 224 VAL 224 224 224 VAL VAL A . n 
A 1 225 ASN 225 225 225 ASN ASN A . n 
A 1 226 GLY 226 226 226 GLY GLY A . n 
A 1 227 SER 227 227 227 SER SER A . n 
A 1 228 SER 228 228 228 SER SER A . n 
A 1 229 PRO 229 229 229 PRO PRO A . n 
A 1 230 LEU 230 230 230 LEU LEU A . n 
A 1 231 PRO 231 231 231 PRO PRO A . n 
A 1 232 MET 232 232 232 MET MET A . n 
A 1 233 THR 233 233 233 THR THR A . n 
A 1 234 SER 234 234 234 SER SER A . n 
A 1 235 THR 235 235 235 THR THR A . n 
A 1 236 VAL 236 236 236 VAL VAL A . n 
A 1 237 ARG 237 237 237 ARG ARG A . n 
A 1 238 MET 238 238 238 MET MET A . n 
A 1 239 TYR 239 239 239 TYR TYR A . n 
A 1 240 PHE 240 240 240 PHE PHE A . n 
A 1 241 LYS 241 241 241 LYS LYS A . n 
A 1 242 PRO 242 242 242 PRO PRO A . n 
A 1 243 LYS 243 243 243 LYS LYS A . n 
A 1 244 HIS 244 244 244 HIS HIS A . n 
A 1 245 VAL 245 245 245 VAL VAL A . n 
A 1 246 LYS 246 246 246 LYS LYS A . n 
A 1 247 ALA 247 247 247 ALA ALA A . n 
A 1 248 TRP 248 248 248 TRP TRP A . n 
A 1 249 VAL 249 249 249 VAL VAL A . n 
A 1 250 PRO 250 250 250 PRO PRO A . n 
A 1 251 ARG 251 251 251 ARG ARG A . n 
A 1 252 PRO 252 252 252 PRO PRO A . n 
A 1 253 PRO 253 253 253 PRO PRO A . n 
A 1 254 ARG 254 254 254 ARG ARG A . n 
A 1 255 LEU 255 255 255 LEU LEU A . n 
A 1 256 CYS 256 256 256 CYS CYS A . n 
A 1 257 GLN 257 257 257 GLN GLN A . n 
A 1 258 TYR 258 258 258 TYR TYR A . n 
A 1 259 LYS 259 259 259 LYS LYS A . n 
A 1 260 ASN 260 260 260 ASN ASN A . n 
A 1 261 ALA 261 261 261 ALA ALA A . n 
A 1 262 SER 262 262 262 SER SER A . n 
A 1 263 THR 263 263 263 THR THR A . n 
A 1 264 VAL 264 264 264 VAL VAL A . n 
A 1 265 ASN 265 265 265 ASN ASN A . n 
A 1 266 PHE 266 266 266 PHE PHE A . n 
A 1 267 SER 267 267 267 SER SER A . n 
A 1 268 PRO 268 268 268 PRO PRO A . n 
A 1 269 THR 269 269 269 THR THR A . n 
A 1 270 ASP 270 270 270 ASP ASP A . n 
A 1 271 ILE 271 271 271 ILE ILE A . n 
A 1 272 THR 272 272 272 THR THR A . n 
A 1 273 ASP 273 273 273 ASP ASP A . n 
A 1 274 LYS 274 274 274 LYS LYS A . n 
A 1 275 ARG 275 275 275 ARG ARG A . n 
A 1 276 ASN 276 276 276 ASN ASN A . n 
A 1 277 SER 277 277 277 SER SER A . n 
A 1 278 ILE 278 278 278 ILE ILE A . n 
A 1 279 THR 279 279 279 THR THR A . n 
A 1 280 TYR 280 280 280 TYR TYR A . n 
A 1 281 ILE 281 281 281 ILE ILE A . n 
A 1 282 PRO 282 282 282 PRO PRO A . n 
A 1 283 ASP 283 283 283 ASP ASP A . n 
A 1 284 THR 284 284 284 THR THR A . n 
A 1 285 VAL 285 285 285 VAL VAL A . n 
A 1 286 LYS 286 286 286 LYS LYS A . n 
A 1 287 PRO 287 287 287 PRO PRO A . n 
A 1 288 ASP 288 288 288 ASP ASP A . n 
A 1 289 VAL 289 289 289 VAL VAL A . n 
B 2 1   SER 1   10  10  SER SER B . n 
B 2 2   ASP 2   11  11  ASP ASP B . n 
B 2 3   ARG 3   12  12  ARG ARG B . n 
B 2 4   VAL 4   13  13  VAL VAL B . n 
B 2 5   ARG 5   14  14  ARG ARG B . n 
B 2 6   SER 6   15  15  SER SER B . n 
B 2 7   ILE 7   16  16  ILE ILE B . n 
B 2 8   THR 8   17  17  THR THR B . n 
B 2 9   LEU 9   18  18  LEU LEU B . n 
B 2 10  GLY 10  19  19  GLY GLY B . n 
B 2 11  ASN 11  20  20  ASN ASN B . n 
B 2 12  SER 12  21  21  SER SER B . n 
B 2 13  THR 13  22  22  THR THR B . n 
B 2 14  ILE 14  23  23  ILE ILE B . n 
B 2 15  THR 15  24  24  THR THR B . n 
B 2 16  THR 16  25  25  THR THR B . n 
B 2 17  GLN 17  26  26  GLN GLN B . n 
B 2 18  GLU 18  27  27  GLU GLU B . n 
B 2 19  SER 19  28  28  SER SER B . n 
B 2 20  ALA 20  29  29  ALA ALA B . n 
B 2 21  ASN 21  30  30  ASN ASN B . n 
B 2 22  VAL 22  31  31  VAL VAL B . n 
B 2 23  VAL 23  32  32  VAL VAL B . n 
B 2 24  VAL 24  33  33  VAL VAL B . n 
B 2 25  GLY 25  34  34  GLY GLY B . n 
B 2 26  TYR 26  35  35  TYR TYR B . n 
B 2 27  GLY 27  36  36  GLY GLY B . n 
B 2 28  ARG 28  37  37  ARG ARG B . n 
B 2 29  TRP 29  38  38  TRP TRP B . n 
B 2 30  PRO 30  39  39  PRO PRO B . n 
B 2 31  GLU 31  40  40  GLU GLU B . n 
B 2 32  TYR 32  41  41  TYR TYR B . n 
B 2 33  LEU 33  42  42  LEU LEU B . n 
B 2 34  ARG 34  43  43  ARG ARG B . n 
B 2 35  ASP 35  44  44  ASP ASP B . n 
B 2 36  ASP 36  45  45  ASP ASP B . n 
B 2 37  GLU 37  46  46  GLU GLU B . n 
B 2 38  ALA 38  47  47  ALA ALA B . n 
B 2 39  THR 39  48  48  THR THR B . n 
B 2 40  ALA 40  49  49  ALA ALA B . n 
B 2 41  GLU 41  50  50  GLU GLU B . n 
B 2 42  ASP 42  51  51  ASP ASP B . n 
B 2 43  GLN 43  52  52  GLN GLN B . n 
B 2 44  PRO 44  53  53  PRO PRO B . n 
B 2 45  THR 45  54  54  THR THR B . n 
B 2 46  GLN 46  55  55  GLN GLN B . n 
B 2 47  PRO 47  56  56  PRO PRO B . n 
B 2 48  ASP 48  57  57  ASP ASP B . n 
B 2 49  VAL 49  58  58  VAL VAL B . n 
B 2 50  ALA 50  59  59  ALA ALA B . n 
B 2 51  THR 51  60  60  THR THR B . n 
B 2 52  CYS 52  61  61  CYS CYS B . n 
B 2 53  ARG 53  62  62  ARG ARG B . n 
B 2 54  PHE 54  63  63  PHE PHE B . n 
B 2 55  TYR 55  64  64  TYR TYR B . n 
B 2 56  THR 56  65  65  THR THR B . n 
B 2 57  LEU 57  66  66  LEU LEU B . n 
B 2 58  GLU 58  67  67  GLU GLU B . n 
B 2 59  SER 59  68  68  SER SER B . n 
B 2 60  VAL 60  69  69  VAL VAL B . n 
B 2 61  THR 61  70  70  THR THR B . n 
B 2 62  TRP 62  71  71  TRP TRP B . n 
B 2 63  GLU 63  72  72  GLU GLU B . n 
B 2 64  LYS 64  73  73  LYS LYS B . n 
B 2 65  ASP 65  74  74  ASP ASP B . n 
B 2 66  SER 66  75  75  SER SER B . n 
B 2 67  PRO 67  76  76  PRO PRO B . n 
B 2 68  GLY 68  77  77  GLY GLY B . n 
B 2 69  TRP 69  78  78  TRP TRP B . n 
B 2 70  TRP 70  79  79  TRP TRP B . n 
B 2 71  TRP 71  80  80  TRP TRP B . n 
B 2 72  LYS 72  81  81  LYS LYS B . n 
B 2 73  PHE 73  82  82  PHE PHE B . n 
B 2 74  PRO 74  83  83  PRO PRO B . n 
B 2 75  ASP 75  84  84  ASP ASP B . n 
B 2 76  ALA 76  85  85  ALA ALA B . n 
B 2 77  LEU 77  86  86  LEU LEU B . n 
B 2 78  LYS 78  87  87  LYS LYS B . n 
B 2 79  ASP 79  88  88  ASP ASP B . n 
B 2 80  MET 80  89  89  MET MET B . n 
B 2 81  GLY 81  90  90  GLY GLY B . n 
B 2 82  LEU 82  91  91  LEU LEU B . n 
B 2 83  PHE 83  92  92  PHE PHE B . n 
B 2 84  GLY 84  93  93  GLY GLY B . n 
B 2 85  GLN 85  94  94  GLN GLN B . n 
B 2 86  ASN 86  95  95  ASN ASN B . n 
B 2 87  MET 87  96  96  MET MET B . n 
B 2 88  TYR 88  97  97  TYR TYR B . n 
B 2 89  TYR 89  98  98  TYR TYR B . n 
B 2 90  HIS 90  99  99  HIS HIS B . n 
B 2 91  TYR 91  100 100 TYR TYR B . n 
B 2 92  LEU 92  101 101 LEU LEU B . n 
B 2 93  GLY 93  102 102 GLY GLY B . n 
B 2 94  ARG 94  103 103 ARG ARG B . n 
B 2 95  ALA 95  104 104 ALA ALA B . n 
B 2 96  GLY 96  105 105 GLY GLY B . n 
B 2 97  TYR 97  106 106 TYR TYR B . n 
B 2 98  THR 98  107 107 THR THR B . n 
B 2 99  ILE 99  108 108 ILE ILE B . n 
B 2 100 HIS 100 109 109 HIS HIS B . n 
B 2 101 VAL 101 110 110 VAL VAL B . n 
B 2 102 GLN 102 111 111 GLN GLN B . n 
B 2 103 CYS 103 112 112 CYS CYS B . n 
B 2 104 ASN 104 113 113 ASN ASN B . n 
B 2 105 ALA 105 114 114 ALA ALA B . n 
B 2 106 SER 106 115 115 SER SER B . n 
B 2 107 LYS 107 116 116 LYS LYS B . n 
B 2 108 PHE 108 117 117 PHE PHE B . n 
B 2 109 HIS 109 118 118 HIS HIS B . n 
B 2 110 GLN 110 119 119 GLN GLN B . n 
B 2 111 GLY 111 120 120 GLY GLY B . n 
B 2 112 CYS 112 121 121 CYS CYS B . n 
B 2 113 LEU 113 122 122 LEU LEU B . n 
B 2 114 LEU 114 123 123 LEU LEU B . n 
B 2 115 VAL 115 124 124 VAL VAL B . n 
B 2 116 VAL 116 125 125 VAL VAL B . n 
B 2 117 CYS 117 126 126 CYS CYS B . n 
B 2 118 VAL 118 127 127 VAL VAL B . n 
B 2 119 PRO 119 128 128 PRO PRO B . n 
B 2 120 GLU 120 129 129 GLU GLU B . n 
B 2 121 ALA 121 130 130 ALA ALA B . n 
B 2 122 GLU 122 131 131 GLU GLU B . n 
B 2 123 MET 123 132 132 MET MET B . n 
B 2 124 GLY 124 133 133 GLY GLY B . n 
B 2 125 CYS 125 134 134 CYS CYS B . n 
B 2 126 SER 126 135 135 SER SER B . n 
B 2 127 THR 127 136 136 THR THR B . n 
B 2 128 VAL 128 137 137 VAL VAL B . n 
B 2 129 ASP 129 138 138 ASP ASP B . n 
B 2 130 GLY 130 139 139 GLY GLY B . n 
B 2 131 THR 131 140 140 THR THR B . n 
B 2 132 VAL 132 141 141 VAL VAL B . n 
B 2 133 ASN 133 142 142 ASN ASN B . n 
B 2 134 GLU 134 143 143 GLU GLU B . n 
B 2 135 HIS 135 144 144 HIS HIS B . n 
B 2 136 GLY 136 145 145 GLY GLY B . n 
B 2 137 LEU 137 146 146 LEU LEU B . n 
B 2 138 SER 138 147 147 SER SER B . n 
B 2 139 GLU 139 148 148 GLU GLU B . n 
B 2 140 GLY 140 149 149 GLY GLY B . n 
B 2 141 GLU 141 150 150 GLU GLU B . n 
B 2 142 THR 142 151 151 THR THR B . n 
B 2 143 ALA 143 152 152 ALA ALA B . n 
B 2 144 LYS 144 153 153 LYS LYS B . n 
B 2 145 LYS 145 154 154 LYS LYS B . n 
B 2 146 PHE 146 155 155 PHE PHE B . n 
B 2 147 SER 147 156 156 SER SER B . n 
B 2 148 ALA 148 157 157 ALA ALA B . n 
B 2 149 THR 149 158 158 THR THR B . n 
B 2 150 GLY 150 159 159 GLY GLY B . n 
B 2 151 THR 151 160 160 THR THR B . n 
B 2 152 ASN 152 161 161 ASN ASN B . n 
B 2 153 GLY 153 162 162 GLY GLY B . n 
B 2 154 THR 154 163 163 THR THR B . n 
B 2 155 ASN 155 164 164 ASN ASN B . n 
B 2 156 THR 156 165 165 THR THR B . n 
B 2 157 VAL 157 166 166 VAL VAL B . n 
B 2 158 GLN 158 167 167 GLN GLN B . n 
B 2 159 SER 159 168 168 SER SER B . n 
B 2 160 ILE 160 169 169 ILE ILE B . n 
B 2 161 VAL 161 170 170 VAL VAL B . n 
B 2 162 THR 162 171 171 THR THR B . n 
B 2 163 ASN 163 172 172 ASN ASN B . n 
B 2 164 ALA 164 173 173 ALA ALA B . n 
B 2 165 GLY 165 174 174 GLY GLY B . n 
B 2 166 MET 166 175 175 MET MET B . n 
B 2 167 GLY 167 176 176 GLY GLY B . n 
B 2 168 VAL 168 177 177 VAL VAL B . n 
B 2 169 GLY 169 178 178 GLY GLY B . n 
B 2 170 VAL 170 179 179 VAL VAL B . n 
B 2 171 GLY 171 180 180 GLY GLY B . n 
B 2 172 ASN 172 181 181 ASN ASN B . n 
B 2 173 LEU 173 182 182 LEU LEU B . n 
B 2 174 THR 174 183 183 THR THR B . n 
B 2 175 ILE 175 184 184 ILE ILE B . n 
B 2 176 PHE 176 185 185 PHE PHE B . n 
B 2 177 PRO 177 186 186 PRO PRO B . n 
B 2 178 HIS 178 187 187 HIS HIS B . n 
B 2 179 GLN 179 188 188 GLN GLN B . n 
B 2 180 TRP 180 189 189 TRP TRP B . n 
B 2 181 ILE 181 190 190 ILE ILE B . n 
B 2 182 ASN 182 191 191 ASN ASN B . n 
B 2 183 LEU 183 192 192 LEU LEU B . n 
B 2 184 ARG 184 193 193 ARG ARG B . n 
B 2 185 THR 185 194 194 THR THR B . n 
B 2 186 ASN 186 195 195 ASN ASN B . n 
B 2 187 ASN 187 196 196 ASN ASN B . n 
B 2 188 CYS 188 197 197 CYS CYS B . n 
B 2 189 ALA 189 198 198 ALA ALA B . n 
B 2 190 THR 190 199 199 THR THR B . n 
B 2 191 ILE 191 200 200 ILE ILE B . n 
B 2 192 VAL 192 201 201 VAL VAL B . n 
B 2 193 MET 193 202 202 MET MET B . n 
B 2 194 PRO 194 203 203 PRO PRO B . n 
B 2 195 TYR 195 204 204 TYR TYR B . n 
B 2 196 ILE 196 205 205 ILE ILE B . n 
B 2 197 ASN 197 206 206 ASN ASN B . n 
B 2 198 ASN 198 207 207 ASN ASN B . n 
B 2 199 VAL 199 208 208 VAL VAL B . n 
B 2 200 PRO 200 209 209 PRO PRO B . n 
B 2 201 MET 201 210 210 MET MET B . n 
B 2 202 ASP 202 211 211 ASP ASP B . n 
B 2 203 ASN 203 212 212 ASN ASN B . n 
B 2 204 MET 204 213 213 MET MET B . n 
B 2 205 PHE 205 214 214 PHE PHE B . n 
B 2 206 ARG 206 215 215 ARG ARG B . n 
B 2 207 HIS 207 216 216 HIS HIS B . n 
B 2 208 HIS 208 217 217 HIS HIS B . n 
B 2 209 ASN 209 218 218 ASN ASN B . n 
B 2 210 PHE 210 219 219 PHE PHE B . n 
B 2 211 THR 211 220 220 THR THR B . n 
B 2 212 LEU 212 221 221 LEU LEU B . n 
B 2 213 MET 213 222 222 MET MET B . n 
B 2 214 ILE 214 223 223 ILE ILE B . n 
B 2 215 ILE 215 224 224 ILE ILE B . n 
B 2 216 PRO 216 225 225 PRO PRO B . n 
B 2 217 PHE 217 226 226 PHE PHE B . n 
B 2 218 VAL 218 227 227 VAL VAL B . n 
B 2 219 PRO 219 228 228 PRO PRO B . n 
B 2 220 LEU 220 229 229 LEU LEU B . n 
B 2 221 ASN 221 230 230 ASN ASN B . n 
B 2 222 TYR 222 231 231 TYR TYR B . n 
B 2 223 SER 223 232 232 SER SER B . n 
B 2 224 SER 224 233 233 SER SER B . n 
B 2 225 ASP 225 234 234 ASP ASP B . n 
B 2 226 PHE 226 235 235 PHE PHE B . n 
B 2 227 SER 227 236 236 SER SER B . n 
B 2 228 THR 228 237 237 THR THR B . n 
B 2 229 TYR 229 238 238 TYR TYR B . n 
B 2 230 VAL 230 239 239 VAL VAL B . n 
B 2 231 PRO 231 240 240 PRO PRO B . n 
B 2 232 ILE 232 241 241 ILE ILE B . n 
B 2 233 THR 233 242 242 THR THR B . n 
B 2 234 VAL 234 243 243 VAL VAL B . n 
B 2 235 THR 235 244 244 THR THR B . n 
B 2 236 VAL 236 245 245 VAL VAL B . n 
B 2 237 ALA 237 246 246 ALA ALA B . n 
B 2 238 PRO 238 247 247 PRO PRO B . n 
B 2 239 MET 239 248 248 MET MET B . n 
B 2 240 CYS 240 249 249 CYS CYS B . n 
B 2 241 ALA 241 250 250 ALA ALA B . n 
B 2 242 GLU 242 251 251 GLU GLU B . n 
B 2 243 TYR 243 252 252 TYR TYR B . n 
B 2 244 ASN 244 253 253 ASN ASN B . n 
B 2 245 GLY 245 254 254 GLY GLY B . n 
B 2 246 LEU 246 255 255 LEU LEU B . n 
B 2 247 ARG 247 256 256 ARG ARG B . n 
B 2 248 LEU 248 257 257 LEU LEU B . n 
B 2 249 SER 249 258 258 SER SER B . n 
B 2 250 THR 250 259 259 THR THR B . n 
B 2 251 ALA 251 260 260 ALA ALA B . n 
B 2 252 LEU 252 261 261 LEU LEU B . n 
C 3 1   GLY 1   1   1   GLY GLY C . n 
C 3 2   LEU 2   2   2   LEU LEU C . n 
C 3 3   PRO 3   3   3   PRO PRO C . n 
C 3 4   VAL 4   4   4   VAL VAL C . n 
C 3 5   ILE 5   5   5   ILE ILE C . n 
C 3 6   ASN 6   6   6   ASN ASN C . n 
C 3 7   THR 7   7   7   THR THR C . n 
C 3 8   PRO 8   8   8   PRO PRO C . n 
C 3 9   GLY 9   9   9   GLY GLY C . n 
C 3 10  SER 10  10  10  SER SER C . n 
C 3 11  ASN 11  11  11  ASN ASN C . n 
C 3 12  GLN 12  12  12  GLN GLN C . n 
C 3 13  PHE 13  13  13  PHE PHE C . n 
C 3 14  LEU 14  14  14  LEU LEU C . n 
C 3 15  THR 15  15  15  THR THR C . n 
C 3 16  SER 16  16  16  SER SER C . n 
C 3 17  ASP 17  17  17  ASP ASP C . n 
C 3 18  ASP 18  18  18  ASP ASP C . n 
C 3 19  PHE 19  19  19  PHE PHE C . n 
C 3 20  GLN 20  20  20  GLN GLN C . n 
C 3 21  SER 21  21  21  SER SER C . n 
C 3 22  PRO 22  22  22  PRO PRO C . n 
C 3 23  SER 23  23  23  SER SER C . n 
C 3 24  ALA 24  24  24  ALA ALA C . n 
C 3 25  MET 25  25  25  MET MET C . n 
C 3 26  PRO 26  26  26  PRO PRO C . n 
C 3 27  GLN 27  27  27  GLN GLN C . n 
C 3 28  PHE 28  28  28  PHE PHE C . n 
C 3 29  ASP 29  29  29  ASP ASP C . n 
C 3 30  VAL 30  30  30  VAL VAL C . n 
C 3 31  THR 31  31  31  THR THR C . n 
C 3 32  PRO 32  32  32  PRO PRO C . n 
C 3 33  GLU 33  33  33  GLU GLU C . n 
C 3 34  LEU 34  34  34  LEU LEU C . n 
C 3 35  ASN 35  35  35  ASN ASN C . n 
C 3 36  ILE 36  36  36  ILE ILE C . n 
C 3 37  PRO 37  37  37  PRO PRO C . n 
C 3 38  GLY 38  38  38  GLY GLY C . n 
C 3 39  GLU 39  39  39  GLU GLU C . n 
C 3 40  VAL 40  40  40  VAL VAL C . n 
C 3 41  GLN 41  41  41  GLN GLN C . n 
C 3 42  ASN 42  42  42  ASN ASN C . n 
C 3 43  LEU 43  43  43  LEU LEU C . n 
C 3 44  MET 44  44  44  MET MET C . n 
C 3 45  GLU 45  45  45  GLU GLU C . n 
C 3 46  ILE 46  46  46  ILE ILE C . n 
C 3 47  ALA 47  47  47  ALA ALA C . n 
C 3 48  GLU 48  48  48  GLU GLU C . n 
C 3 49  VAL 49  49  49  VAL VAL C . n 
C 3 50  ASP 50  50  50  ASP ASP C . n 
C 3 51  SER 51  51  51  SER SER C . n 
C 3 52  VAL 52  52  52  VAL VAL C . n 
C 3 53  VAL 53  53  53  VAL VAL C . n 
C 3 54  PRO 54  54  54  PRO PRO C . n 
C 3 55  VAL 55  55  55  VAL VAL C . n 
C 3 56  ASN 56  56  56  ASN ASN C . n 
C 3 57  ASN 57  57  57  ASN ASN C . n 
C 3 58  VAL 58  58  58  VAL VAL C . n 
C 3 59  ALA 59  59  59  ALA ALA C . n 
C 3 60  GLY 60  60  60  GLY GLY C . n 
C 3 61  ASN 61  61  61  ASN ASN C . n 
C 3 62  LEU 62  62  62  LEU LEU C . n 
C 3 63  GLU 63  63  63  GLU GLU C . n 
C 3 64  THR 64  64  64  THR THR C . n 
C 3 65  MET 65  65  65  MET MET C . n 
C 3 66  ASP 66  66  66  ASP ASP C . n 
C 3 67  ILE 67  67  67  ILE ILE C . n 
C 3 68  TYR 68  68  68  TYR TYR C . n 
C 3 69  ARG 69  69  69  ARG ARG C . n 
C 3 70  ILE 70  70  70  ILE ILE C . n 
C 3 71  PRO 71  71  71  PRO PRO C . n 
C 3 72  VAL 72  72  72  VAL VAL C . n 
C 3 73  GLN 73  73  73  GLN GLN C . n 
C 3 74  SER 74  74  74  SER SER C . n 
C 3 75  GLY 75  75  75  GLY GLY C . n 
C 3 76  ASN 76  76  76  ASN ASN C . n 
C 3 77  HIS 77  77  77  HIS HIS C . n 
C 3 78  GLN 78  78  78  GLN GLN C . n 
C 3 79  SER 79  79  79  SER SER C . n 
C 3 80  SER 80  80  80  SER SER C . n 
C 3 81  GLN 81  81  81  GLN GLN C . n 
C 3 82  VAL 82  82  82  VAL VAL C . n 
C 3 83  PHE 83  83  83  PHE PHE C . n 
C 3 84  GLY 84  84  84  GLY GLY C . n 
C 3 85  PHE 85  85  85  PHE PHE C . n 
C 3 86  GLN 86  86  86  GLN GLN C . n 
C 3 87  VAL 87  87  87  VAL VAL C . n 
C 3 88  GLN 88  88  88  GLN GLN C . n 
C 3 89  PRO 89  89  89  PRO PRO C . n 
C 3 90  GLY 90  90  90  GLY GLY C . n 
C 3 91  LEU 91  91  91  LEU LEU C . n 
C 3 92  ASP 92  92  92  ASP ASP C . n 
C 3 93  GLY 93  93  93  GLY GLY C . n 
C 3 94  VAL 94  94  94  VAL VAL C . n 
C 3 95  PHE 95  95  95  PHE PHE C . n 
C 3 96  LYS 96  96  96  LYS LYS C . n 
C 3 97  HIS 97  97  97  HIS HIS C . n 
C 3 98  THR 98  98  98  THR THR C . n 
C 3 99  LEU 99  99  99  LEU LEU C . n 
C 3 100 LEU 100 100 100 LEU LEU C . n 
C 3 101 GLY 101 101 101 GLY GLY C . n 
C 3 102 GLU 102 102 102 GLU GLU C . n 
C 3 103 ILE 103 103 103 ILE ILE C . n 
C 3 104 LEU 104 104 104 LEU LEU C . n 
C 3 105 ASN 105 105 105 ASN ASN C . n 
C 3 106 TYR 106 106 106 TYR TYR C . n 
C 3 107 TYR 107 107 107 TYR TYR C . n 
C 3 108 ALA 108 108 108 ALA ALA C . n 
C 3 109 HIS 109 109 109 HIS HIS C . n 
C 3 110 TRP 110 110 110 TRP TRP C . n 
C 3 111 SER 111 111 111 SER SER C . n 
C 3 112 GLY 112 112 112 GLY GLY C . n 
C 3 113 SER 113 113 113 SER SER C . n 
C 3 114 ILE 114 114 114 ILE ILE C . n 
C 3 115 LYS 115 115 115 LYS LYS C . n 
C 3 116 LEU 116 116 116 LEU LEU C . n 
C 3 117 THR 117 117 117 THR THR C . n 
C 3 118 PHE 118 118 118 PHE PHE C . n 
C 3 119 VAL 119 119 119 VAL VAL C . n 
C 3 120 PHE 120 120 120 PHE PHE C . n 
C 3 121 CYS 121 121 121 CYS CYS C . n 
C 3 122 GLY 122 122 122 GLY GLY C . n 
C 3 123 SER 123 123 123 SER SER C . n 
C 3 124 ALA 124 124 124 ALA ALA C . n 
C 3 125 MET 125 125 125 MET MET C . n 
C 3 126 ALA 126 126 126 ALA ALA C . n 
C 3 127 THR 127 127 127 THR THR C . n 
C 3 128 GLY 128 128 128 GLY GLY C . n 
C 3 129 LYS 129 129 129 LYS LYS C . n 
C 3 130 PHE 130 130 130 PHE PHE C . n 
C 3 131 LEU 131 131 131 LEU LEU C . n 
C 3 132 LEU 132 132 132 LEU LEU C . n 
C 3 133 ALA 133 133 133 ALA ALA C . n 
C 3 134 TYR 134 134 134 TYR TYR C . n 
C 3 135 ALA 135 135 135 ALA ALA C . n 
C 3 136 PRO 136 136 136 PRO PRO C . n 
C 3 137 PRO 137 137 137 PRO PRO C . n 
C 3 138 GLY 138 138 138 GLY GLY C . n 
C 3 139 ALA 139 139 139 ALA ALA C . n 
C 3 140 ASN 140 140 140 ASN ASN C . n 
C 3 141 ALA 141 141 141 ALA ALA C . n 
C 3 142 PRO 142 142 142 PRO PRO C . n 
C 3 143 LYS 143 143 143 LYS LYS C . n 
C 3 144 SER 144 144 144 SER SER C . n 
C 3 145 ARG 145 145 145 ARG ARG C . n 
C 3 146 LYS 146 146 146 LYS LYS C . n 
C 3 147 ASP 147 147 147 ASP ASP C . n 
C 3 148 ALA 148 148 148 ALA ALA C . n 
C 3 149 MET 149 149 149 MET MET C . n 
C 3 150 LEU 150 150 150 LEU LEU C . n 
C 3 151 GLY 151 151 151 GLY GLY C . n 
C 3 152 THR 152 152 152 THR THR C . n 
C 3 153 HIS 153 153 153 HIS HIS C . n 
C 3 154 ILE 154 154 154 ILE ILE C . n 
C 3 155 ILE 155 155 155 ILE ILE C . n 
C 3 156 TRP 156 156 156 TRP TRP C . n 
C 3 157 ASP 157 157 157 ASP ASP C . n 
C 3 158 VAL 158 158 158 VAL VAL C . n 
C 3 159 GLY 159 159 159 GLY GLY C . n 
C 3 160 LEU 160 160 160 LEU LEU C . n 
C 3 161 GLN 161 161 161 GLN GLN C . n 
C 3 162 SER 162 162 162 SER SER C . n 
C 3 163 SER 163 163 163 SER SER C . n 
C 3 164 CYS 164 164 164 CYS CYS C . n 
C 3 165 VAL 165 165 165 VAL VAL C . n 
C 3 166 LEU 166 166 166 LEU LEU C . n 
C 3 167 CYS 167 167 167 CYS CYS C . n 
C 3 168 ILE 168 168 168 ILE ILE C . n 
C 3 169 PRO 169 169 169 PRO PRO C . n 
C 3 170 TRP 170 170 170 TRP TRP C . n 
C 3 171 ILE 171 171 171 ILE ILE C . n 
C 3 172 SER 172 172 172 SER SER C . n 
C 3 173 GLN 173 173 173 GLN GLN C . n 
C 3 174 THR 174 174 174 THR THR C . n 
C 3 175 HIS 175 175 175 HIS HIS C . n 
C 3 176 TYR 176 176 176 TYR TYR C . n 
C 3 177 ARG 177 177 177 ARG ARG C . n 
C 3 178 LEU 178 178 178 LEU LEU C . n 
C 3 179 VAL 179 179 179 VAL VAL C . n 
C 3 180 GLN 180 180 180 GLN GLN C . n 
C 3 181 GLN 181 181 181 GLN GLN C . n 
C 3 182 ASP 182 182 182 ASP ASP C . n 
C 3 183 GLU 183 183 183 GLU GLU C . n 
C 3 184 TYR 184 184 184 TYR TYR C . n 
C 3 185 THR 185 185 185 THR THR C . n 
C 3 186 SER 186 186 186 SER SER C . n 
C 3 187 ALA 187 187 187 ALA ALA C . n 
C 3 188 GLY 188 188 188 GLY GLY C . n 
C 3 189 ASN 189 189 189 ASN ASN C . n 
C 3 190 VAL 190 190 190 VAL VAL C . n 
C 3 191 THR 191 191 191 THR THR C . n 
C 3 192 CYS 192 192 192 CYS CYS C . n 
C 3 193 TRP 193 193 193 TRP TRP C . n 
C 3 194 TYR 194 194 194 TYR TYR C . n 
C 3 195 GLN 195 195 195 GLN GLN C . n 
C 3 196 THR 196 196 196 THR THR C . n 
C 3 197 GLY 197 197 197 GLY GLY C . n 
C 3 198 ILE 198 198 198 ILE ILE C . n 
C 3 199 VAL 199 199 199 VAL VAL C . n 
C 3 200 VAL 200 200 200 VAL VAL C . n 
C 3 201 PRO 201 201 201 PRO PRO C . n 
C 3 202 ALA 202 202 202 ALA ALA C . n 
C 3 203 GLY 203 203 203 GLY GLY C . n 
C 3 204 THR 204 204 204 THR THR C . n 
C 3 205 PRO 205 205 205 PRO PRO C . n 
C 3 206 THR 206 206 206 THR THR C . n 
C 3 207 SER 207 207 207 SER SER C . n 
C 3 208 CYS 208 208 208 CYS CYS C . n 
C 3 209 SER 209 209 209 SER SER C . n 
C 3 210 ILE 210 210 210 ILE ILE C . n 
C 3 211 MET 211 211 211 MET MET C . n 
C 3 212 CYS 212 212 212 CYS CYS C . n 
C 3 213 PHE 213 213 213 PHE PHE C . n 
C 3 214 VAL 214 214 214 VAL VAL C . n 
C 3 215 SER 215 215 215 SER SER C . n 
C 3 216 ALA 216 216 216 ALA ALA C . n 
C 3 217 CYS 217 217 217 CYS CYS C . n 
C 3 218 ASN 218 218 218 ASN ASN C . n 
C 3 219 ASP 219 219 219 ASP ASP C . n 
C 3 220 PHE 220 220 220 PHE PHE C . n 
C 3 221 SER 221 221 221 SER SER C . n 
C 3 222 VAL 222 222 222 VAL VAL C . n 
C 3 223 ARG 223 223 223 ARG ARG C . n 
C 3 224 LEU 224 224 224 LEU LEU C . n 
C 3 225 LEU 225 225 225 LEU LEU C . n 
C 3 226 LYS 226 226 226 LYS LYS C . n 
C 3 227 ASP 227 227 227 ASP ASP C . n 
C 3 228 THR 228 228 228 THR THR C . n 
C 3 229 PRO 229 229 229 PRO PRO C . n 
C 3 230 PHE 230 230 230 PHE PHE C . n 
C 3 231 ILE 231 231 231 ILE ILE C . n 
C 3 232 GLN 232 232 232 GLN GLN C . n 
C 3 233 GLN 233 233 233 GLN GLN C . n 
C 3 234 ALA 234 234 234 ALA ALA C . n 
C 3 235 ALA 235 235 235 ALA ALA C . n 
C 3 236 LEU 236 236 236 LEU LEU C . n 
C 3 237 LEU 237 237 237 LEU LEU C . n 
C 3 238 GLN 238 238 238 GLN GLN C . n 
D 4 1   GLY 1   2   2   GLY GLY D . n 
D 4 2   ALA 2   3   3   ALA ALA D . n 
D 4 3   GLN 3   4   4   GLN GLN D . n 
D 4 4   VAL 4   5   5   VAL VAL D . n 
D 4 5   SER 5   6   6   SER SER D . n 
D 4 6   THR 6   7   7   THR THR D . n 
D 4 7   GLN 7   8   8   GLN GLN D . n 
D 4 8   LYS 8   9   9   LYS LYS D . n 
D 4 9   THR 9   10  10  THR THR D . n 
D 4 10  GLY 10  11  11  GLY GLY D . n 
D 4 11  ALA 11  12  12  ALA ALA D . n 
D 4 12  HIS 12  13  13  HIS HIS D . n 
D 4 13  GLU 13  14  14  GLU GLU D . n 
D 4 14  SER 14  23  23  SER SER D . n 
D 4 15  ILE 15  24  24  ILE ILE D . n 
D 4 16  ILE 16  25  25  ILE ILE D . n 
D 4 17  HIS 17  26  26  HIS HIS D . n 
D 4 18  TYR 18  27  27  TYR TYR D . n 
D 4 19  THR 19  28  28  THR THR D . n 
D 4 20  ASN 20  29  29  ASN ASN D . n 
D 4 21  ILE 21  30  30  ILE ILE D . n 
D 4 22  ASN 22  31  31  ASN ASN D . n 
D 4 23  TYR 23  32  32  TYR TYR D . n 
D 4 24  TYR 24  33  33  TYR TYR D . n 
D 4 25  LYS 25  34  34  LYS LYS D . n 
D 4 26  ASP 26  35  35  ASP ASP D . n 
D 4 27  ALA 27  36  36  ALA ALA D . n 
D 4 28  ALA 28  37  37  ALA ALA D . n 
D 4 29  SER 29  38  38  SER SER D . n 
D 4 30  ASN 30  39  39  ASN ASN D . n 
D 4 31  SER 31  40  40  SER SER D . n 
D 4 32  ALA 32  41  41  ALA ALA D . n 
D 4 33  ASN 33  42  42  ASN ASN D . n 
D 4 34  ARG 34  43  43  ARG ARG D . n 
D 4 35  GLN 35  44  44  GLN GLN D . n 
D 4 36  ASP 36  45  45  ASP ASP D . n 
D 4 37  PHE 37  46  46  PHE PHE D . n 
D 4 38  THR 38  47  47  THR THR D . n 
D 4 39  GLN 39  48  48  GLN GLN D . n 
D 4 40  ASP 40  49  49  ASP ASP D . n 
D 4 41  PRO 41  50  50  PRO PRO D . n 
D 4 42  GLY 42  51  51  GLY GLY D . n 
D 4 43  LYS 43  52  52  LYS LYS D . n 
D 4 44  PHE 44  53  53  PHE PHE D . n 
D 4 45  THR 45  54  54  THR THR D . n 
D 4 46  GLU 46  55  55  GLU GLU D . n 
D 4 47  PRO 47  56  56  PRO PRO D . n 
D 4 48  VAL 48  57  57  VAL VAL D . n 
D 4 49  LYS 49  58  58  LYS LYS D . n 
D 4 50  ASP 50  59  59  ASP ASP D . n 
D 4 51  ILE 51  60  60  ILE ILE D . n 
D 4 52  MET 52  61  61  MET MET D . n 
D 4 53  VAL 53  62  62  VAL VAL D . n 
D 4 54  LYS 54  63  63  LYS LYS D . n 
D 4 55  SER 55  64  64  SER SER D . n 
D 4 56  LEU 56  65  65  LEU LEU D . n 
D 4 57  PRO 57  66  66  PRO PRO D . n 
D 4 58  ALA 58  67  67  ALA ALA D . n 
D 4 59  LEU 59  68  68  LEU LEU D . n 
D 4 60  ASN 60  69  69  ASN ASN D . n 
E 5 1   GLN 1   -62 ?   ?   ?   E . n 
E 5 2   ASP 2   -61 ?   ?   ?   E . n 
E 5 3   CYS 3   -60 ?   ?   ?   E . n 
E 5 4   GLY 4   -59 ?   ?   ?   E . n 
E 5 5   LEU 5   -58 ?   ?   ?   E . n 
E 5 6   PRO 6   -57 ?   ?   ?   E . n 
E 5 7   PRO 7   -56 ?   ?   ?   E . n 
E 5 8   ASP 8   -55 ?   ?   ?   E . n 
E 5 9   VAL 9   -54 ?   ?   ?   E . n 
E 5 10  PRO 10  -53 ?   ?   ?   E . n 
E 5 11  ASN 11  -52 ?   ?   ?   E . n 
E 5 12  ALA 12  -51 ?   ?   ?   E . n 
E 5 13  GLN 13  -50 ?   ?   ?   E . n 
E 5 14  PRO 14  -49 ?   ?   ?   E . n 
E 5 15  ALA 15  -48 ?   ?   ?   E . n 
E 5 16  LEU 16  -47 ?   ?   ?   E . n 
E 5 17  GLU 17  -46 ?   ?   ?   E . n 
E 5 18  GLY 18  -45 ?   ?   ?   E . n 
E 5 19  ARG 19  -44 ?   ?   ?   E . n 
E 5 20  THR 20  -43 ?   ?   ?   E . n 
E 5 21  SER 21  -42 ?   ?   ?   E . n 
E 5 22  PHE 22  -41 ?   ?   ?   E . n 
E 5 23  PRO 23  -40 ?   ?   ?   E . n 
E 5 24  GLU 24  -39 ?   ?   ?   E . n 
E 5 25  ASP 25  -38 ?   ?   ?   E . n 
E 5 26  THR 26  -37 ?   ?   ?   E . n 
E 5 27  VAL 27  -36 ?   ?   ?   E . n 
E 5 28  ILE 28  -35 ?   ?   ?   E . n 
E 5 29  THR 29  -34 ?   ?   ?   E . n 
E 5 30  TYR 30  -33 ?   ?   ?   E . n 
E 5 31  LYS 31  -32 ?   ?   ?   E . n 
E 5 32  CYS 32  -31 ?   ?   ?   E . n 
E 5 33  GLU 33  -30 ?   ?   ?   E . n 
E 5 34  GLU 34  -29 ?   ?   ?   E . n 
E 5 35  SER 35  -28 ?   ?   ?   E . n 
E 5 36  PHE 36  -27 ?   ?   ?   E . n 
E 5 37  VAL 37  -26 ?   ?   ?   E . n 
E 5 38  LYS 38  -25 ?   ?   ?   E . n 
E 5 39  ILE 39  -24 ?   ?   ?   E . n 
E 5 40  PRO 40  -23 ?   ?   ?   E . n 
E 5 41  GLY 41  -22 ?   ?   ?   E . n 
E 5 42  GLU 42  -21 ?   ?   ?   E . n 
E 5 43  LYS 43  -20 ?   ?   ?   E . n 
E 5 44  ASP 44  -19 ?   ?   ?   E . n 
E 5 45  SER 45  -18 ?   ?   ?   E . n 
E 5 46  VAL 46  -17 ?   ?   ?   E . n 
E 5 47  ILE 47  -16 ?   ?   ?   E . n 
E 5 48  CYS 48  -15 ?   ?   ?   E . n 
E 5 49  LEU 49  -14 ?   ?   ?   E . n 
E 5 50  LYS 50  -13 ?   ?   ?   E . n 
E 5 51  GLY 51  -12 ?   ?   ?   E . n 
E 5 52  SER 52  -11 ?   ?   ?   E . n 
E 5 53  GLN 53  -10 ?   ?   ?   E . n 
E 5 54  TRP 54  -9  ?   ?   ?   E . n 
E 5 55  SER 55  -8  ?   ?   ?   E . n 
E 5 56  ASP 56  -7  ?   ?   ?   E . n 
E 5 57  ILE 57  -6  ?   ?   ?   E . n 
E 5 58  GLU 58  -5  ?   ?   ?   E . n 
E 5 59  GLU 59  -4  ?   ?   ?   E . n 
E 5 60  PHE 60  -3  ?   ?   ?   E . n 
E 5 61  CYS 61  -2  ?   ?   ?   E . n 
E 5 62  ASN 62  -1  ?   ?   ?   E . n 
E 5 63  ARG 63  0   ?   ?   ?   E . n 
E 5 64  SER 64  1   ?   ?   ?   E . n 
E 5 65  GLN 65  2   2   GLN GLN E . n 
E 5 66  ASP 66  3   3   ASP ASP E . n 
E 5 67  CYS 67  4   4   CYS CYS E . n 
E 5 68  GLY 68  5   5   GLY GLY E . n 
E 5 69  LEU 69  6   6   LEU LEU E . n 
E 5 70  PRO 70  7   7   PRO PRO E . n 
E 5 71  PRO 71  8   8   PRO PRO E . n 
E 5 72  ASP 72  9   9   ASP ASP E . n 
E 5 73  VAL 73  10  10  VAL VAL E . n 
E 5 74  PRO 74  11  11  PRO PRO E . n 
E 5 75  ASN 75  12  12  ASN ASN E . n 
E 5 76  ALA 76  13  13  ALA ALA E . n 
E 5 77  GLN 77  14  14  GLN GLN E . n 
E 5 78  PRO 78  15  15  PRO PRO E . n 
E 5 79  ALA 79  16  16  ALA ALA E . n 
E 5 80  LEU 80  17  17  LEU LEU E . n 
E 5 81  GLU 81  18  18  GLU GLU E . n 
E 5 82  GLY 82  19  19  GLY GLY E . n 
E 5 83  ARG 83  20  20  ARG ARG E . n 
E 5 84  THR 84  21  21  THR THR E . n 
E 5 85  SER 85  22  22  SER SER E . n 
E 5 86  PHE 86  23  23  PHE PHE E . n 
E 5 87  PRO 87  24  24  PRO PRO E . n 
E 5 88  GLU 88  25  25  GLU GLU E . n 
E 5 89  ASP 89  26  26  ASP ASP E . n 
E 5 90  THR 90  27  27  THR THR E . n 
E 5 91  VAL 91  28  28  VAL VAL E . n 
E 5 92  ILE 92  29  29  ILE ILE E . n 
E 5 93  THR 93  30  30  THR THR E . n 
E 5 94  TYR 94  31  31  TYR TYR E . n 
E 5 95  LYS 95  32  32  LYS LYS E . n 
E 5 96  CYS 96  33  33  CYS CYS E . n 
E 5 97  GLU 97  34  34  GLU GLU E . n 
E 5 98  GLU 98  35  35  GLU GLU E . n 
E 5 99  SER 99  36  36  SER SER E . n 
E 5 100 PHE 100 37  37  PHE PHE E . n 
E 5 101 VAL 101 38  38  VAL VAL E . n 
E 5 102 LYS 102 39  39  LYS LYS E . n 
E 5 103 ILE 103 40  40  ILE ILE E . n 
E 5 104 PRO 104 41  41  PRO PRO E . n 
E 5 105 GLY 105 42  42  GLY GLY E . n 
E 5 106 GLU 106 43  43  GLU GLU E . n 
E 5 107 LYS 107 44  44  LYS LYS E . n 
E 5 108 ASP 108 45  45  ASP ASP E . n 
E 5 109 SER 109 46  46  SER SER E . n 
E 5 110 VAL 110 47  47  VAL VAL E . n 
E 5 111 ILE 111 48  48  ILE ILE E . n 
E 5 112 CYS 112 49  49  CYS CYS E . n 
E 5 113 LEU 113 50  50  LEU LEU E . n 
E 5 114 LYS 114 51  51  LYS LYS E . n 
E 5 115 GLY 115 52  52  GLY GLY E . n 
E 5 116 SER 116 53  53  SER SER E . n 
E 5 117 GLN 117 54  54  GLN GLN E . n 
E 5 118 TRP 118 55  55  TRP TRP E . n 
E 5 119 SER 119 56  56  SER SER E . n 
E 5 120 ASP 120 57  57  ASP ASP E . n 
E 5 121 ILE 121 58  58  ILE ILE E . n 
E 5 122 GLU 122 59  59  GLU GLU E . n 
E 5 123 GLU 123 60  60  GLU GLU E . n 
E 5 124 PHE 124 61  61  PHE PHE E . n 
E 5 125 CYS 125 62  62  CYS CYS E . n 
E 5 126 ASN 126 63  63  ASN ASN E . n 
E 5 127 ARG 127 64  64  ARG ARG E . n 
E 5 128 SER 128 65  65  SER SER E . n 
E 5 129 CYS 129 66  66  CYS CYS E . n 
E 5 130 GLU 130 67  67  GLU GLU E . n 
E 5 131 VAL 131 68  68  VAL VAL E . n 
E 5 132 PRO 132 69  69  PRO PRO E . n 
E 5 133 THR 133 70  70  THR THR E . n 
E 5 134 ARG 134 71  71  ARG ARG E . n 
E 5 135 LEU 135 72  72  LEU LEU E . n 
E 5 136 ASN 136 73  73  ASN ASN E . n 
E 5 137 SER 137 74  74  SER SER E . n 
E 5 138 ALA 138 75  75  ALA ALA E . n 
E 5 139 SER 139 76  76  SER SER E . n 
E 5 140 LEU 140 77  77  LEU LEU E . n 
E 5 141 LYS 141 78  78  LYS LYS E . n 
E 5 142 GLN 142 79  79  GLN GLN E . n 
E 5 143 PRO 143 80  80  PRO PRO E . n 
E 5 144 TYR 144 81  81  TYR TYR E . n 
E 5 145 ILE 145 82  82  ILE ILE E . n 
E 5 146 THR 146 83  83  THR THR E . n 
E 5 147 GLN 147 84  84  GLN GLN E . n 
E 5 148 ASN 148 85  85  ASN ASN E . n 
E 5 149 TYR 149 86  86  TYR TYR E . n 
E 5 150 PHE 150 87  87  PHE PHE E . n 
E 5 151 PRO 151 88  88  PRO PRO E . n 
E 5 152 VAL 152 89  89  VAL VAL E . n 
E 5 153 GLY 153 90  90  GLY GLY E . n 
E 5 154 THR 154 91  91  THR THR E . n 
E 5 155 VAL 155 92  92  VAL VAL E . n 
E 5 156 VAL 156 93  93  VAL VAL E . n 
E 5 157 GLU 157 94  94  GLU GLU E . n 
E 5 158 TYR 158 95  95  TYR TYR E . n 
E 5 159 GLU 159 96  96  GLU GLU E . n 
E 5 160 CYS 160 97  97  CYS CYS E . n 
E 5 161 ARG 161 98  98  ARG ARG E . n 
E 5 162 PRO 162 99  99  PRO PRO E . n 
E 5 163 GLY 163 100 100 GLY GLY E . n 
E 5 164 TYR 164 101 101 TYR TYR E . n 
E 5 165 ARG 165 102 102 ARG ARG E . n 
E 5 166 ARG 166 103 103 ARG ARG E . n 
E 5 167 GLU 167 104 104 GLU GLU E . n 
E 5 168 PRO 168 105 105 PRO PRO E . n 
E 5 169 SER 169 106 106 SER SER E . n 
E 5 170 LEU 170 107 107 LEU LEU E . n 
E 5 171 SER 171 108 108 SER SER E . n 
E 5 172 PRO 172 109 109 PRO PRO E . n 
E 5 173 LYS 173 110 110 LYS LYS E . n 
E 5 174 LEU 174 111 111 LEU LEU E . n 
E 5 175 THR 175 112 112 THR THR E . n 
E 5 176 CYS 176 113 113 CYS CYS E . n 
E 5 177 LEU 177 114 114 LEU LEU E . n 
E 5 178 GLN 178 115 115 GLN GLN E . n 
E 5 179 ASN 179 116 116 ASN ASN E . n 
E 5 180 LEU 180 117 117 LEU LEU E . n 
E 5 181 LYS 181 118 118 LYS LYS E . n 
E 5 182 TRP 182 119 119 TRP TRP E . n 
E 5 183 SER 183 120 120 SER SER E . n 
E 5 184 THR 184 121 121 THR THR E . n 
E 5 185 ALA 185 122 122 ALA ALA E . n 
E 5 186 VAL 186 123 123 VAL VAL E . n 
E 5 187 GLU 187 124 124 GLU GLU E . n 
E 5 188 PHE 188 125 125 PHE PHE E . n 
E 5 189 CYS 189 126 126 CYS CYS E . n 
E 5 190 LYS 190 127 127 LYS LYS E . n 
E 5 191 LYS 191 128 128 LYS LYS E . n 
E 5 192 LYS 192 129 129 LYS LYS E . n 
E 5 193 SER 193 130 130 SER SER E . n 
E 5 194 CYS 194 131 131 CYS CYS E . n 
E 5 195 PRO 195 132 132 PRO PRO E . n 
E 5 196 ASN 196 133 133 ASN ASN E . n 
E 5 197 PRO 197 134 134 PRO PRO E . n 
E 5 198 GLY 198 135 135 GLY GLY E . n 
E 5 199 GLU 199 136 136 GLU GLU E . n 
E 5 200 ILE 200 137 137 ILE ILE E . n 
E 5 201 ARG 201 138 138 ARG ARG E . n 
E 5 202 ASN 202 139 139 ASN ASN E . n 
E 5 203 GLY 203 140 140 GLY GLY E . n 
E 5 204 GLN 204 141 141 GLN GLN E . n 
E 5 205 ILE 205 142 142 ILE ILE E . n 
E 5 206 ASP 206 143 143 ASP ASP E . n 
E 5 207 VAL 207 144 144 VAL VAL E . n 
E 5 208 PRO 208 145 145 PRO PRO E . n 
E 5 209 GLY 209 146 146 GLY GLY E . n 
E 5 210 GLY 210 147 147 GLY GLY E . n 
E 5 211 ILE 211 148 148 ILE ILE E . n 
E 5 212 LEU 212 149 149 LEU LEU E . n 
E 5 213 PHE 213 150 150 PHE PHE E . n 
E 5 214 GLY 214 151 151 GLY GLY E . n 
E 5 215 ALA 215 152 152 ALA ALA E . n 
E 5 216 THR 216 153 153 THR THR E . n 
E 5 217 ILE 217 154 154 ILE ILE E . n 
E 5 218 SER 218 155 155 SER SER E . n 
E 5 219 PHE 219 156 156 PHE PHE E . n 
E 5 220 SER 220 157 157 SER SER E . n 
E 5 221 CYS 221 158 158 CYS CYS E . n 
E 5 222 ASN 222 159 159 ASN ASN E . n 
E 5 223 THR 223 160 160 THR THR E . n 
E 5 224 GLY 224 161 161 GLY GLY E . n 
E 5 225 TYR 225 162 162 TYR TYR E . n 
E 5 226 LYS 226 163 163 LYS LYS E . n 
E 5 227 LEU 227 164 164 LEU LEU E . n 
E 5 228 PHE 228 165 165 PHE PHE E . n 
E 5 229 GLY 229 166 166 GLY GLY E . n 
E 5 230 SER 230 167 167 SER SER E . n 
E 5 231 THR 231 168 168 THR THR E . n 
E 5 232 SER 232 169 169 SER SER E . n 
E 5 233 SER 233 170 170 SER SER E . n 
E 5 234 PHE 234 171 171 PHE PHE E . n 
E 5 235 CYS 235 172 172 CYS CYS E . n 
E 5 236 LEU 236 173 173 LEU LEU E . n 
E 5 237 ILE 237 174 174 ILE ILE E . n 
E 5 238 SER 238 175 175 SER SER E . n 
E 5 239 GLY 239 176 176 GLY GLY E . n 
E 5 240 SER 240 177 177 SER SER E . n 
E 5 241 SER 241 178 178 SER SER E . n 
E 5 242 VAL 242 179 179 VAL VAL E . n 
E 5 243 GLN 243 180 180 GLN GLN E . n 
E 5 244 TRP 244 181 181 TRP TRP E . n 
E 5 245 SER 245 182 182 SER SER E . n 
E 5 246 ASP 246 183 183 ASP ASP E . n 
E 5 247 PRO 247 184 184 PRO PRO E . n 
E 5 248 LEU 248 185 185 LEU LEU E . n 
E 5 249 PRO 249 186 186 PRO PRO E . n 
E 5 250 GLU 250 187 187 GLU GLU E . n 
E 5 251 CYS 251 188 188 CYS CYS E . n 
E 5 252 ARG 252 189 189 ARG ARG E . n 
E 5 253 GLU 253 190 190 GLU GLU E . n 
E 5 254 ILE 254 191 191 ILE ILE E . n 
E 5 255 TYR 255 192 192 TYR TYR E . n 
E 5 256 CYS 256 193 193 CYS CYS E . n 
E 5 257 PRO 257 194 194 PRO PRO E . n 
E 5 258 ALA 258 195 195 ALA ALA E . n 
E 5 259 PRO 259 196 196 PRO PRO E . n 
E 5 260 PRO 260 197 197 PRO PRO E . n 
E 5 261 GLN 261 198 198 GLN GLN E . n 
E 5 262 ILE 262 199 199 ILE ILE E . n 
E 5 263 ASP 263 200 200 ASP ASP E . n 
E 5 264 ASN 264 201 201 ASN ASN E . n 
E 5 265 GLY 265 202 202 GLY GLY E . n 
E 5 266 ILE 266 203 203 ILE ILE E . n 
E 5 267 ILE 267 204 204 ILE ILE E . n 
E 5 268 GLN 268 205 205 GLN GLN E . n 
E 5 269 GLY 269 206 206 GLY GLY E . n 
E 5 270 GLU 270 207 207 GLU GLU E . n 
E 5 271 ARG 271 208 208 ARG ARG E . n 
E 5 272 ASP 272 209 209 ASP ASP E . n 
E 5 273 HIS 273 210 210 HIS HIS E . n 
E 5 274 TYR 274 211 211 TYR TYR E . n 
E 5 275 GLY 275 212 212 GLY GLY E . n 
E 5 276 TYR 276 213 213 TYR TYR E . n 
E 5 277 ARG 277 214 214 ARG ARG E . n 
E 5 278 GLN 278 215 215 GLN GLN E . n 
E 5 279 SER 279 216 216 SER SER E . n 
E 5 280 VAL 280 217 217 VAL VAL E . n 
E 5 281 THR 281 218 218 THR THR E . n 
E 5 282 TYR 282 219 219 TYR TYR E . n 
E 5 283 ALA 283 220 220 ALA ALA E . n 
E 5 284 CYS 284 221 221 CYS CYS E . n 
E 5 285 ASN 285 222 222 ASN ASN E . n 
E 5 286 LYS 286 223 223 LYS LYS E . n 
E 5 287 GLY 287 224 224 GLY GLY E . n 
E 5 288 PHE 288 225 225 PHE PHE E . n 
E 5 289 THR 289 226 226 THR THR E . n 
E 5 290 MET 290 227 227 MET MET E . n 
E 5 291 ILE 291 228 228 ILE ILE E . n 
E 5 292 GLY 292 229 229 GLY GLY E . n 
E 5 293 GLU 293 230 230 GLU GLU E . n 
E 5 294 HIS 294 231 231 HIS HIS E . n 
E 5 295 SER 295 232 232 SER SER E . n 
E 5 296 ILE 296 233 233 ILE ILE E . n 
E 5 297 TYR 297 234 234 TYR TYR E . n 
E 5 298 CYS 298 235 235 CYS CYS E . n 
E 5 299 THR 299 236 236 THR THR E . n 
E 5 300 VAL 300 237 237 VAL VAL E . n 
E 5 301 ASN 301 238 238 ASN ASN E . n 
E 5 302 ASN 302 239 239 ASN ASN E . n 
E 5 303 ASP 303 240 240 ASP ASP E . n 
E 5 304 GLU 304 241 241 GLU GLU E . n 
E 5 305 GLY 305 242 242 GLY GLY E . n 
E 5 306 GLU 306 243 243 GLU GLU E . n 
E 5 307 TRP 307 244 244 TRP TRP E . n 
E 5 308 SER 308 245 245 SER SER E . n 
E 5 309 GLY 309 246 246 GLY GLY E . n 
E 5 310 PRO 310 247 247 PRO PRO E . n 
E 5 311 PRO 311 248 248 PRO PRO E . n 
E 5 312 PRO 312 249 249 PRO PRO E . n 
E 5 313 GLU 313 250 250 GLU GLU E . n 
E 5 314 CYS 314 251 251 CYS CYS E . n 
E 5 315 ARG 315 252 252 ARG ARG E . n 
E 5 316 GLY 316 253 253 GLY GLY E . n 
# 
_cell.entry_id           2C8I 
_cell.length_a           1.000 
_cell.length_b           1.000 
_cell.length_c           1.000 
_cell.angle_alpha        90.00 
_cell.angle_beta         90.00 
_cell.angle_gamma        90.00 
_cell.Z_PDB              1 
_cell.pdbx_unique_axis   ? 
# 
_symmetry.entry_id                         2C8I 
_symmetry.space_group_name_H-M             'P 1' 
_symmetry.pdbx_full_space_group_name_H-M   ? 
_symmetry.cell_setting                     ? 
_symmetry.Int_Tables_number                1 
# 
_exptl.entry_id          2C8I 
_exptl.method            'ELECTRON MICROSCOPY' 
_exptl.crystals_number   ? 
# 
_exptl_crystal.id                    1 
_exptl_crystal.density_meas          ? 
_exptl_crystal.density_Matthews      ? 
_exptl_crystal.density_percent_sol   ? 
_exptl_crystal.description           ? 
# 
_diffrn.id                     1 
_diffrn.ambient_temp           ? 
_diffrn.ambient_temp_details   ? 
_diffrn.crystal_id             1 
# 
_diffrn_radiation.diffrn_id                        1 
_diffrn_radiation.wavelength_id                    1 
_diffrn_radiation.pdbx_monochromatic_or_laue_m_l   ? 
_diffrn_radiation.monochromator                    ? 
_diffrn_radiation.pdbx_diffrn_protocol             ? 
_diffrn_radiation.pdbx_scattering_type             ? 
# 
_diffrn_radiation_wavelength.id           1 
_diffrn_radiation_wavelength.wavelength   . 
_diffrn_radiation_wavelength.wt           1.0 
# 
_refine.pdbx_refine_id                           'ELECTRON MICROSCOPY' 
_refine.entry_id                                 2C8I 
_refine.pdbx_diffrn_id                           1 
_refine.pdbx_TLS_residual_ADP_flag               ? 
_refine.ls_number_reflns_obs                     ? 
_refine.ls_number_reflns_all                     ? 
_refine.pdbx_ls_sigma_I                          ? 
_refine.pdbx_ls_sigma_F                          ? 
_refine.pdbx_data_cutoff_high_absF               ? 
_refine.pdbx_data_cutoff_low_absF                ? 
_refine.pdbx_data_cutoff_high_rms_absF           ? 
_refine.ls_d_res_low                             ? 
_refine.ls_d_res_high                            14.00 
_refine.ls_percent_reflns_obs                    ? 
_refine.ls_R_factor_obs                          ? 
_refine.ls_R_factor_all                          ? 
_refine.ls_R_factor_R_work                       ? 
_refine.ls_R_factor_R_free                       ? 
_refine.ls_R_factor_R_free_error                 ? 
_refine.ls_R_factor_R_free_error_details         ? 
_refine.ls_percent_reflns_R_free                 ? 
_refine.ls_number_reflns_R_free                  ? 
_refine.ls_number_parameters                     ? 
_refine.ls_number_restraints                     ? 
_refine.occupancy_min                            ? 
_refine.occupancy_max                            ? 
_refine.correlation_coeff_Fo_to_Fc               ? 
_refine.correlation_coeff_Fo_to_Fc_free          ? 
_refine.B_iso_mean                               ? 
_refine.aniso_B[1][1]                            ? 
_refine.aniso_B[2][2]                            ? 
_refine.aniso_B[3][3]                            ? 
_refine.aniso_B[1][2]                            ? 
_refine.aniso_B[1][3]                            ? 
_refine.aniso_B[2][3]                            ? 
_refine.solvent_model_details                    ? 
_refine.solvent_model_param_ksol                 ? 
_refine.solvent_model_param_bsol                 ? 
_refine.pdbx_solvent_vdw_probe_radii             ? 
_refine.pdbx_solvent_ion_probe_radii             ? 
_refine.pdbx_solvent_shrinkage_radii             ? 
_refine.pdbx_ls_cross_valid_method               ? 
_refine.details                                  ? 
_refine.pdbx_starting_model                      ? 
_refine.pdbx_method_to_determine_struct          ? 
_refine.pdbx_isotropic_thermal_model             ? 
_refine.pdbx_stereochemistry_target_values       ? 
_refine.pdbx_stereochem_target_val_spec_case     ? 
_refine.pdbx_R_Free_selection_details            ? 
_refine.pdbx_overall_ESU_R                       ? 
_refine.pdbx_overall_ESU_R_Free                  ? 
_refine.overall_SU_ML                            ? 
_refine.pdbx_overall_phase_error                 ? 
_refine.overall_SU_B                             ? 
_refine.overall_SU_R_Cruickshank_DPI             ? 
_refine.pdbx_overall_SU_R_free_Cruickshank_DPI   ? 
_refine.pdbx_overall_SU_R_Blow_DPI               ? 
_refine.pdbx_overall_SU_R_free_Blow_DPI          ? 
# 
_refine_hist.pdbx_refine_id                   'ELECTRON MICROSCOPY' 
_refine_hist.cycle_id                         LAST 
_refine_hist.pdbx_number_atoms_protein        1091 
_refine_hist.pdbx_number_atoms_nucleic_acid   0 
_refine_hist.pdbx_number_atoms_ligand         0 
_refine_hist.number_atoms_solvent             0 
_refine_hist.number_atoms_total               1091 
_refine_hist.d_res_high                       14.00 
_refine_hist.d_res_low                        . 
# 
_struct.entry_id                  2C8I 
_struct.title                     
;Complex Of Echovirus Type 12 With Domains 1, 2, 3 and 4 Of Its Receptor Decay Accelerating Factor (Cd55) By Cryo Electron Microscopy At 16 A
;
_struct.pdbx_model_details        ? 
_struct.pdbx_CASP_flag            ? 
_struct.pdbx_model_type_details   'CA ATOMS ONLY, CHAIN A, B, C, D, E' 
# 
_struct_keywords.entry_id        2C8I 
_struct_keywords.pdbx_keywords   VIRUS/RECEPTOR 
_struct_keywords.text            
;PICORNAVIRUS, DAF, VIRUS-RECEPTOR COMPLEX, ANTIGEN, BLOOD GROUP ANTIGEN, COMPLEMENT PATHWAY, GPI-ANCHOR, IMMUNE RESPONSE, INNATE IMMUNITY, LIPOPROTEIN, PLASMA, SUSHI
;
# 
loop_
_struct_asym.id 
_struct_asym.pdbx_blank_PDB_chainid_flag 
_struct_asym.pdbx_modified 
_struct_asym.entity_id 
_struct_asym.details 
A N N 1 ? 
B N N 2 ? 
C N N 3 ? 
D N N 4 ? 
E N N 5 ? 
# 
loop_
_struct_ref.id 
_struct_ref.db_name 
_struct_ref.db_code 
_struct_ref.entity_id 
_struct_ref.pdbx_seq_one_letter_code 
_struct_ref.pdbx_align_begin 
_struct_ref.pdbx_db_accession 
_struct_ref.pdbx_db_isoform 
1 UNP POLG_EC11G 1 ? ? P29813 ? 
2 UNP POLG_EC11G 2 ? ? P29813 ? 
3 UNP POLG_EC11G 3 ? ? P29813 ? 
4 UNP POLG_EC11G 4 ? ? P29813 ? 
5 UNP DAF_HUMAN  5 ? ? P08174 ? 
# 
loop_
_struct_ref_seq.align_id 
_struct_ref_seq.ref_id 
_struct_ref_seq.pdbx_PDB_id_code 
_struct_ref_seq.pdbx_strand_id 
_struct_ref_seq.seq_align_beg 
_struct_ref_seq.pdbx_seq_align_beg_ins_code 
_struct_ref_seq.seq_align_end 
_struct_ref_seq.pdbx_seq_align_end_ins_code 
_struct_ref_seq.pdbx_db_accession 
_struct_ref_seq.db_align_beg 
_struct_ref_seq.pdbx_db_align_beg_ins_code 
_struct_ref_seq.db_align_end 
_struct_ref_seq.pdbx_db_align_end_ins_code 
_struct_ref_seq.pdbx_auth_seq_align_beg 
_struct_ref_seq.pdbx_auth_seq_align_end 
1 1 2C8I A 1  ? 289 ? P29813 569 ? 856 ? 1  289 
2 2 2C8I B 1  ? 252 ? P29813 78  ? 329 ? 10 261 
3 3 2C8I C 1  ? 238 ? P29813 331 ? 568 ? 1  238 
4 4 2C8I D 1  ? 60  ? P29813 22  ? 68  ? 2  69  
5 5 2C8I E 66 ? 316 ? P08174 1   ? 285 ? 3  253 
# 
loop_
_struct_ref_seq_dif.align_id 
_struct_ref_seq_dif.pdbx_pdb_id_code 
_struct_ref_seq_dif.mon_id 
_struct_ref_seq_dif.pdbx_pdb_strand_id 
_struct_ref_seq_dif.seq_num 
_struct_ref_seq_dif.pdbx_pdb_ins_code 
_struct_ref_seq_dif.pdbx_seq_db_name 
_struct_ref_seq_dif.pdbx_seq_db_accession_code 
_struct_ref_seq_dif.db_mon_id 
_struct_ref_seq_dif.pdbx_seq_db_seq_num 
_struct_ref_seq_dif.details 
_struct_ref_seq_dif.pdbx_auth_seq_num 
_struct_ref_seq_dif.pdbx_ordinal 
2 2C8I PHE B 217 ? UNP P29813 SER 304 conflict 226 1 
3 2C8I GLU C 63  ? UNP P29813 GLN 394 conflict 63  2 
# 
loop_
_pdbx_struct_assembly.id 
_pdbx_struct_assembly.details 
_pdbx_struct_assembly.method_details 
_pdbx_struct_assembly.oligomeric_details 
_pdbx_struct_assembly.oligomeric_count 
1 'complete icosahedral assembly'                ? 300-MERIC  300 
2 'icosahedral asymmetric unit'                  ? pentameric 5   
3 'icosahedral pentamer'                         ? 25-meric   25  
4 'icosahedral 23 hexamer'                       ? 30-meric   30  
5 'icosahedral asymmetric unit, std point frame' ? pentameric 5   
# 
loop_
_pdbx_struct_assembly_gen.assembly_id 
_pdbx_struct_assembly_gen.oper_expression 
_pdbx_struct_assembly_gen.asym_id_list 
1 '(1-60)'           A,B,C,D,E 
2 1                  A,B,C,D,E 
3 '(1-5)'            A,B,C,D,E 
4 '(1,2,6,10,23,24)' A,B,C,D,E 
5 P                  A,B,C,D,E 
# 
loop_
_pdbx_struct_oper_list.id 
_pdbx_struct_oper_list.type 
_pdbx_struct_oper_list.name 
_pdbx_struct_oper_list.symmetry_operation 
_pdbx_struct_oper_list.matrix[1][1] 
_pdbx_struct_oper_list.matrix[1][2] 
_pdbx_struct_oper_list.matrix[1][3] 
_pdbx_struct_oper_list.vector[1] 
_pdbx_struct_oper_list.matrix[2][1] 
_pdbx_struct_oper_list.matrix[2][2] 
_pdbx_struct_oper_list.matrix[2][3] 
_pdbx_struct_oper_list.vector[2] 
_pdbx_struct_oper_list.matrix[3][1] 
_pdbx_struct_oper_list.matrix[3][2] 
_pdbx_struct_oper_list.matrix[3][3] 
_pdbx_struct_oper_list.vector[3] 
P  'transform to point frame' ?     ?     0.84902866  0.28987597  0.44172646  -13.87329  0.52578078  -0.38125633 -0.76039344 25.43067   -0.05200878 0.87784710  -0.47610877 136.39058 
1  'identity operation'       1_555 x,y,z 1.00000000  0.00000000  0.00000000  0.00000    0.00000000  1.00000000  0.00000000  0.00000    0.00000000  0.00000000  1.00000000  0.00000   
2  'point symmetry operation' ?     ?     0.34626555  0.85302077  0.39045579  58.72958   -0.67773283 0.51523880  -0.52460193 -0.23730   -0.64867432 -0.08297312 0.75652963  16.78264  
3  'point symmetry operation' ?     ?     -0.71149899 0.70248377  -0.01690358 85.41607   -0.24357398 -0.26912130 -0.93179688 -48.96674  -0.65912131 -0.65885527 0.36258630  -8.59747  
4  'point symmetry operation' ?     ?     -0.71149899 -0.24357398 -0.65912131 43.17965   0.70248377  -0.26912130 -0.65885527 -78.84589  -0.01690358 -0.93179688 0.36258630  -41.06589 
5  'point symmetry operation' ?     ?     0.34626555  -0.67773283 -0.64867432 -9.61039   0.85302077  0.51523880  -0.08297312 -48.58278  0.39045579  -0.52460193 0.75652963  -35.75236 
6  'point symmetry operation' ?     ?     -0.99459017 -0.09131151 0.04952367  -3.18428   -0.09131151 0.54123106  -0.83590140 27.43428   0.04952367  -0.83590140 -0.54664089 50.93103  
7  'point symmetry operation' ?     ?     -0.31463224 -0.89956244 -0.30297517 -60.74334  0.14379968  0.27032998  -0.95196814 7.91452    0.93825807  -0.34308761 0.04430227  44.86382  
8  'point symmetry operation' ?     ?     0.69724890  -0.70673851 0.11985252  -84.09282  0.48409867  0.34093639  -0.80586032 0.31913    0.52867045  0.61990567  0.57984869  100.79224 
9  'point symmetry operation' ?     ?     0.64266792  0.22068416  0.73367325  -40.96454  0.45930381  0.65547462  -0.59949397 15.14467   -0.61320302 0.72225446  0.31989144  141.42513 
10 'point symmetry operation' ?     ?     -0.40294613 0.60103897  0.69020763  9.03969    0.10368077  0.77926354  -0.61806037 31.90275   -0.90933201 -0.17748378 -0.37631741 110.60921 
11 'point symmetry operation' ?     ?     -0.44710914 -0.40091450 -0.79960051 37.74465   -0.40091450 -0.70928722 0.57980963  -231.41709 -0.79960051 0.57980963  0.15639636  142.12990 
12 'point symmetry operation' ?     ?     0.63557474  -0.52161474 -0.56917730 -1.83816   -0.03422326 -0.75554931 0.65419722  -245.06358 -0.77128044 -0.39631212 -0.49805942 97.65685  
13 'point symmetry operation' ?     ?     0.94280378  0.32062873  0.09120444  26.06036   0.07584929  -0.47276227 0.87791954  -235.91505 0.32460424  -0.82078807 -0.47004151 44.09516  
14 'point symmetry operation' ?     ?     0.04999788  0.96186405  0.26891961  82.88540   -0.22281335 -0.25172817 0.94179995  -216.61446 0.97357815  -0.10700688 0.20173029  55.46527  
15 'point symmetry operation' ?     ?     -0.80901554 0.51592581  -0.28162813 90.10669   -0.51746959 -0.39790862 0.75755788  -213.83456 0.27878140  0.75861010  0.58889018  116.05407 
16 'point symmetry operation' ?     ?     0.44169932  0.49222601  0.75007684  -12.55490  0.49222601  -0.83194384 0.25609177  -220.06894 0.75007684  0.25609177  -0.60975547 168.54814 
17 'point symmetry operation' ?     ?     -0.66720805 0.56815641  0.48169669  25.85738   0.56815641  -0.03001947 0.82237285  -186.66540 0.48169669  0.82237285  -0.30277248 202.30576 
18 'point symmetry operation' ?     ?     -0.92855369 -0.31637398 -0.19415338 -5.37815   -0.31637398 0.40094718  0.85973767  -139.48910 -0.19415338 0.85973767  -0.47239348 225.31914 
19 'point symmetry operation' ?     ?     0.01883319  -0.93897422 -0.34347155 -63.09505  -0.93897422 -0.13462516 0.31654930  -143.73608 -0.34347155 0.31654930  -0.88420803 205.78456 
20 'point symmetry operation' ?     ?     0.86569611  -0.43923195 0.24009482  -67.53053  -0.43923195 -0.89659371 -0.05652438 -193.53717 0.24009482  -0.05652438 -0.96910240 170.69816 
21 'point symmetry operation' ?     ?     0.37490079  0.91755723  -0.13243157 112.68395  0.12278149  -0.19073503 -0.97393267 -38.86306  -0.91889831 0.34886798  -0.18416576 149.09099 
22 'point symmetry operation' ?     ?     -0.40613847 0.80354751  -0.43515852 132.26143  0.80354751  0.08727130  -0.58880821 -47.95206  -0.43515852 -0.58880821 -0.68113283 91.95090  
23 'point symmetry operation' ?     ?     -0.40294613 0.10368077  -0.90933201 100.91530  0.60103897  0.77926354  -0.17748378 -10.66252  0.69020763  -0.61806037 -0.37631741 55.10273  
24 'point symmetry operation' ?     ?     0.38006610  -0.21485094 -0.89966039 61.96484   -0.20488422 0.92893191  -0.30839576 21.47268   0.90198237  0.30153699  0.30903597  89.46940  
25 'point symmetry operation' ?     ?     0.86080193  0.28815237  -0.41950951 69.23827   -0.50046359 0.32943983  -0.80062824 4.04379    -0.09249978 0.89913159  0.42779222  147.55734 
26 'point symmetry operation' ?     ?     -0.46321468 0.57307745  -0.67602840 129.91781  -0.15293368 0.69966860  0.69790769  -94.09011  0.87295100  0.42666859  -0.23645392 152.20821 
27 'point symmetry operation' ?     ?     -0.11026643 -0.04376781 -0.99293790 91.23187   -0.97985884 0.17213322  0.10122651  -91.52513  0.16648713  0.98410087  -0.06186680 199.40669 
28 'point symmetry operation' ?     ?     0.63557474  -0.03422326 -0.77128044 68.10223   -0.52161474 -0.75554931 -0.39631212 -147.41383 -0.56917730 0.65419722  -0.49805942 207.91259 
29 'point symmetry operation' ?     ?     0.74358168  0.58852085  -0.31737907 92.49326   0.58852085  -0.80135327 -0.10712673 -184.51992 -0.31737907 -0.10712673 -0.94222842 165.97105 
30 'point symmetry operation' ?     ?     0.06449248  0.96385334  -0.25851007 130.69739  0.81637828  0.09802086  0.56913831  -151.56405 0.57390523  -0.24774716 -0.78054732 131.54385 
31 'point symmetry operation' ?     ?     -0.42959122 -0.87789988 0.21152584  -104.32646 0.80032878  -0.47863450 -0.36108567 -128.51433 0.41824063  0.01417098  0.90822572  7.49802   
32 'point symmetry operation' ?     ?     0.30901755  -0.83632927 0.45283716  -125.79788 0.83573960  0.46604641  0.29041357  -87.45774  -0.45392451 0.28871106  0.84297002  47.30018  
33 'point symmetry operation' ?     ?     0.38006610  -0.20488422 0.90198237  -99.85115  -0.21485094 0.92893191  0.30153699  -33.61179  -0.89966039 -0.30839576 0.30903597  34.72014  
34 'point symmetry operation' ?     ?     -0.31463224 0.14379968  0.93825807  -62.34376  -0.89956244 0.27032998  -0.34308761 -41.38974  -0.30297517 -0.95196814 0.04430227  -12.85692 
35 'point symmetry operation' ?     ?     -0.81502799 -0.27214687 0.51153245  -65.10965  -0.27214687 -0.59959391 -0.75261094 -100.04274 0.51153245  -0.75261094 0.41462190  -29.68112 
36 'point symmetry operation' ?     ?     0.51790511  -0.61273480 0.59693413  -116.26984 -0.77017659 -0.03029907 0.63711066  -162.58426 -0.37229333 -0.78970756 -0.48760604 52.81186  
37 'point symmetry operation' ?     ?     0.20738735  0.07654958  0.97525927  -75.68995  -0.65942827 -0.72545094 0.19716813  -197.11682 0.72259590  -0.68400372 -0.09997039 22.95131  
38 'point symmetry operation' ?     ?     -0.61269471 0.13542672  0.77863007  -47.16092  0.13542672  -0.95264614 0.27225891  -232.36361 0.77863007  0.27225891  0.56534086  63.87361  
39 'point symmetry operation' ?     ?     -0.80901554 -0.51746959 0.27878140  -70.10889  0.51592581  -0.39790862 0.75861010  -219.61477 -0.28162813 0.75755788  0.58889018  119.02554 
40 'point symmetry operation' ?     ?     -0.11026643 -0.97985884 0.16648713  -112.82055 -0.04376781 0.17213322  0.98410087  -176.48876 -0.99293790 0.10122651  -0.06186680 112.18900 
41 'point symmetry operation' ?     ?     0.37490079  0.12278149  -0.91889831 99.52582   0.91755723  -0.19073503 0.34886798  -162.81960 -0.13243157 -0.97393267 -0.18416576 4.53036   
42 'point symmetry operation' ?     ?     0.64266792  0.45930381  -0.61320302 106.09290  0.22068416  0.65547462  0.72225446  -103.03165 0.73367325  -0.59949397 0.31989144  -6.10697  
43 'point symmetry operation' ?     ?     0.30901755  0.83573960  -0.45392451 133.43636  -0.83632927 0.46604641  0.28871106  -78.10517  0.45283716  0.29041357  0.84297002  42.49224  
44 'point symmetry operation' ?     ?     -0.16495686 0.73186739  -0.66118027 143.76846  -0.79272643 -0.49723631 -0.35261999 -122.48770 -0.58683391 0.46596799  0.66219317  83.16553  
45 'point symmetry operation' ?     ?     -0.12423877 0.29123504  -0.94854987 122.81059  0.29123504  -0.90314957 -0.31544097 -174.84409 -0.94854987 -0.31544097 0.02738834  59.70380  
46 'point symmetry operation' ?     ?     -0.42959122 0.80032878  0.41824063  54.90001   -0.87789988 -0.47863450 0.01417098  -153.20583 0.21152584  -0.36108567 0.90822572  -31.14683 
47 'point symmetry operation' ?     ?     -0.96246369 0.01120747  -0.27117897 36.49956   0.01120747  -0.99665370 -0.08096774 -204.41312 -0.27117897 -0.08096774 0.95911739  -3.39589  
48 'point symmetry operation' ?     ?     -0.16495686 -0.79272643 -0.58683391 -24.57929  0.73186739  -0.49723631 0.46596799  -204.87726 -0.66118027 -0.35261999 0.66219317  -3.20638  
49 'point symmetry operation' ?     ?     0.86080193  -0.50046359 -0.09249978 -43.92765  0.28815237  0.32943983  0.89913159  -153.95682 -0.41950951 -0.80062824 0.42779222  -30.84020 
50 'point symmetry operation' ?     ?     0.69724890  0.48409867  0.52867045  5.19326    -0.70673851 0.34093639  0.61990567  -122.02212 0.11985252  -0.80586032 0.57984869  -48.10834 
51 'point symmetry operation' ?     ?     0.51790511  -0.77017659 -0.37229333 -45.34034  -0.61273480 -0.03029907 -0.78970756 -34.46280  0.59693413  0.63711066  -0.48760604 198.74098 
52 'point symmetry operation' ?     ?     0.94280378  0.07584929  0.32460424  -20.98930  0.32062873  -0.47276227 -0.82078807 -83.69465  0.09120444  0.87791954  -0.47004151 225.46417 
53 'point symmetry operation' ?     ?     0.06449248  0.81637828  0.57390523  39.81090   0.96385334  0.09802086  -0.24774716 -78.52707  -0.25851007 0.56913831  -0.78054732 222.72370 
54 'point symmetry operation' ?     ?     -0.90323242 0.42802448  0.03108415  53.03643   0.42802448  0.89324742  0.13749212  -26.10147  0.03108415  0.13749212  -0.99001500 194.30681 
55 'point symmetry operation' ?     ?     -0.62300801 -0.55252036 -0.55369872 0.41007    -0.54636057 0.81394135  -0.19745782 1.13174    0.55977775  0.17950134  -0.80896732 179.48467 
56 'point symmetry operation' ?     ?     -0.46321468 -0.15293368 0.87295100  -87.08002  0.57307745  0.69966860  0.42666859  -73.56353  -0.67602840 0.69790769  -0.23645392 189.48456 
57 'point symmetry operation' ?     ?     -0.62300801 -0.54636057 0.55977775  -99.59771  -0.55252036 0.81394135  0.17950134  -32.91234  -0.55369872 -0.19745782 -0.80896732 145.64776 
58 'point symmetry operation' ?     ?     -0.20855317 -0.85939145 0.46685319  -126.66251 -0.85939145 -0.06683096 -0.50693189 -62.54227  0.46685319  -0.50693189 -0.72461586 99.59952  
59 'point symmetry operation' ?     ?     0.20738735  -0.65942827 0.72259590  -130.87179 0.07654958  -0.72545094 -0.68400372 -121.50577 0.97525927  0.19716813  -0.09997039 114.97693 
60 'point symmetry operation' ?     ?     0.04999788  -0.22281335 0.97357815  -106.40846 0.96186405  -0.25172817 -0.10700688 -128.31728 0.26891961  0.94179995  0.20173029  170.52895  
# 
_struct_biol.id   1 
# 
_pdbx_point_symmetry.entry_id             2C8I 
_pdbx_point_symmetry.Schoenflies_symbol   I 
# 
_em_3d_fitting.id                1 
_em_3d_fitting.entry_id          2C8I 
_em_3d_fitting.ref_protocol      OTHER 
_em_3d_fitting.ref_space         REAL 
_em_3d_fitting.overall_b_value   ? 
_em_3d_fitting.target_criteria   'OPTIMAL CORRELATION' 
_em_3d_fitting.details           'METHOD--LOCAL CORRELATION REFINEMENT PROTOCOL--LOCAL CORRELATION' 
_em_3d_fitting.method            ? 
# 
_em_3d_fitting_list.3d_fitting_id                 1 
_em_3d_fitting_list.id                            1 
_em_3d_fitting_list.pdb_entry_id                  1H8T 
_em_3d_fitting_list.pdb_chain_id                  ? 
_em_3d_fitting_list.details                       ? 
_em_3d_fitting_list.initial_refinement_model_id   1 
_em_3d_fitting_list.chain_id                      ? 
_em_3d_fitting_list.chain_residue_range           ? 
_em_3d_fitting_list.pdb_chain_residue_range       ? 
_em_3d_fitting_list.source_name                   PDB 
_em_3d_fitting_list.type                          'experimental model' 
_em_3d_fitting_list.accession_code                1H8T 
# 
_em_3d_reconstruction.entry_id                    2C8I 
_em_3d_reconstruction.id                          1 
_em_3d_reconstruction.symmetry_type               POINT 
_em_3d_reconstruction.num_particles               1501 
_em_3d_reconstruction.image_processing_id         1 
_em_3d_reconstruction.method                      'POLAR FOURIER TRANSFORM METHOD' 
_em_3d_reconstruction.nominal_pixel_size          2.18 
_em_3d_reconstruction.actual_pixel_size           2.18 
_em_3d_reconstruction.resolution                  14 
_em_3d_reconstruction.magnification_calibration   ? 
_em_3d_reconstruction.details                     
'THE SEQUENCE OF THE ECHOVIRUS CAPSID PROTEINS IS FROM EV11 BUT THE EM DENSITY INTO WHICH THE STRUCTURE WAS FITTED IS THAT OF EV12' 
_em_3d_reconstruction.num_class_averages          ? 
_em_3d_reconstruction.resolution_method           ? 
_em_3d_reconstruction.algorithm                   ? 
# 
_em_buffer.id            1 
_em_buffer.specimen_id   1 
_em_buffer.name          'PHOSPHATE BUFFERED SALINE' 
_em_buffer.pH            7.4 
_em_buffer.details       'PHOSPHATE BUFFERED SALINE' 
# 
_em_entity_assembly.id                   1 
_em_entity_assembly.name                 'ECHOVIRUS TYPE 12 BOUND TO DECAY ACCELERATING FACTOR' 
_em_entity_assembly.type                 VIRUS 
_em_entity_assembly.parent_id            0 
_em_entity_assembly.synonym              ? 
_em_entity_assembly.details              'CRYO-NEGATIVE STAIN IMAGES. 96 FOCAL PAIRS.' 
_em_entity_assembly.oligomeric_details   ? 
# 
_em_image_scans.entry_id                2C8I 
_em_image_scans.id                      1 
_em_image_scans.image_recording_id      1 
_em_image_scans.number_digital_images   192 
_em_image_scans.citation_id             ? 
_em_image_scans.od_range                ? 
_em_image_scans.quant_bit_size          ? 
_em_image_scans.sampling_size           ? 
_em_image_scans.scanner_model           ? 
_em_image_scans.details                 ? 
# 
_em_imaging.entry_id                        2C8I 
_em_imaging.id                              1 
_em_imaging.microscope_model                'JEOL 1200' 
_em_imaging.illumination_mode               'FLOOD BEAM' 
_em_imaging.specimen_id                     1 
_em_imaging.date                            2004-09-01 
_em_imaging.temperature                     100 
_em_imaging.nominal_defocus_min             600 
_em_imaging.nominal_defocus_max             2800 
_em_imaging.tilt_angle_min                  0 
_em_imaging.tilt_angle_max                  0 
_em_imaging.nominal_cs                      3.4 
_em_imaging.mode                            'BRIGHT FIELD' 
_em_imaging.nominal_magnification           30000 
_em_imaging.calibrated_magnification        29100 
_em_imaging.electron_source                 LAB6 
_em_imaging.accelerating_voltage            120 
_em_imaging.details                         ? 
_em_imaging.specimen_holder_type            . 
_em_imaging.specimen_holder_model           . 
_em_imaging.citation_id                     ? 
_em_imaging.astigmatism                     ? 
_em_imaging.detector_distance               ? 
_em_imaging.electron_beam_tilt_params       ? 
_em_imaging.recording_temperature_maximum   ? 
_em_imaging.recording_temperature_minimum   ? 
# 
_em_sample_support.id               1 
_em_sample_support.specimen_id      1 
_em_sample_support.details          'HOLEY CARBON' 
_em_sample_support.method           ? 
_em_sample_support.film_material    ? 
_em_sample_support.grid_material    ? 
_em_sample_support.grid_mesh_size   ? 
_em_sample_support.grid_type        ? 
# 
_em_vitrification.entry_id              2C8I 
_em_vitrification.id                    1 
_em_vitrification.cryogen_name          ETHANE 
_em_vitrification.specimen_id           1 
_em_vitrification.details               'STAINED WITH AMMONIUM MOLYBDATE PH 7.2. VITRIFIED IN LIQUID ETHANE (CRYO-NEGATIVE STAIN)' 
_em_vitrification.citation_id           ? 
_em_vitrification.humidity              ? 
_em_vitrification.instrument            ? 
_em_vitrification.method                ? 
_em_vitrification.temp                  ? 
_em_vitrification.time_resolved_state   ? 
# 
_em_experiment.entry_id                2C8I 
_em_experiment.id                      1 
_em_experiment.aggregation_state       PARTICLE 
_em_experiment.entity_assembly_id      1 
_em_experiment.reconstruction_method   'SINGLE PARTICLE' 
# 
_em_single_particle_entity.entry_id              2C8I 
_em_single_particle_entity.id                    1 
_em_single_particle_entity.point_symmetry        I 
_em_single_particle_entity.image_processing_id   1 
# 
loop_
_pdbx_unobs_or_zero_occ_residues.id 
_pdbx_unobs_or_zero_occ_residues.PDB_model_num 
_pdbx_unobs_or_zero_occ_residues.polymer_flag 
_pdbx_unobs_or_zero_occ_residues.occupancy_flag 
_pdbx_unobs_or_zero_occ_residues.auth_asym_id 
_pdbx_unobs_or_zero_occ_residues.auth_comp_id 
_pdbx_unobs_or_zero_occ_residues.auth_seq_id 
_pdbx_unobs_or_zero_occ_residues.PDB_ins_code 
_pdbx_unobs_or_zero_occ_residues.label_asym_id 
_pdbx_unobs_or_zero_occ_residues.label_comp_id 
_pdbx_unobs_or_zero_occ_residues.label_seq_id 
1  1 Y 1 E GLN -62 ? E GLN 1  
2  1 Y 1 E ASP -61 ? E ASP 2  
3  1 Y 1 E CYS -60 ? E CYS 3  
4  1 Y 1 E GLY -59 ? E GLY 4  
5  1 Y 1 E LEU -58 ? E LEU 5  
6  1 Y 1 E PRO -57 ? E PRO 6  
7  1 Y 1 E PRO -56 ? E PRO 7  
8  1 Y 1 E ASP -55 ? E ASP 8  
9  1 Y 1 E VAL -54 ? E VAL 9  
10 1 Y 1 E PRO -53 ? E PRO 10 
11 1 Y 1 E ASN -52 ? E ASN 11 
12 1 Y 1 E ALA -51 ? E ALA 12 
13 1 Y 1 E GLN -50 ? E GLN 13 
14 1 Y 1 E PRO -49 ? E PRO 14 
15 1 Y 1 E ALA -48 ? E ALA 15 
16 1 Y 1 E LEU -47 ? E LEU 16 
17 1 Y 1 E GLU -46 ? E GLU 17 
18 1 Y 1 E GLY -45 ? E GLY 18 
19 1 Y 1 E ARG -44 ? E ARG 19 
20 1 Y 1 E THR -43 ? E THR 20 
21 1 Y 1 E SER -42 ? E SER 21 
22 1 Y 1 E PHE -41 ? E PHE 22 
23 1 Y 1 E PRO -40 ? E PRO 23 
24 1 Y 1 E GLU -39 ? E GLU 24 
25 1 Y 1 E ASP -38 ? E ASP 25 
26 1 Y 1 E THR -37 ? E THR 26 
27 1 Y 1 E VAL -36 ? E VAL 27 
28 1 Y 1 E ILE -35 ? E ILE 28 
29 1 Y 1 E THR -34 ? E THR 29 
30 1 Y 1 E TYR -33 ? E TYR 30 
31 1 Y 1 E LYS -32 ? E LYS 31 
32 1 Y 1 E CYS -31 ? E CYS 32 
33 1 Y 1 E GLU -30 ? E GLU 33 
34 1 Y 1 E GLU -29 ? E GLU 34 
35 1 Y 1 E SER -28 ? E SER 35 
36 1 Y 1 E PHE -27 ? E PHE 36 
37 1 Y 1 E VAL -26 ? E VAL 37 
38 1 Y 1 E LYS -25 ? E LYS 38 
39 1 Y 1 E ILE -24 ? E ILE 39 
40 1 Y 1 E PRO -23 ? E PRO 40 
41 1 Y 1 E GLY -22 ? E GLY 41 
42 1 Y 1 E GLU -21 ? E GLU 42 
43 1 Y 1 E LYS -20 ? E LYS 43 
44 1 Y 1 E ASP -19 ? E ASP 44 
45 1 Y 1 E SER -18 ? E SER 45 
46 1 Y 1 E VAL -17 ? E VAL 46 
47 1 Y 1 E ILE -16 ? E ILE 47 
48 1 Y 1 E CYS -15 ? E CYS 48 
49 1 Y 1 E LEU -14 ? E LEU 49 
50 1 Y 1 E LYS -13 ? E LYS 50 
51 1 Y 1 E GLY -12 ? E GLY 51 
52 1 Y 1 E SER -11 ? E SER 52 
53 1 Y 1 E GLN -10 ? E GLN 53 
54 1 Y 1 E TRP -9  ? E TRP 54 
55 1 Y 1 E SER -8  ? E SER 55 
56 1 Y 1 E ASP -7  ? E ASP 56 
57 1 Y 1 E ILE -6  ? E ILE 57 
58 1 Y 1 E GLU -5  ? E GLU 58 
59 1 Y 1 E GLU -4  ? E GLU 59 
60 1 Y 1 E PHE -3  ? E PHE 60 
61 1 Y 1 E CYS -2  ? E CYS 61 
62 1 Y 1 E ASN -1  ? E ASN 62 
63 1 Y 1 E ARG 0   ? E ARG 63 
64 1 Y 1 E SER 1   ? E SER 64 
# 
loop_
_chem_comp_atom.comp_id 
_chem_comp_atom.atom_id 
_chem_comp_atom.type_symbol 
_chem_comp_atom.pdbx_aromatic_flag 
_chem_comp_atom.pdbx_stereo_config 
_chem_comp_atom.pdbx_ordinal 
ALA N    N N N 1   
ALA CA   C N S 2   
ALA C    C N N 3   
ALA O    O N N 4   
ALA CB   C N N 5   
ALA OXT  O N N 6   
ALA H    H N N 7   
ALA H2   H N N 8   
ALA HA   H N N 9   
ALA HB1  H N N 10  
ALA HB2  H N N 11  
ALA HB3  H N N 12  
ALA HXT  H N N 13  
ARG N    N N N 14  
ARG CA   C N S 15  
ARG C    C N N 16  
ARG O    O N N 17  
ARG CB   C N N 18  
ARG CG   C N N 19  
ARG CD   C N N 20  
ARG NE   N N N 21  
ARG CZ   C N N 22  
ARG NH1  N N N 23  
ARG NH2  N N N 24  
ARG OXT  O N N 25  
ARG H    H N N 26  
ARG H2   H N N 27  
ARG HA   H N N 28  
ARG HB2  H N N 29  
ARG HB3  H N N 30  
ARG HG2  H N N 31  
ARG HG3  H N N 32  
ARG HD2  H N N 33  
ARG HD3  H N N 34  
ARG HE   H N N 35  
ARG HH11 H N N 36  
ARG HH12 H N N 37  
ARG HH21 H N N 38  
ARG HH22 H N N 39  
ARG HXT  H N N 40  
ASN N    N N N 41  
ASN CA   C N S 42  
ASN C    C N N 43  
ASN O    O N N 44  
ASN CB   C N N 45  
ASN CG   C N N 46  
ASN OD1  O N N 47  
ASN ND2  N N N 48  
ASN OXT  O N N 49  
ASN H    H N N 50  
ASN H2   H N N 51  
ASN HA   H N N 52  
ASN HB2  H N N 53  
ASN HB3  H N N 54  
ASN HD21 H N N 55  
ASN HD22 H N N 56  
ASN HXT  H N N 57  
ASP N    N N N 58  
ASP CA   C N S 59  
ASP C    C N N 60  
ASP O    O N N 61  
ASP CB   C N N 62  
ASP CG   C N N 63  
ASP OD1  O N N 64  
ASP OD2  O N N 65  
ASP OXT  O N N 66  
ASP H    H N N 67  
ASP H2   H N N 68  
ASP HA   H N N 69  
ASP HB2  H N N 70  
ASP HB3  H N N 71  
ASP HD2  H N N 72  
ASP HXT  H N N 73  
CYS N    N N N 74  
CYS CA   C N R 75  
CYS C    C N N 76  
CYS O    O N N 77  
CYS CB   C N N 78  
CYS SG   S N N 79  
CYS OXT  O N N 80  
CYS H    H N N 81  
CYS H2   H N N 82  
CYS HA   H N N 83  
CYS HB2  H N N 84  
CYS HB3  H N N 85  
CYS HG   H N N 86  
CYS HXT  H N N 87  
GLN N    N N N 88  
GLN CA   C N S 89  
GLN C    C N N 90  
GLN O    O N N 91  
GLN CB   C N N 92  
GLN CG   C N N 93  
GLN CD   C N N 94  
GLN OE1  O N N 95  
GLN NE2  N N N 96  
GLN OXT  O N N 97  
GLN H    H N N 98  
GLN H2   H N N 99  
GLN HA   H N N 100 
GLN HB2  H N N 101 
GLN HB3  H N N 102 
GLN HG2  H N N 103 
GLN HG3  H N N 104 
GLN HE21 H N N 105 
GLN HE22 H N N 106 
GLN HXT  H N N 107 
GLU N    N N N 108 
GLU CA   C N S 109 
GLU C    C N N 110 
GLU O    O N N 111 
GLU CB   C N N 112 
GLU CG   C N N 113 
GLU CD   C N N 114 
GLU OE1  O N N 115 
GLU OE2  O N N 116 
GLU OXT  O N N 117 
GLU H    H N N 118 
GLU H2   H N N 119 
GLU HA   H N N 120 
GLU HB2  H N N 121 
GLU HB3  H N N 122 
GLU HG2  H N N 123 
GLU HG3  H N N 124 
GLU HE2  H N N 125 
GLU HXT  H N N 126 
GLY N    N N N 127 
GLY CA   C N N 128 
GLY C    C N N 129 
GLY O    O N N 130 
GLY OXT  O N N 131 
GLY H    H N N 132 
GLY H2   H N N 133 
GLY HA2  H N N 134 
GLY HA3  H N N 135 
GLY HXT  H N N 136 
HIS N    N N N 137 
HIS CA   C N S 138 
HIS C    C N N 139 
HIS O    O N N 140 
HIS CB   C N N 141 
HIS CG   C Y N 142 
HIS ND1  N Y N 143 
HIS CD2  C Y N 144 
HIS CE1  C Y N 145 
HIS NE2  N Y N 146 
HIS OXT  O N N 147 
HIS H    H N N 148 
HIS H2   H N N 149 
HIS HA   H N N 150 
HIS HB2  H N N 151 
HIS HB3  H N N 152 
HIS HD1  H N N 153 
HIS HD2  H N N 154 
HIS HE1  H N N 155 
HIS HE2  H N N 156 
HIS HXT  H N N 157 
ILE N    N N N 158 
ILE CA   C N S 159 
ILE C    C N N 160 
ILE O    O N N 161 
ILE CB   C N S 162 
ILE CG1  C N N 163 
ILE CG2  C N N 164 
ILE CD1  C N N 165 
ILE OXT  O N N 166 
ILE H    H N N 167 
ILE H2   H N N 168 
ILE HA   H N N 169 
ILE HB   H N N 170 
ILE HG12 H N N 171 
ILE HG13 H N N 172 
ILE HG21 H N N 173 
ILE HG22 H N N 174 
ILE HG23 H N N 175 
ILE HD11 H N N 176 
ILE HD12 H N N 177 
ILE HD13 H N N 178 
ILE HXT  H N N 179 
LEU N    N N N 180 
LEU CA   C N S 181 
LEU C    C N N 182 
LEU O    O N N 183 
LEU CB   C N N 184 
LEU CG   C N N 185 
LEU CD1  C N N 186 
LEU CD2  C N N 187 
LEU OXT  O N N 188 
LEU H    H N N 189 
LEU H2   H N N 190 
LEU HA   H N N 191 
LEU HB2  H N N 192 
LEU HB3  H N N 193 
LEU HG   H N N 194 
LEU HD11 H N N 195 
LEU HD12 H N N 196 
LEU HD13 H N N 197 
LEU HD21 H N N 198 
LEU HD22 H N N 199 
LEU HD23 H N N 200 
LEU HXT  H N N 201 
LYS N    N N N 202 
LYS CA   C N S 203 
LYS C    C N N 204 
LYS O    O N N 205 
LYS CB   C N N 206 
LYS CG   C N N 207 
LYS CD   C N N 208 
LYS CE   C N N 209 
LYS NZ   N N N 210 
LYS OXT  O N N 211 
LYS H    H N N 212 
LYS H2   H N N 213 
LYS HA   H N N 214 
LYS HB2  H N N 215 
LYS HB3  H N N 216 
LYS HG2  H N N 217 
LYS HG3  H N N 218 
LYS HD2  H N N 219 
LYS HD3  H N N 220 
LYS HE2  H N N 221 
LYS HE3  H N N 222 
LYS HZ1  H N N 223 
LYS HZ2  H N N 224 
LYS HZ3  H N N 225 
LYS HXT  H N N 226 
MET N    N N N 227 
MET CA   C N S 228 
MET C    C N N 229 
MET O    O N N 230 
MET CB   C N N 231 
MET CG   C N N 232 
MET SD   S N N 233 
MET CE   C N N 234 
MET OXT  O N N 235 
MET H    H N N 236 
MET H2   H N N 237 
MET HA   H N N 238 
MET HB2  H N N 239 
MET HB3  H N N 240 
MET HG2  H N N 241 
MET HG3  H N N 242 
MET HE1  H N N 243 
MET HE2  H N N 244 
MET HE3  H N N 245 
MET HXT  H N N 246 
PHE N    N N N 247 
PHE CA   C N S 248 
PHE C    C N N 249 
PHE O    O N N 250 
PHE CB   C N N 251 
PHE CG   C Y N 252 
PHE CD1  C Y N 253 
PHE CD2  C Y N 254 
PHE CE1  C Y N 255 
PHE CE2  C Y N 256 
PHE CZ   C Y N 257 
PHE OXT  O N N 258 
PHE H    H N N 259 
PHE H2   H N N 260 
PHE HA   H N N 261 
PHE HB2  H N N 262 
PHE HB3  H N N 263 
PHE HD1  H N N 264 
PHE HD2  H N N 265 
PHE HE1  H N N 266 
PHE HE2  H N N 267 
PHE HZ   H N N 268 
PHE HXT  H N N 269 
PRO N    N N N 270 
PRO CA   C N S 271 
PRO C    C N N 272 
PRO O    O N N 273 
PRO CB   C N N 274 
PRO CG   C N N 275 
PRO CD   C N N 276 
PRO OXT  O N N 277 
PRO H    H N N 278 
PRO HA   H N N 279 
PRO HB2  H N N 280 
PRO HB3  H N N 281 
PRO HG2  H N N 282 
PRO HG3  H N N 283 
PRO HD2  H N N 284 
PRO HD3  H N N 285 
PRO HXT  H N N 286 
SER N    N N N 287 
SER CA   C N S 288 
SER C    C N N 289 
SER O    O N N 290 
SER CB   C N N 291 
SER OG   O N N 292 
SER OXT  O N N 293 
SER H    H N N 294 
SER H2   H N N 295 
SER HA   H N N 296 
SER HB2  H N N 297 
SER HB3  H N N 298 
SER HG   H N N 299 
SER HXT  H N N 300 
THR N    N N N 301 
THR CA   C N S 302 
THR C    C N N 303 
THR O    O N N 304 
THR CB   C N R 305 
THR OG1  O N N 306 
THR CG2  C N N 307 
THR OXT  O N N 308 
THR H    H N N 309 
THR H2   H N N 310 
THR HA   H N N 311 
THR HB   H N N 312 
THR HG1  H N N 313 
THR HG21 H N N 314 
THR HG22 H N N 315 
THR HG23 H N N 316 
THR HXT  H N N 317 
TRP N    N N N 318 
TRP CA   C N S 319 
TRP C    C N N 320 
TRP O    O N N 321 
TRP CB   C N N 322 
TRP CG   C Y N 323 
TRP CD1  C Y N 324 
TRP CD2  C Y N 325 
TRP NE1  N Y N 326 
TRP CE2  C Y N 327 
TRP CE3  C Y N 328 
TRP CZ2  C Y N 329 
TRP CZ3  C Y N 330 
TRP CH2  C Y N 331 
TRP OXT  O N N 332 
TRP H    H N N 333 
TRP H2   H N N 334 
TRP HA   H N N 335 
TRP HB2  H N N 336 
TRP HB3  H N N 337 
TRP HD1  H N N 338 
TRP HE1  H N N 339 
TRP HE3  H N N 340 
TRP HZ2  H N N 341 
TRP HZ3  H N N 342 
TRP HH2  H N N 343 
TRP HXT  H N N 344 
TYR N    N N N 345 
TYR CA   C N S 346 
TYR C    C N N 347 
TYR O    O N N 348 
TYR CB   C N N 349 
TYR CG   C Y N 350 
TYR CD1  C Y N 351 
TYR CD2  C Y N 352 
TYR CE1  C Y N 353 
TYR CE2  C Y N 354 
TYR CZ   C Y N 355 
TYR OH   O N N 356 
TYR OXT  O N N 357 
TYR H    H N N 358 
TYR H2   H N N 359 
TYR HA   H N N 360 
TYR HB2  H N N 361 
TYR HB3  H N N 362 
TYR HD1  H N N 363 
TYR HD2  H N N 364 
TYR HE1  H N N 365 
TYR HE2  H N N 366 
TYR HH   H N N 367 
TYR HXT  H N N 368 
VAL N    N N N 369 
VAL CA   C N S 370 
VAL C    C N N 371 
VAL O    O N N 372 
VAL CB   C N N 373 
VAL CG1  C N N 374 
VAL CG2  C N N 375 
VAL OXT  O N N 376 
VAL H    H N N 377 
VAL H2   H N N 378 
VAL HA   H N N 379 
VAL HB   H N N 380 
VAL HG11 H N N 381 
VAL HG12 H N N 382 
VAL HG13 H N N 383 
VAL HG21 H N N 384 
VAL HG22 H N N 385 
VAL HG23 H N N 386 
VAL HXT  H N N 387 
# 
loop_
_chem_comp_bond.comp_id 
_chem_comp_bond.atom_id_1 
_chem_comp_bond.atom_id_2 
_chem_comp_bond.value_order 
_chem_comp_bond.pdbx_aromatic_flag 
_chem_comp_bond.pdbx_stereo_config 
_chem_comp_bond.pdbx_ordinal 
ALA N   CA   sing N N 1   
ALA N   H    sing N N 2   
ALA N   H2   sing N N 3   
ALA CA  C    sing N N 4   
ALA CA  CB   sing N N 5   
ALA CA  HA   sing N N 6   
ALA C   O    doub N N 7   
ALA C   OXT  sing N N 8   
ALA CB  HB1  sing N N 9   
ALA CB  HB2  sing N N 10  
ALA CB  HB3  sing N N 11  
ALA OXT HXT  sing N N 12  
ARG N   CA   sing N N 13  
ARG N   H    sing N N 14  
ARG N   H2   sing N N 15  
ARG CA  C    sing N N 16  
ARG CA  CB   sing N N 17  
ARG CA  HA   sing N N 18  
ARG C   O    doub N N 19  
ARG C   OXT  sing N N 20  
ARG CB  CG   sing N N 21  
ARG CB  HB2  sing N N 22  
ARG CB  HB3  sing N N 23  
ARG CG  CD   sing N N 24  
ARG CG  HG2  sing N N 25  
ARG CG  HG3  sing N N 26  
ARG CD  NE   sing N N 27  
ARG CD  HD2  sing N N 28  
ARG CD  HD3  sing N N 29  
ARG NE  CZ   sing N N 30  
ARG NE  HE   sing N N 31  
ARG CZ  NH1  sing N N 32  
ARG CZ  NH2  doub N N 33  
ARG NH1 HH11 sing N N 34  
ARG NH1 HH12 sing N N 35  
ARG NH2 HH21 sing N N 36  
ARG NH2 HH22 sing N N 37  
ARG OXT HXT  sing N N 38  
ASN N   CA   sing N N 39  
ASN N   H    sing N N 40  
ASN N   H2   sing N N 41  
ASN CA  C    sing N N 42  
ASN CA  CB   sing N N 43  
ASN CA  HA   sing N N 44  
ASN C   O    doub N N 45  
ASN C   OXT  sing N N 46  
ASN CB  CG   sing N N 47  
ASN CB  HB2  sing N N 48  
ASN CB  HB3  sing N N 49  
ASN CG  OD1  doub N N 50  
ASN CG  ND2  sing N N 51  
ASN ND2 HD21 sing N N 52  
ASN ND2 HD22 sing N N 53  
ASN OXT HXT  sing N N 54  
ASP N   CA   sing N N 55  
ASP N   H    sing N N 56  
ASP N   H2   sing N N 57  
ASP CA  C    sing N N 58  
ASP CA  CB   sing N N 59  
ASP CA  HA   sing N N 60  
ASP C   O    doub N N 61  
ASP C   OXT  sing N N 62  
ASP CB  CG   sing N N 63  
ASP CB  HB2  sing N N 64  
ASP CB  HB3  sing N N 65  
ASP CG  OD1  doub N N 66  
ASP CG  OD2  sing N N 67  
ASP OD2 HD2  sing N N 68  
ASP OXT HXT  sing N N 69  
CYS N   CA   sing N N 70  
CYS N   H    sing N N 71  
CYS N   H2   sing N N 72  
CYS CA  C    sing N N 73  
CYS CA  CB   sing N N 74  
CYS CA  HA   sing N N 75  
CYS C   O    doub N N 76  
CYS C   OXT  sing N N 77  
CYS CB  SG   sing N N 78  
CYS CB  HB2  sing N N 79  
CYS CB  HB3  sing N N 80  
CYS SG  HG   sing N N 81  
CYS OXT HXT  sing N N 82  
GLN N   CA   sing N N 83  
GLN N   H    sing N N 84  
GLN N   H2   sing N N 85  
GLN CA  C    sing N N 86  
GLN CA  CB   sing N N 87  
GLN CA  HA   sing N N 88  
GLN C   O    doub N N 89  
GLN C   OXT  sing N N 90  
GLN CB  CG   sing N N 91  
GLN CB  HB2  sing N N 92  
GLN CB  HB3  sing N N 93  
GLN CG  CD   sing N N 94  
GLN CG  HG2  sing N N 95  
GLN CG  HG3  sing N N 96  
GLN CD  OE1  doub N N 97  
GLN CD  NE2  sing N N 98  
GLN NE2 HE21 sing N N 99  
GLN NE2 HE22 sing N N 100 
GLN OXT HXT  sing N N 101 
GLU N   CA   sing N N 102 
GLU N   H    sing N N 103 
GLU N   H2   sing N N 104 
GLU CA  C    sing N N 105 
GLU CA  CB   sing N N 106 
GLU CA  HA   sing N N 107 
GLU C   O    doub N N 108 
GLU C   OXT  sing N N 109 
GLU CB  CG   sing N N 110 
GLU CB  HB2  sing N N 111 
GLU CB  HB3  sing N N 112 
GLU CG  CD   sing N N 113 
GLU CG  HG2  sing N N 114 
GLU CG  HG3  sing N N 115 
GLU CD  OE1  doub N N 116 
GLU CD  OE2  sing N N 117 
GLU OE2 HE2  sing N N 118 
GLU OXT HXT  sing N N 119 
GLY N   CA   sing N N 120 
GLY N   H    sing N N 121 
GLY N   H2   sing N N 122 
GLY CA  C    sing N N 123 
GLY CA  HA2  sing N N 124 
GLY CA  HA3  sing N N 125 
GLY C   O    doub N N 126 
GLY C   OXT  sing N N 127 
GLY OXT HXT  sing N N 128 
HIS N   CA   sing N N 129 
HIS N   H    sing N N 130 
HIS N   H2   sing N N 131 
HIS CA  C    sing N N 132 
HIS CA  CB   sing N N 133 
HIS CA  HA   sing N N 134 
HIS C   O    doub N N 135 
HIS C   OXT  sing N N 136 
HIS CB  CG   sing N N 137 
HIS CB  HB2  sing N N 138 
HIS CB  HB3  sing N N 139 
HIS CG  ND1  sing Y N 140 
HIS CG  CD2  doub Y N 141 
HIS ND1 CE1  doub Y N 142 
HIS ND1 HD1  sing N N 143 
HIS CD2 NE2  sing Y N 144 
HIS CD2 HD2  sing N N 145 
HIS CE1 NE2  sing Y N 146 
HIS CE1 HE1  sing N N 147 
HIS NE2 HE2  sing N N 148 
HIS OXT HXT  sing N N 149 
ILE N   CA   sing N N 150 
ILE N   H    sing N N 151 
ILE N   H2   sing N N 152 
ILE CA  C    sing N N 153 
ILE CA  CB   sing N N 154 
ILE CA  HA   sing N N 155 
ILE C   O    doub N N 156 
ILE C   OXT  sing N N 157 
ILE CB  CG1  sing N N 158 
ILE CB  CG2  sing N N 159 
ILE CB  HB   sing N N 160 
ILE CG1 CD1  sing N N 161 
ILE CG1 HG12 sing N N 162 
ILE CG1 HG13 sing N N 163 
ILE CG2 HG21 sing N N 164 
ILE CG2 HG22 sing N N 165 
ILE CG2 HG23 sing N N 166 
ILE CD1 HD11 sing N N 167 
ILE CD1 HD12 sing N N 168 
ILE CD1 HD13 sing N N 169 
ILE OXT HXT  sing N N 170 
LEU N   CA   sing N N 171 
LEU N   H    sing N N 172 
LEU N   H2   sing N N 173 
LEU CA  C    sing N N 174 
LEU CA  CB   sing N N 175 
LEU CA  HA   sing N N 176 
LEU C   O    doub N N 177 
LEU C   OXT  sing N N 178 
LEU CB  CG   sing N N 179 
LEU CB  HB2  sing N N 180 
LEU CB  HB3  sing N N 181 
LEU CG  CD1  sing N N 182 
LEU CG  CD2  sing N N 183 
LEU CG  HG   sing N N 184 
LEU CD1 HD11 sing N N 185 
LEU CD1 HD12 sing N N 186 
LEU CD1 HD13 sing N N 187 
LEU CD2 HD21 sing N N 188 
LEU CD2 HD22 sing N N 189 
LEU CD2 HD23 sing N N 190 
LEU OXT HXT  sing N N 191 
LYS N   CA   sing N N 192 
LYS N   H    sing N N 193 
LYS N   H2   sing N N 194 
LYS CA  C    sing N N 195 
LYS CA  CB   sing N N 196 
LYS CA  HA   sing N N 197 
LYS C   O    doub N N 198 
LYS C   OXT  sing N N 199 
LYS CB  CG   sing N N 200 
LYS CB  HB2  sing N N 201 
LYS CB  HB3  sing N N 202 
LYS CG  CD   sing N N 203 
LYS CG  HG2  sing N N 204 
LYS CG  HG3  sing N N 205 
LYS CD  CE   sing N N 206 
LYS CD  HD2  sing N N 207 
LYS CD  HD3  sing N N 208 
LYS CE  NZ   sing N N 209 
LYS CE  HE2  sing N N 210 
LYS CE  HE3  sing N N 211 
LYS NZ  HZ1  sing N N 212 
LYS NZ  HZ2  sing N N 213 
LYS NZ  HZ3  sing N N 214 
LYS OXT HXT  sing N N 215 
MET N   CA   sing N N 216 
MET N   H    sing N N 217 
MET N   H2   sing N N 218 
MET CA  C    sing N N 219 
MET CA  CB   sing N N 220 
MET CA  HA   sing N N 221 
MET C   O    doub N N 222 
MET C   OXT  sing N N 223 
MET CB  CG   sing N N 224 
MET CB  HB2  sing N N 225 
MET CB  HB3  sing N N 226 
MET CG  SD   sing N N 227 
MET CG  HG2  sing N N 228 
MET CG  HG3  sing N N 229 
MET SD  CE   sing N N 230 
MET CE  HE1  sing N N 231 
MET CE  HE2  sing N N 232 
MET CE  HE3  sing N N 233 
MET OXT HXT  sing N N 234 
PHE N   CA   sing N N 235 
PHE N   H    sing N N 236 
PHE N   H2   sing N N 237 
PHE CA  C    sing N N 238 
PHE CA  CB   sing N N 239 
PHE CA  HA   sing N N 240 
PHE C   O    doub N N 241 
PHE C   OXT  sing N N 242 
PHE CB  CG   sing N N 243 
PHE CB  HB2  sing N N 244 
PHE CB  HB3  sing N N 245 
PHE CG  CD1  doub Y N 246 
PHE CG  CD2  sing Y N 247 
PHE CD1 CE1  sing Y N 248 
PHE CD1 HD1  sing N N 249 
PHE CD2 CE2  doub Y N 250 
PHE CD2 HD2  sing N N 251 
PHE CE1 CZ   doub Y N 252 
PHE CE1 HE1  sing N N 253 
PHE CE2 CZ   sing Y N 254 
PHE CE2 HE2  sing N N 255 
PHE CZ  HZ   sing N N 256 
PHE OXT HXT  sing N N 257 
PRO N   CA   sing N N 258 
PRO N   CD   sing N N 259 
PRO N   H    sing N N 260 
PRO CA  C    sing N N 261 
PRO CA  CB   sing N N 262 
PRO CA  HA   sing N N 263 
PRO C   O    doub N N 264 
PRO C   OXT  sing N N 265 
PRO CB  CG   sing N N 266 
PRO CB  HB2  sing N N 267 
PRO CB  HB3  sing N N 268 
PRO CG  CD   sing N N 269 
PRO CG  HG2  sing N N 270 
PRO CG  HG3  sing N N 271 
PRO CD  HD2  sing N N 272 
PRO CD  HD3  sing N N 273 
PRO OXT HXT  sing N N 274 
SER N   CA   sing N N 275 
SER N   H    sing N N 276 
SER N   H2   sing N N 277 
SER CA  C    sing N N 278 
SER CA  CB   sing N N 279 
SER CA  HA   sing N N 280 
SER C   O    doub N N 281 
SER C   OXT  sing N N 282 
SER CB  OG   sing N N 283 
SER CB  HB2  sing N N 284 
SER CB  HB3  sing N N 285 
SER OG  HG   sing N N 286 
SER OXT HXT  sing N N 287 
THR N   CA   sing N N 288 
THR N   H    sing N N 289 
THR N   H2   sing N N 290 
THR CA  C    sing N N 291 
THR CA  CB   sing N N 292 
THR CA  HA   sing N N 293 
THR C   O    doub N N 294 
THR C   OXT  sing N N 295 
THR CB  OG1  sing N N 296 
THR CB  CG2  sing N N 297 
THR CB  HB   sing N N 298 
THR OG1 HG1  sing N N 299 
THR CG2 HG21 sing N N 300 
THR CG2 HG22 sing N N 301 
THR CG2 HG23 sing N N 302 
THR OXT HXT  sing N N 303 
TRP N   CA   sing N N 304 
TRP N   H    sing N N 305 
TRP N   H2   sing N N 306 
TRP CA  C    sing N N 307 
TRP CA  CB   sing N N 308 
TRP CA  HA   sing N N 309 
TRP C   O    doub N N 310 
TRP C   OXT  sing N N 311 
TRP CB  CG   sing N N 312 
TRP CB  HB2  sing N N 313 
TRP CB  HB3  sing N N 314 
TRP CG  CD1  doub Y N 315 
TRP CG  CD2  sing Y N 316 
TRP CD1 NE1  sing Y N 317 
TRP CD1 HD1  sing N N 318 
TRP CD2 CE2  doub Y N 319 
TRP CD2 CE3  sing Y N 320 
TRP NE1 CE2  sing Y N 321 
TRP NE1 HE1  sing N N 322 
TRP CE2 CZ2  sing Y N 323 
TRP CE3 CZ3  doub Y N 324 
TRP CE3 HE3  sing N N 325 
TRP CZ2 CH2  doub Y N 326 
TRP CZ2 HZ2  sing N N 327 
TRP CZ3 CH2  sing Y N 328 
TRP CZ3 HZ3  sing N N 329 
TRP CH2 HH2  sing N N 330 
TRP OXT HXT  sing N N 331 
TYR N   CA   sing N N 332 
TYR N   H    sing N N 333 
TYR N   H2   sing N N 334 
TYR CA  C    sing N N 335 
TYR CA  CB   sing N N 336 
TYR CA  HA   sing N N 337 
TYR C   O    doub N N 338 
TYR C   OXT  sing N N 339 
TYR CB  CG   sing N N 340 
TYR CB  HB2  sing N N 341 
TYR CB  HB3  sing N N 342 
TYR CG  CD1  doub Y N 343 
TYR CG  CD2  sing Y N 344 
TYR CD1 CE1  sing Y N 345 
TYR CD1 HD1  sing N N 346 
TYR CD2 CE2  doub Y N 347 
TYR CD2 HD2  sing N N 348 
TYR CE1 CZ   doub Y N 349 
TYR CE1 HE1  sing N N 350 
TYR CE2 CZ   sing Y N 351 
TYR CE2 HE2  sing N N 352 
TYR CZ  OH   sing N N 353 
TYR OH  HH   sing N N 354 
TYR OXT HXT  sing N N 355 
VAL N   CA   sing N N 356 
VAL N   H    sing N N 357 
VAL N   H2   sing N N 358 
VAL CA  C    sing N N 359 
VAL CA  CB   sing N N 360 
VAL CA  HA   sing N N 361 
VAL C   O    doub N N 362 
VAL C   OXT  sing N N 363 
VAL CB  CG1  sing N N 364 
VAL CB  CG2  sing N N 365 
VAL CB  HB   sing N N 366 
VAL CG1 HG11 sing N N 367 
VAL CG1 HG12 sing N N 368 
VAL CG1 HG13 sing N N 369 
VAL CG2 HG21 sing N N 370 
VAL CG2 HG22 sing N N 371 
VAL CG2 HG23 sing N N 372 
VAL OXT HXT  sing N N 373 
# 
_em_ctf_correction.id        1 
_em_ctf_correction.details   'DEFOCUS PAIR IMAGES OF INDIVIDUAL PARTICLES' 
_em_ctf_correction.type      ? 
# 
_em_image_processing.id                   1 
_em_image_processing.image_recording_id   1 
_em_image_processing.details              ? 
# 
_em_image_recording.avg_electron_dose_per_image   ? 
_em_image_recording.details                       ? 
_em_image_recording.id                            1 
_em_image_recording.film_or_detector_model        'KODAK SO-163 FILM' 
_em_image_recording.imaging_id                    1 
_em_image_recording.detector_mode                 ? 
_em_image_recording.average_exposure_time         ? 
_em_image_recording.num_diffraction_images        ? 
_em_image_recording.num_grids_imaged              ? 
_em_image_recording.num_real_images               ? 
# 
loop_
_em_software.id 
_em_software.name 
_em_software.version 
_em_software.category 
_em_software.details 
_em_software.image_processing_id 
_em_software.imaging_id 
_em_software.fitting_id 
1 EM3DR 2 RECONSTRUCTION ? 1 ? ? 
2 PFT   2 RECONSTRUCTION ? 1 ? ? 
# 
_em_specimen.experiment_id           1 
_em_specimen.id                      1 
_em_specimen.concentration           0.2 
_em_specimen.vitrification_applied   YES 
_em_specimen.staining_applied        YES 
_em_specimen.embedding_applied       NO 
_em_specimen.shadowing_applied       NO 
_em_specimen.details                 ? 
# 
_em_staining.id            1 
_em_staining.specimen_id   1 
_em_staining.material      'Ammonium Molybdate' 
_em_staining.type          NEGATIVE 
# 
loop_
_pdbx_coordinate_model.asym_id 
_pdbx_coordinate_model.type 
A 'CA ATOMS ONLY' 
B 'CA ATOMS ONLY' 
C 'CA ATOMS ONLY' 
D 'CA ATOMS ONLY' 
E 'CA ATOMS ONLY' 
# 
_pdbx_initial_refinement_model.id               1 
_pdbx_initial_refinement_model.type             'experimental model' 
_pdbx_initial_refinement_model.source_name      PDB 
_pdbx_initial_refinement_model.accession_code   1H8T 
# 
_atom_sites.entry_id                    2C8I 
_atom_sites.fract_transf_matrix[1][1]   1.000000 
_atom_sites.fract_transf_matrix[1][2]   0.000000 
_atom_sites.fract_transf_matrix[1][3]   0.000000 
_atom_sites.fract_transf_matrix[2][1]   0.000000 
_atom_sites.fract_transf_matrix[2][2]   1.000000 
_atom_sites.fract_transf_matrix[2][3]   0.000000 
_atom_sites.fract_transf_matrix[3][1]   0.000000 
_atom_sites.fract_transf_matrix[3][2]   0.000000 
_atom_sites.fract_transf_matrix[3][3]   1.000000 
_atom_sites.fract_transf_vector[1]      0.00000 
_atom_sites.fract_transf_vector[2]      0.00000 
_atom_sites.fract_transf_vector[3]      0.00000 
# 
_atom_type.symbol   C 
# 
loop_
_atom_site.group_PDB 
_atom_site.id 
_atom_site.type_symbol 
_atom_site.label_atom_id 
_atom_site.label_alt_id 
_atom_site.label_comp_id 
_atom_site.label_asym_id 
_atom_site.label_entity_id 
_atom_site.label_seq_id 
_atom_site.pdbx_PDB_ins_code 
_atom_site.Cartn_x 
_atom_site.Cartn_y 
_atom_site.Cartn_z 
_atom_site.occupancy 
_atom_site.B_iso_or_equiv 
_atom_site.pdbx_formal_charge 
_atom_site.auth_seq_id 
_atom_site.auth_comp_id 
_atom_site.auth_asym_id 
_atom_site.auth_atom_id 
_atom_site.pdbx_PDB_model_num 
ATOM 1    C CA . GLY A 1 1   ? 8.166   -30.649 11.884  1.00 95.00 ? 1   GLY A CA 1 
ATOM 2    C CA . ASP A 1 2   ? 11.553  -28.914 11.179  1.00 95.00 ? 2   ASP A CA 1 
ATOM 3    C CA . VAL A 1 3   ? 11.281  -26.876 7.839   1.00 95.00 ? 3   VAL A CA 1 
ATOM 4    C CA . VAL A 1 4   ? 15.100  -26.940 7.152   1.00 95.00 ? 4   VAL A CA 1 
ATOM 5    C CA . GLU A 1 5   ? 15.446  -30.790 6.582   1.00 95.00 ? 5   GLU A CA 1 
ATOM 6    C CA . ALA A 1 6   ? 15.767  -32.528 3.105   1.00 95.00 ? 6   ALA A CA 1 
ATOM 7    C CA . VAL A 1 7   ? 13.540  -35.628 3.990   1.00 95.00 ? 7   VAL A CA 1 
ATOM 8    C CA . GLU A 1 8   ? 10.043  -36.212 5.790   1.00 95.00 ? 8   GLU A CA 1 
ATOM 9    C CA . ASN A 1 9   ? 7.344   -39.067 5.126   1.00 95.00 ? 9   ASN A CA 1 
ATOM 10   C CA . ALA A 1 10  ? 3.464   -39.132 4.974   1.00 95.00 ? 10  ALA A CA 1 
ATOM 11   C CA . VAL A 1 11  ? 1.111   -39.274 1.955   1.00 95.00 ? 11  VAL A CA 1 
ATOM 12   C CA . ALA A 1 12  ? -1.087  -36.239 1.285   1.00 95.00 ? 12  ALA A CA 1 
ATOM 13   C CA . ARG A 1 13  ? -4.305  -38.154 0.429   1.00 95.00 ? 13  ARG A CA 1 
ATOM 14   C CA . VAL A 1 14  ? -7.521  -36.298 -0.402  1.00 95.00 ? 14  VAL A CA 1 
ATOM 15   C CA . ALA A 1 15  ? -10.846 -37.416 1.118   1.00 95.00 ? 15  ALA A CA 1 
ATOM 16   C CA . ASP A 1 16  ? -12.709 -40.600 0.249   1.00 95.00 ? 16  ASP A CA 1 
ATOM 17   C CA . THR A 1 17  ? -16.252 -40.241 -0.989  1.00 95.00 ? 17  THR A CA 1 
ATOM 18   C CA . ILE A 1 18  ? -18.478 -41.668 1.712   1.00 95.00 ? 18  ILE A CA 1 
ATOM 19   C CA . GLY A 1 19  ? -21.283 -43.861 0.391   1.00 95.00 ? 19  GLY A CA 1 
ATOM 20   C CA . SER A 1 20  ? -24.638 -42.099 0.802   1.00 95.00 ? 20  SER A CA 1 
ATOM 21   C CA . GLY A 1 21  ? -28.252 -43.161 0.479   1.00 95.00 ? 21  GLY A CA 1 
ATOM 22   C CA . PRO A 1 22  ? -31.768 -41.490 0.568   1.00 95.00 ? 22  PRO A CA 1 
ATOM 23   C CA . SER A 1 23  ? -32.777 -39.027 3.350   1.00 95.00 ? 23  SER A CA 1 
ATOM 24   C CA . ASN A 1 24  ? -35.873 -37.336 4.791   1.00 95.00 ? 24  ASN A CA 1 
ATOM 25   C CA . SER A 1 25  ? -35.105 -35.223 7.875   1.00 95.00 ? 25  SER A CA 1 
ATOM 26   C CA . GLN A 1 26  ? -34.494 -31.788 9.399   1.00 95.00 ? 26  GLN A CA 1 
ATOM 27   C CA . ALA A 1 27  ? -30.766 -31.983 8.404   1.00 95.00 ? 27  ALA A CA 1 
ATOM 28   C CA . VAL A 1 28  ? -30.218 -29.156 6.025   1.00 95.00 ? 28  VAL A CA 1 
ATOM 29   C CA . PRO A 1 29  ? -26.413 -29.225 5.186   1.00 95.00 ? 29  PRO A CA 1 
ATOM 30   C CA . ALA A 1 30  ? -27.033 -27.575 1.802   1.00 95.00 ? 30  ALA A CA 1 
ATOM 31   C CA . LEU A 1 31  ? -28.497 -24.461 3.555   1.00 95.00 ? 31  LEU A CA 1 
ATOM 32   C CA . THR A 1 32  ? -25.895 -22.222 5.296   1.00 95.00 ? 32  THR A CA 1 
ATOM 33   C CA . ALA A 1 33  ? -25.349 -18.518 5.988   1.00 95.00 ? 33  ALA A CA 1 
ATOM 34   C CA . VAL A 1 34  ? -22.470 -17.157 3.968   1.00 95.00 ? 34  VAL A CA 1 
ATOM 35   C CA . GLU A 1 35  ? -22.659 -13.869 6.001   1.00 95.00 ? 35  GLU A CA 1 
ATOM 36   C CA . THR A 1 36  ? -20.787 -15.460 8.895   1.00 95.00 ? 36  THR A CA 1 
ATOM 37   C CA . GLY A 1 37  ? -17.644 -15.442 6.735   1.00 95.00 ? 37  GLY A CA 1 
ATOM 38   C CA . HIS A 1 38  ? -17.416 -19.264 6.922   1.00 95.00 ? 38  HIS A CA 1 
ATOM 39   C CA . THR A 1 39  ? -16.983 -21.431 3.734   1.00 95.00 ? 39  THR A CA 1 
ATOM 40   C CA . SER A 1 40  ? -19.443 -24.359 3.643   1.00 95.00 ? 40  SER A CA 1 
ATOM 41   C CA . GLN A 1 41  ? -17.989 -27.848 4.260   1.00 95.00 ? 41  GLN A CA 1 
ATOM 42   C CA . VAL A 1 42  ? -20.541 -29.735 2.111   1.00 95.00 ? 42  VAL A CA 1 
ATOM 43   C CA . THR A 1 43  ? -19.278 -32.741 0.057   1.00 95.00 ? 43  THR A CA 1 
ATOM 44   C CA . PRO A 1 44  ? -21.149 -34.598 -2.687  1.00 95.00 ? 44  PRO A CA 1 
ATOM 45   C CA . SER A 1 45  ? -22.524 -37.086 -0.222  1.00 95.00 ? 45  SER A CA 1 
ATOM 46   C CA . ASP A 1 46  ? -24.528 -34.336 1.545   1.00 95.00 ? 46  ASP A CA 1 
ATOM 47   C CA . THR A 1 47  ? -26.616 -33.466 -1.540  1.00 95.00 ? 47  THR A CA 1 
ATOM 48   C CA . VAL A 1 48  ? -26.797 -36.530 -3.892  1.00 95.00 ? 48  VAL A CA 1 
ATOM 49   C CA . GLN A 1 49  ? -26.605 -40.292 -3.367  1.00 95.00 ? 49  GLN A CA 1 
ATOM 50   C CA . THR A 1 50  ? -22.983 -41.268 -3.771  1.00 95.00 ? 50  THR A CA 1 
ATOM 51   C CA . ARG A 1 51  ? -21.148 -44.551 -4.050  1.00 95.00 ? 51  ARG A CA 1 
ATOM 52   C CA . HIS A 1 52  ? -18.053 -45.135 -1.926  1.00 95.00 ? 52  HIS A CA 1 
ATOM 53   C CA . VAL A 1 53  ? -14.784 -44.269 -3.610  1.00 95.00 ? 53  VAL A CA 1 
ATOM 54   C CA . LYS A 1 54  ? -11.351 -45.012 -2.134  1.00 95.00 ? 54  LYS A CA 1 
ATOM 55   C CA . ASN A 1 55  ? -9.506  -41.957 -3.379  1.00 95.00 ? 55  ASN A CA 1 
ATOM 56   C CA . TYR A 1 56  ? -5.699  -42.156 -3.671  1.00 95.00 ? 56  TYR A CA 1 
ATOM 57   C CA . HIS A 1 57  ? -5.173  -38.637 -5.141  1.00 95.00 ? 57  HIS A CA 1 
ATOM 58   C CA . SER A 1 58  ? -2.474  -36.634 -3.258  1.00 95.00 ? 58  SER A CA 1 
ATOM 59   C CA . ARG A 1 59  ? -1.813  -32.876 -3.004  1.00 95.00 ? 59  ARG A CA 1 
ATOM 60   C CA . SER A 1 60  ? 1.964   -33.273 -3.093  1.00 95.00 ? 60  SER A CA 1 
ATOM 61   C CA . GLU A 1 61  ? 2.601   -30.882 -6.003  1.00 95.00 ? 61  GLU A CA 1 
ATOM 62   C CA . SER A 1 62  ? 0.617   -28.017 -4.470  1.00 95.00 ? 62  SER A CA 1 
ATOM 63   C CA . SER A 1 63  ? 2.593   -27.851 -1.227  1.00 95.00 ? 63  SER A CA 1 
ATOM 64   C CA . ILE A 1 64  ? 4.168   -24.457 -0.856  1.00 95.00 ? 64  ILE A CA 1 
ATOM 65   C CA . GLU A 1 65  ? 7.631   -25.957 -1.164  1.00 95.00 ? 65  GLU A CA 1 
ATOM 66   C CA . ASN A 1 66  ? 6.929   -27.653 -4.453  1.00 95.00 ? 66  ASN A CA 1 
ATOM 67   C CA . PHE A 1 67  ? 5.175   -24.636 -5.831  1.00 95.00 ? 67  PHE A CA 1 
ATOM 68   C CA . LEU A 1 68  ? 8.026   -22.157 -5.289  1.00 95.00 ? 68  LEU A CA 1 
ATOM 69   C CA . SER A 1 69  ? 11.039  -24.454 -5.450  1.00 95.00 ? 69  SER A CA 1 
ATOM 70   C CA . ARG A 1 70  ? 11.910  -24.222 -9.146  1.00 95.00 ? 70  ARG A CA 1 
ATOM 71   C CA . SER A 1 71  ? 14.620  -21.919 -10.422 1.00 95.00 ? 71  SER A CA 1 
ATOM 72   C CA . ALA A 1 72  ? 13.194  -18.779 -12.090 1.00 95.00 ? 72  ALA A CA 1 
ATOM 73   C CA . CYS A 1 73  ? 15.014  -16.028 -14.021 1.00 95.00 ? 73  CYS A CA 1 
ATOM 74   C CA . VAL A 1 74  ? 14.890  -12.938 -11.872 1.00 95.00 ? 74  VAL A CA 1 
ATOM 75   C CA . TYR A 1 75  ? 17.290  -10.839 -13.821 1.00 95.00 ? 75  TYR A CA 1 
ATOM 76   C CA . MET A 1 76  ? 19.482  -10.527 -16.967 1.00 95.00 ? 76  MET A CA 1 
ATOM 77   C CA . GLY A 1 77  ? 22.065  -7.979  -18.097 1.00 95.00 ? 77  GLY A CA 1 
ATOM 78   C CA . GLU A 1 78  ? 24.984  -7.455  -20.489 1.00 95.00 ? 78  GLU A CA 1 
ATOM 79   C CA . TYR A 1 79  ? 28.559  -6.316  -20.299 1.00 95.00 ? 79  TYR A CA 1 
ATOM 80   C CA . HIS A 1 80  ? 31.312  -6.038  -22.887 1.00 95.00 ? 80  HIS A CA 1 
ATOM 81   C CA . THR A 1 81  ? 34.744  -7.365  -23.135 1.00 95.00 ? 81  THR A CA 1 
ATOM 82   C CA . THR A 1 82  ? 35.910  -4.186  -24.688 1.00 95.00 ? 82  THR A CA 1 
ATOM 83   C CA . ASN A 1 83  ? 34.500  -0.739  -25.099 1.00 95.00 ? 83  ASN A CA 1 
ATOM 84   C CA . SER A 1 84  ? 35.171  2.955   -24.721 1.00 95.00 ? 84  SER A CA 1 
ATOM 85   C CA . ASP A 1 85  ? 32.461  3.388   -22.100 1.00 95.00 ? 85  ASP A CA 1 
ATOM 86   C CA . GLN A 1 86  ? 34.216  1.713   -19.099 1.00 95.00 ? 86  GLN A CA 1 
ATOM 87   C CA . THR A 1 87  ? 30.695  1.387   -17.664 1.00 95.00 ? 87  THR A CA 1 
ATOM 88   C CA . LYS A 1 88  ? 29.731  -1.075  -20.298 1.00 95.00 ? 88  LYS A CA 1 
ATOM 89   C CA . LEU A 1 89  ? 32.606  -3.284  -19.137 1.00 95.00 ? 89  LEU A CA 1 
ATOM 90   C CA . PHE A 1 90  ? 30.701  -4.712  -16.215 1.00 95.00 ? 90  PHE A CA 1 
ATOM 91   C CA . ALA A 1 91  ? 27.146  -5.327  -15.130 1.00 95.00 ? 91  ALA A CA 1 
ATOM 92   C CA . SER A 1 92  ? 25.450  -4.458  -11.832 1.00 95.00 ? 92  SER A CA 1 
ATOM 93   C CA . TRP A 1 93  ? 21.988  -4.495  -10.293 1.00 95.00 ? 93  TRP A CA 1 
ATOM 94   C CA . THR A 1 94  ? 20.255  -4.361  -6.952  1.00 95.00 ? 94  THR A CA 1 
ATOM 95   C CA . ILE A 1 95  ? 18.979  -7.647  -5.661  1.00 95.00 ? 95  ILE A CA 1 
ATOM 96   C CA . SER A 1 96  ? 15.209  -8.090  -5.755  1.00 95.00 ? 96  SER A CA 1 
ATOM 97   C CA . ALA A 1 97  ? 12.685  -10.458 -7.328  1.00 95.00 ? 97  ALA A CA 1 
ATOM 98   C CA . ARG A 1 98  ? 10.650  -7.629  -8.692  1.00 95.00 ? 98  ARG A CA 1 
ATOM 99   C CA . ARG A 1 99  ? 11.968  -7.286  -12.186 1.00 95.00 ? 99  ARG A CA 1 
ATOM 100  C CA . MET A 1 100 ? 10.633  -10.472 -13.855 1.00 95.00 ? 100 MET A CA 1 
ATOM 101  C CA . VAL A 1 101 ? 6.936   -11.103 -13.467 1.00 95.00 ? 101 VAL A CA 1 
ATOM 102  C CA . GLN A 1 102 ? 6.475   -14.820 -13.418 1.00 95.00 ? 102 GLN A CA 1 
ATOM 103  C CA . MET A 1 103 ? 8.501   -15.192 -10.166 1.00 95.00 ? 103 MET A CA 1 
ATOM 104  C CA . ARG A 1 104 ? 7.139   -12.020 -8.764  1.00 95.00 ? 104 ARG A CA 1 
ATOM 105  C CA . ARG A 1 105 ? 3.452   -13.012 -9.164  1.00 95.00 ? 105 ARG A CA 1 
ATOM 106  C CA . LYS A 1 106 ? 4.247   -16.417 -7.572  1.00 95.00 ? 106 LYS A CA 1 
ATOM 107  C CA . LEU A 1 107 ? 5.806   -14.840 -4.470  1.00 95.00 ? 107 LEU A CA 1 
ATOM 108  C CA . GLU A 1 108 ? 3.149   -12.128 -4.221  1.00 95.00 ? 108 GLU A CA 1 
ATOM 109  C CA . ILE A 1 109 ? 0.511   -14.702 -3.534  1.00 95.00 ? 109 ILE A CA 1 
ATOM 110  C CA . PHE A 1 110 ? 1.772   -14.571 0.037   1.00 95.00 ? 110 PHE A CA 1 
ATOM 111  C CA . THR A 1 111 ? 2.181   -11.461 2.198   1.00 95.00 ? 111 THR A CA 1 
ATOM 112  C CA . TYR A 1 112 ? 5.266   -12.784 4.013   1.00 95.00 ? 112 TYR A CA 1 
ATOM 113  C CA . VAL A 1 113 ? 7.742   -15.477 3.109   1.00 95.00 ? 113 VAL A CA 1 
ATOM 114  C CA . ARG A 1 114 ? 10.822  -16.953 4.721   1.00 95.00 ? 114 ARG A CA 1 
ATOM 115  C CA . PHE A 1 115 ? 13.408  -19.096 2.972   1.00 95.00 ? 115 PHE A CA 1 
ATOM 116  C CA . ASP A 1 116 ? 16.854  -20.008 1.894   1.00 95.00 ? 116 ASP A CA 1 
ATOM 117  C CA . VAL A 1 117 ? 17.649  -19.452 -1.804  1.00 95.00 ? 117 VAL A CA 1 
ATOM 118  C CA . GLU A 1 118 ? 19.558  -21.483 -4.338  1.00 95.00 ? 118 GLU A CA 1 
ATOM 119  C CA . VAL A 1 119 ? 21.065  -19.038 -6.834  1.00 95.00 ? 119 VAL A CA 1 
ATOM 120  C CA . THR A 1 120 ? 22.198  -20.374 -10.242 1.00 95.00 ? 120 THR A CA 1 
ATOM 121  C CA . PHE A 1 121 ? 23.787  -18.172 -12.913 1.00 95.00 ? 121 PHE A CA 1 
ATOM 122  C CA . VAL A 1 122 ? 23.704  -18.791 -16.661 1.00 95.00 ? 122 VAL A CA 1 
ATOM 123  C CA . ILE A 1 123 ? 26.370  -16.795 -18.487 1.00 95.00 ? 123 ILE A CA 1 
ATOM 124  C CA . THR A 1 124 ? 26.806  -16.680 -22.255 1.00 95.00 ? 124 THR A CA 1 
ATOM 125  C CA . SER A 1 125 ? 28.972  -14.671 -24.612 1.00 95.00 ? 125 SER A CA 1 
ATOM 126  C CA . LYS A 1 126 ? 28.717  -13.915 -28.276 1.00 95.00 ? 126 LYS A CA 1 
ATOM 127  C CA . GLN A 1 127 ? 31.173  -12.283 -30.634 1.00 95.00 ? 127 GLN A CA 1 
ATOM 128  C CA . ASP A 1 128 ? 29.936  -8.877  -31.706 1.00 95.00 ? 128 ASP A CA 1 
ATOM 129  C CA . GLN A 1 129 ? 29.146  -8.249  -35.358 1.00 95.00 ? 129 GLN A CA 1 
ATOM 130  C CA . GLY A 1 130 ? 31.791  -6.456  -37.448 1.00 95.00 ? 130 GLY A CA 1 
ATOM 131  C CA . THR A 1 131 ? 33.831  -6.308  -40.660 1.00 95.00 ? 131 THR A CA 1 
ATOM 132  C CA . GLN A 1 132 ? 36.843  -8.255  -39.395 1.00 95.00 ? 132 GLN A CA 1 
ATOM 133  C CA . LEU A 1 133 ? 35.848  -11.321 -37.464 1.00 95.00 ? 133 LEU A CA 1 
ATOM 134  C CA . GLY A 1 134 ? 38.951  -13.408 -37.107 1.00 95.00 ? 134 GLY A CA 1 
ATOM 135  C CA . GLN A 1 135 ? 40.586  -13.736 -33.685 1.00 95.00 ? 135 GLN A CA 1 
ATOM 136  C CA . ASP A 1 136 ? 41.562  -16.559 -31.305 1.00 95.00 ? 136 ASP A CA 1 
ATOM 137  C CA . MET A 1 137 ? 40.391  -15.513 -27.833 1.00 95.00 ? 137 MET A CA 1 
ATOM 138  C CA . PRO A 1 138 ? 41.117  -17.984 -25.031 1.00 95.00 ? 138 PRO A CA 1 
ATOM 139  C CA . PRO A 1 139 ? 38.257  -19.073 -22.771 1.00 95.00 ? 139 PRO A CA 1 
ATOM 140  C CA . LEU A 1 140 ? 36.504  -16.239 -20.919 1.00 95.00 ? 140 LEU A CA 1 
ATOM 141  C CA . THR A 1 141 ? 36.594  -16.279 -17.142 1.00 95.00 ? 141 THR A CA 1 
ATOM 142  C CA . HIS A 1 142 ? 34.036  -14.173 -15.274 1.00 95.00 ? 142 HIS A CA 1 
ATOM 143  C CA . GLN A 1 143 ? 33.843  -12.806 -11.715 1.00 95.00 ? 143 GLN A CA 1 
ATOM 144  C CA . ILE A 1 144 ? 30.489  -12.366 -9.944  1.00 95.00 ? 144 ILE A CA 1 
ATOM 145  C CA . MET A 1 145 ? 30.755  -10.323 -6.713  1.00 95.00 ? 145 MET A CA 1 
ATOM 146  C CA . TYR A 1 146 ? 28.109  -9.612  -4.095  1.00 95.00 ? 146 TYR A CA 1 
ATOM 147  C CA . ILE A 1 147 ? 28.208  -6.317  -2.306  1.00 95.00 ? 147 ILE A CA 1 
ATOM 148  C CA . PRO A 1 148 ? 26.190  -6.217  0.938   1.00 95.00 ? 148 PRO A CA 1 
ATOM 149  C CA . PRO A 1 149 ? 24.755  -2.771  1.653   1.00 95.00 ? 149 PRO A CA 1 
ATOM 150  C CA . GLY A 1 150 ? 27.529  -0.506  2.734   1.00 95.00 ? 150 GLY A CA 1 
ATOM 151  C CA . GLY A 1 151 ? 30.419  -2.097  0.936   1.00 95.00 ? 151 GLY A CA 1 
ATOM 152  C CA . PRO A 1 152 ? 32.703  -0.165  -1.426  1.00 95.00 ? 152 PRO A CA 1 
ATOM 153  C CA . ILE A 1 153 ? 31.394  -0.154  -4.993  1.00 95.00 ? 153 ILE A CA 1 
ATOM 154  C CA . PRO A 1 154 ? 33.520  -0.888  -8.140  1.00 95.00 ? 154 PRO A CA 1 
ATOM 155  C CA . LYS A 1 155 ? 34.102  2.063   -10.390 1.00 95.00 ? 155 LYS A CA 1 
ATOM 156  C CA . SER A 1 156 ? 35.848  0.297   -13.312 1.00 95.00 ? 156 SER A CA 1 
ATOM 157  C CA . VAL A 1 157 ? 36.708  -3.217  -14.340 1.00 95.00 ? 157 VAL A CA 1 
ATOM 158  C CA . THR A 1 158 ? 40.053  -2.749  -12.641 1.00 95.00 ? 158 THR A CA 1 
ATOM 159  C CA . ASP A 1 159 ? 39.060  -1.127  -9.316  1.00 95.00 ? 159 ASP A CA 1 
ATOM 160  C CA . TYR A 1 160 ? 40.867  -2.460  -6.131  1.00 95.00 ? 160 TYR A CA 1 
ATOM 161  C CA . THR A 1 161 ? 37.434  -3.396  -4.933  1.00 95.00 ? 161 THR A CA 1 
ATOM 162  C CA . TRP A 1 162 ? 37.420  -6.660  -6.965  1.00 95.00 ? 162 TRP A CA 1 
ATOM 163  C CA . GLN A 1 163 ? 40.038  -7.977  -4.538  1.00 95.00 ? 163 GLN A CA 1 
ATOM 164  C CA . THR A 1 164 ? 36.993  -9.429  -2.555  1.00 95.00 ? 164 THR A CA 1 
ATOM 165  C CA . SER A 1 165 ? 39.024  -9.944  0.602   1.00 95.00 ? 165 SER A CA 1 
ATOM 166  C CA . THR A 1 166 ? 35.634  -10.192 2.238   1.00 95.00 ? 166 THR A CA 1 
ATOM 167  C CA . ASN A 1 167 ? 32.719  -9.899  -0.145  1.00 95.00 ? 167 ASN A CA 1 
ATOM 168  C CA . PRO A 1 168 ? 31.880  -13.309 -1.456  1.00 95.00 ? 168 PRO A CA 1 
ATOM 169  C CA . SER A 1 169 ? 32.800  -13.797 -5.147  1.00 95.00 ? 169 SER A CA 1 
ATOM 170  C CA . ILE A 1 170 ? 32.542  -16.548 -7.757  1.00 95.00 ? 170 ILE A CA 1 
ATOM 171  C CA . PHE A 1 171 ? 35.082  -17.037 -10.486 1.00 95.00 ? 171 PHE A CA 1 
ATOM 172  C CA . TRP A 1 172 ? 33.864  -19.235 -13.339 1.00 95.00 ? 172 TRP A CA 1 
ATOM 173  C CA . THR A 1 173 ? 35.101  -20.161 -16.799 1.00 95.00 ? 173 THR A CA 1 
ATOM 174  C CA . GLU A 1 174 ? 32.879  -20.690 -19.837 1.00 95.00 ? 174 GLU A CA 1 
ATOM 175  C CA . GLY A 1 175 ? 32.128  -24.231 -20.940 1.00 95.00 ? 175 GLY A CA 1 
ATOM 176  C CA . ASN A 1 176 ? 31.683  -25.548 -17.422 1.00 95.00 ? 176 ASN A CA 1 
ATOM 177  C CA . ALA A 1 177 ? 28.479  -26.109 -15.525 1.00 95.00 ? 177 ALA A CA 1 
ATOM 178  C CA . PRO A 1 178 ? 26.600  -22.945 -14.537 1.00 95.00 ? 178 PRO A CA 1 
ATOM 179  C CA . PRO A 1 179 ? 27.805  -21.523 -11.193 1.00 95.00 ? 179 PRO A CA 1 
ATOM 180  C CA . ARG A 1 180 ? 25.537  -22.064 -8.154  1.00 95.00 ? 180 ARG A CA 1 
ATOM 181  C CA . MET A 1 181 ? 25.315  -21.454 -4.357  1.00 95.00 ? 181 MET A CA 1 
ATOM 182  C CA . SER A 1 182 ? 22.898  -21.330 -1.489  1.00 95.00 ? 182 SER A CA 1 
ATOM 183  C CA . ILE A 1 183 ? 22.148  -18.108 0.461   1.00 95.00 ? 183 ILE A CA 1 
ATOM 184  C CA . PRO A 1 184 ? 20.462  -18.327 3.896   1.00 95.00 ? 184 PRO A CA 1 
ATOM 185  C CA . PHE A 1 185 ? 17.394  -16.381 5.044   1.00 95.00 ? 185 PHE A CA 1 
ATOM 186  C CA . ILE A 1 186 ? 19.056  -13.017 5.101   1.00 95.00 ? 186 ILE A CA 1 
ATOM 187  C CA . SER A 1 187 ? 16.423  -10.634 6.403   1.00 95.00 ? 187 SER A CA 1 
ATOM 188  C CA . ILE A 1 188 ? 16.766  -8.076  9.140   1.00 95.00 ? 188 ILE A CA 1 
ATOM 189  C CA . GLY A 1 189 ? 13.181  -9.060  10.049  1.00 95.00 ? 189 GLY A CA 1 
ATOM 190  C CA . ASN A 1 190 ? 11.490  -12.349 10.891  1.00 95.00 ? 190 ASN A CA 1 
ATOM 191  C CA . ALA A 1 191 ? 10.209  -12.941 7.352   1.00 95.00 ? 191 ALA A CA 1 
ATOM 192  C CA . TYR A 1 192 ? 10.801  -11.239 4.018   1.00 95.00 ? 192 TYR A CA 1 
ATOM 193  C CA . SER A 1 193 ? 7.881   -8.857  3.487   1.00 95.00 ? 193 SER A CA 1 
ATOM 194  C CA . ASN A 1 194 ? 6.323   -8.788  -0.025  1.00 95.00 ? 194 ASN A CA 1 
ATOM 195  C CA . PHE A 1 195 ? 4.038   -5.812  0.664   1.00 95.00 ? 195 PHE A CA 1 
ATOM 196  C CA . TYR A 1 196 ? 4.465   -2.879  3.086   1.00 95.00 ? 196 TYR A CA 1 
ATOM 197  C CA . ASP A 1 197 ? 1.559   -0.359  3.411   1.00 95.00 ? 197 ASP A CA 1 
ATOM 198  C CA . GLY A 1 198 ? 3.965   2.064   5.010   1.00 95.00 ? 198 GLY A CA 1 
ATOM 199  C CA . TRP A 1 199 ? 6.681   4.681   4.756   1.00 95.00 ? 199 TRP A CA 1 
ATOM 200  C CA . SER A 1 200 ? 10.340  5.086   5.342   1.00 95.00 ? 200 SER A CA 1 
ATOM 201  C CA . HIS A 1 201 ? 10.015  8.343   7.312   1.00 95.00 ? 201 HIS A CA 1 
ATOM 202  C CA . PHE A 1 202 ? 8.188   8.695   10.593  1.00 95.00 ? 202 PHE A CA 1 
ATOM 203  C CA . SER A 1 203 ? 6.365   11.714  9.283   1.00 95.00 ? 203 SER A CA 1 
ATOM 204  C CA . GLN A 1 204 ? 4.378   9.448   6.915   1.00 95.00 ? 204 GLN A CA 1 
ATOM 205  C CA . ASN A 1 205 ? 6.317   10.439  3.810   1.00 95.00 ? 205 ASN A CA 1 
ATOM 206  C CA . GLY A 1 206 ? 9.565   9.563   2.106   1.00 95.00 ? 206 GLY A CA 1 
ATOM 207  C CA . VAL A 1 207 ? 9.365   6.349   0.070   1.00 95.00 ? 207 VAL A CA 1 
ATOM 208  C CA . TYR A 1 208 ? 6.221   4.236   0.092   1.00 95.00 ? 208 TYR A CA 1 
ATOM 209  C CA . GLY A 1 209 ? 6.097   0.469   -0.071  1.00 95.00 ? 209 GLY A CA 1 
ATOM 210  C CA . TYR A 1 210 ? 8.291   -2.517  -0.753  1.00 95.00 ? 210 TYR A CA 1 
ATOM 211  C CA . ASN A 1 211 ? 11.318  -0.471  -1.421  1.00 95.00 ? 211 ASN A CA 1 
ATOM 212  C CA . THR A 1 212 ? 11.864  0.957   2.006   1.00 95.00 ? 212 THR A CA 1 
ATOM 213  C CA . LEU A 1 213 ? 12.127  -2.671  3.270   1.00 95.00 ? 213 LEU A CA 1 
ATOM 214  C CA . ASN A 1 214 ? 14.543  -4.032  0.615   1.00 95.00 ? 214 ASN A CA 1 
ATOM 215  C CA . HIS A 1 215 ? 18.227  -3.213  0.906   1.00 95.00 ? 215 HIS A CA 1 
ATOM 216  C CA . MET A 1 216 ? 19.890  -6.499  0.315   1.00 95.00 ? 216 MET A CA 1 
ATOM 217  C CA . GLY A 1 217 ? 22.812  -5.075  -1.551  1.00 95.00 ? 217 GLY A CA 1 
ATOM 218  C CA . GLN A 1 218 ? 23.840  -5.526  -5.138  1.00 95.00 ? 218 GLN A CA 1 
ATOM 219  C CA . ILE A 1 219 ? 25.707  -7.724  -7.607  1.00 95.00 ? 219 ILE A CA 1 
ATOM 220  C CA . TYR A 1 220 ? 28.607  -6.772  -9.888  1.00 95.00 ? 220 TYR A CA 1 
ATOM 221  C CA . VAL A 1 221 ? 29.941  -9.000  -12.616 1.00 95.00 ? 221 VAL A CA 1 
ATOM 222  C CA . ARG A 1 222 ? 32.877  -8.422  -14.986 1.00 95.00 ? 222 ARG A CA 1 
ATOM 223  C CA . HIS A 1 223 ? 35.197  -10.430 -17.284 1.00 95.00 ? 223 HIS A CA 1 
ATOM 224  C CA . VAL A 1 224 ? 38.578  -11.255 -15.814 1.00 95.00 ? 224 VAL A CA 1 
ATOM 225  C CA . ASN A 1 225 ? 40.657  -11.915 -18.993 1.00 95.00 ? 225 ASN A CA 1 
ATOM 226  C CA . GLY A 1 226 ? 39.814  -8.328  -19.705 1.00 95.00 ? 226 GLY A CA 1 
ATOM 227  C CA . SER A 1 227 ? 40.592  -7.672  -23.407 1.00 95.00 ? 227 SER A CA 1 
ATOM 228  C CA . SER A 1 228 ? 39.642  -9.300  -26.720 1.00 95.00 ? 228 SER A CA 1 
ATOM 229  C CA . PRO A 1 229 ? 41.074  -7.802  -29.935 1.00 95.00 ? 229 PRO A CA 1 
ATOM 230  C CA . LEU A 1 230 ? 37.604  -7.604  -31.415 1.00 95.00 ? 230 LEU A CA 1 
ATOM 231  C CA . PRO A 1 231 ? 34.501  -6.678  -29.378 1.00 95.00 ? 231 PRO A CA 1 
ATOM 232  C CA . MET A 1 232 ? 32.478  -9.359  -27.661 1.00 95.00 ? 232 MET A CA 1 
ATOM 233  C CA . THR A 1 233 ? 29.562  -9.194  -25.316 1.00 95.00 ? 233 THR A CA 1 
ATOM 234  C CA . SER A 1 234 ? 28.298  -11.397 -22.498 1.00 95.00 ? 234 SER A CA 1 
ATOM 235  C CA . THR A 1 235 ? 24.932  -11.775 -20.910 1.00 95.00 ? 235 THR A CA 1 
ATOM 236  C CA . VAL A 1 236 ? 24.487  -12.838 -17.332 1.00 95.00 ? 236 VAL A CA 1 
ATOM 237  C CA . ARG A 1 237 ? 21.207  -14.459 -16.244 1.00 95.00 ? 237 ARG A CA 1 
ATOM 238  C CA . MET A 1 238 ? 20.449  -15.061 -12.556 1.00 95.00 ? 238 MET A CA 1 
ATOM 239  C CA . TYR A 1 239 ? 17.999  -17.649 -11.282 1.00 95.00 ? 239 TYR A CA 1 
ATOM 240  C CA . PHE A 1 240 ? 16.373  -17.980 -7.840  1.00 95.00 ? 240 PHE A CA 1 
ATOM 241  C CA . LYS A 1 241 ? 14.996  -21.255 -6.417  1.00 95.00 ? 241 LYS A CA 1 
ATOM 242  C CA . PRO A 1 242 ? 13.646  -20.676 -2.932  1.00 95.00 ? 242 PRO A CA 1 
ATOM 243  C CA . LYS A 1 243 ? 13.979  -23.707 -0.660  1.00 95.00 ? 243 LYS A CA 1 
ATOM 244  C CA . HIS A 1 244 ? 13.000  -24.484 2.990   1.00 95.00 ? 244 HIS A CA 1 
ATOM 245  C CA . VAL A 1 245 ? 9.947   -22.263 2.664   1.00 95.00 ? 245 VAL A CA 1 
ATOM 246  C CA . LYS A 1 246 ? 7.324   -20.797 4.977   1.00 95.00 ? 246 LYS A CA 1 
ATOM 247  C CA . ALA A 1 247 ? 4.530   -18.457 3.914   1.00 95.00 ? 247 ALA A CA 1 
ATOM 248  C CA . TRP A 1 248 ? 1.868   -16.371 5.641   1.00 95.00 ? 248 TRP A CA 1 
ATOM 249  C CA . VAL A 1 249 ? -1.449  -14.604 4.960   1.00 95.00 ? 249 VAL A CA 1 
ATOM 250  C CA . PRO A 1 250 ? -2.256  -15.499 1.366   1.00 95.00 ? 250 PRO A CA 1 
ATOM 251  C CA . ARG A 1 251 ? -3.726  -12.797 -0.862  1.00 95.00 ? 251 ARG A CA 1 
ATOM 252  C CA . PRO A 1 252 ? -5.397  -12.744 -4.266  1.00 95.00 ? 252 PRO A CA 1 
ATOM 253  C CA . PRO A 1 253 ? -3.098  -13.340 -7.262  1.00 95.00 ? 253 PRO A CA 1 
ATOM 254  C CA . ARG A 1 254 ? -2.115  -10.174 -9.064  1.00 95.00 ? 254 ARG A CA 1 
ATOM 255  C CA . LEU A 1 255 ? -4.857  -9.428  -11.642 1.00 95.00 ? 255 LEU A CA 1 
ATOM 256  C CA . CYS A 1 256 ? -3.628  -6.264  -13.429 1.00 95.00 ? 256 CYS A CA 1 
ATOM 257  C CA . GLN A 1 257 ? -0.299  -6.250  -15.242 1.00 95.00 ? 257 GLN A CA 1 
ATOM 258  C CA . TYR A 1 258 ? 2.695   -4.807  -13.353 1.00 95.00 ? 258 TYR A CA 1 
ATOM 259  C CA . LYS A 1 259 ? 3.755   -1.318  -14.361 1.00 95.00 ? 259 LYS A CA 1 
ATOM 260  C CA . ASN A 1 260 ? 7.173   -0.989  -12.709 1.00 95.00 ? 260 ASN A CA 1 
ATOM 261  C CA . ALA A 1 261 ? 9.473   -2.496  -10.150 1.00 95.00 ? 261 ALA A CA 1 
ATOM 262  C CA . SER A 1 262 ? 9.151   -0.099  -7.231  1.00 95.00 ? 262 SER A CA 1 
ATOM 263  C CA . THR A 1 263 ? 5.455   0.114   -6.979  1.00 95.00 ? 263 THR A CA 1 
ATOM 264  C CA . VAL A 1 264 ? 2.293   -1.906  -6.883  1.00 95.00 ? 264 VAL A CA 1 
ATOM 265  C CA . ASN A 1 265 ? 0.860   0.521   -9.548  1.00 95.00 ? 265 ASN A CA 1 
ATOM 266  C CA . PHE A 1 266 ? -1.577  -0.649  -12.131 1.00 95.00 ? 266 PHE A CA 1 
ATOM 267  C CA . SER A 1 267 ? -4.168  0.531   -14.647 1.00 95.00 ? 267 SER A CA 1 
ATOM 268  C CA . PRO A 1 268 ? -7.809  -0.424  -14.234 1.00 95.00 ? 268 PRO A CA 1 
ATOM 269  C CA . THR A 1 269 ? -8.268  -3.835  -15.797 1.00 95.00 ? 269 THR A CA 1 
ATOM 270  C CA . ASP A 1 270 ? -11.251 -6.185  -16.531 1.00 95.00 ? 270 ASP A CA 1 
ATOM 271  C CA . ILE A 1 271 ? -12.464 -8.606  -13.888 1.00 95.00 ? 271 ILE A CA 1 
ATOM 272  C CA . THR A 1 272 ? -12.548 -11.380 -16.526 1.00 95.00 ? 272 THR A CA 1 
ATOM 273  C CA . ASP A 1 273 ? -13.497 -12.031 -20.229 1.00 95.00 ? 273 ASP A CA 1 
ATOM 274  C CA . LYS A 1 274 ? -16.932 -11.312 -21.590 1.00 95.00 ? 274 LYS A CA 1 
ATOM 275  C CA . ARG A 1 275 ? -19.400 -13.807 -23.045 1.00 95.00 ? 275 ARG A CA 1 
ATOM 276  C CA . ASN A 1 276 ? -22.682 -13.281 -24.923 1.00 95.00 ? 276 ASN A CA 1 
ATOM 277  C CA . SER A 1 277 ? -25.298 -13.500 -22.278 1.00 95.00 ? 277 SER A CA 1 
ATOM 278  C CA . ILE A 1 278 ? -25.624 -14.745 -18.761 1.00 95.00 ? 278 ILE A CA 1 
ATOM 279  C CA . THR A 1 279 ? -27.121 -17.978 -20.192 1.00 95.00 ? 279 THR A CA 1 
ATOM 280  C CA . TYR A 1 280 ? -24.755 -18.600 -23.006 1.00 95.00 ? 280 TYR A CA 1 
ATOM 281  C CA . ILE A 1 281 ? -23.407 -22.135 -23.094 1.00 95.00 ? 281 ILE A CA 1 
ATOM 282  C CA . PRO A 1 282 ? -21.974 -23.170 -26.478 1.00 95.00 ? 282 PRO A CA 1 
ATOM 283  C CA . ASP A 1 283 ? -23.514 -26.154 -28.233 1.00 95.00 ? 283 ASP A CA 1 
ATOM 284  C CA . THR A 1 284 ? -20.978 -28.989 -28.672 1.00 95.00 ? 284 THR A CA 1 
ATOM 285  C CA . VAL A 1 285 ? -22.739 -32.299 -29.549 1.00 95.00 ? 285 VAL A CA 1 
ATOM 286  C CA . LYS A 1 286 ? -24.353 -31.448 -32.904 1.00 95.00 ? 286 LYS A CA 1 
ATOM 287  C CA . PRO A 1 287 ? -23.765 -33.086 -36.286 1.00 95.00 ? 287 PRO A CA 1 
ATOM 288  C CA . ASP A 1 288 ? -21.289 -30.085 -36.576 1.00 95.00 ? 288 ASP A CA 1 
ATOM 289  C CA . VAL A 1 289 ? -23.248 -26.714 -37.144 1.00 95.00 ? 289 VAL A CA 1 
ATOM 290  C CA . SER B 2 1   ? -31.064 -17.344 19.732  1.00 95.00 ? 10  SER B CA 1 
ATOM 291  C CA . ASP B 2 2   ? -27.365 -16.944 18.657  1.00 95.00 ? 11  ASP B CA 1 
ATOM 292  C CA . ARG B 2 3   ? -28.218 -13.753 16.807  1.00 95.00 ? 12  ARG B CA 1 
ATOM 293  C CA . VAL B 2 4   ? -28.124 -12.115 20.300  1.00 95.00 ? 13  VAL B CA 1 
ATOM 294  C CA . ARG B 2 5   ? -24.678 -11.059 21.515  1.00 95.00 ? 14  ARG B CA 1 
ATOM 295  C CA . SER B 2 6   ? -22.832 -8.653  23.908  1.00 95.00 ? 15  SER B CA 1 
ATOM 296  C CA . ILE B 2 7   ? -19.066 -7.598  24.120  1.00 95.00 ? 16  ILE B CA 1 
ATOM 297  C CA . THR B 2 8   ? -17.313 -5.664  26.873  1.00 95.00 ? 17  THR B CA 1 
ATOM 298  C CA . LEU B 2 9   ? -13.907 -4.007  26.794  1.00 95.00 ? 18  LEU B CA 1 
ATOM 299  C CA . GLY B 2 10  ? -12.946 -1.429  29.374  1.00 95.00 ? 19  GLY B CA 1 
ATOM 300  C CA . ASN B 2 11  ? -15.770 0.943   30.242  1.00 95.00 ? 20  ASN B CA 1 
ATOM 301  C CA . SER B 2 12  ? -17.631 0.067   27.051  1.00 95.00 ? 21  SER B CA 1 
ATOM 302  C CA . THR B 2 13  ? -20.167 -2.558  25.908  1.00 95.00 ? 22  THR B CA 1 
ATOM 303  C CA . ILE B 2 14  ? -21.632 -3.421  22.496  1.00 95.00 ? 23  ILE B CA 1 
ATOM 304  C CA . THR B 2 15  ? -24.865 -5.375  21.889  1.00 95.00 ? 24  THR B CA 1 
ATOM 305  C CA . THR B 2 16  ? -26.703 -6.872  18.820  1.00 95.00 ? 25  THR B CA 1 
ATOM 306  C CA . GLN B 2 17  ? -29.982 -8.660  18.471  1.00 95.00 ? 26  GLN B CA 1 
ATOM 307  C CA . GLU B 2 18  ? -29.050 -9.714  14.860  1.00 95.00 ? 27  GLU B CA 1 
ATOM 308  C CA . SER B 2 19  ? -25.457 -10.926 14.589  1.00 95.00 ? 28  SER B CA 1 
ATOM 309  C CA . ALA B 2 20  ? -24.059 -13.622 12.330  1.00 95.00 ? 29  ALA B CA 1 
ATOM 310  C CA . ASN B 2 21  ? -21.109 -14.979 14.111  1.00 95.00 ? 30  ASN B CA 1 
ATOM 311  C CA . VAL B 2 22  ? -17.764 -13.415 15.032  1.00 95.00 ? 31  VAL B CA 1 
ATOM 312  C CA . VAL B 2 23  ? -14.754 -13.946 12.808  1.00 95.00 ? 32  VAL B CA 1 
ATOM 313  C CA . VAL B 2 24  ? -11.397 -14.379 14.377  1.00 95.00 ? 33  VAL B CA 1 
ATOM 314  C CA . GLY B 2 25  ? -8.236  -13.460 12.552  1.00 95.00 ? 34  GLY B CA 1 
ATOM 315  C CA . TYR B 2 26  ? -6.658  -16.435 10.963  1.00 95.00 ? 35  TYR B CA 1 
ATOM 316  C CA . GLY B 2 27  ? -8.017  -18.222 13.871  1.00 95.00 ? 36  GLY B CA 1 
ATOM 317  C CA . ARG B 2 28  ? -5.810  -16.260 16.232  1.00 95.00 ? 37  ARG B CA 1 
ATOM 318  C CA . TRP B 2 29  ? -6.898  -14.330 19.240  1.00 95.00 ? 38  TRP B CA 1 
ATOM 319  C CA . PRO B 2 30  ? -4.683  -11.326 20.204  1.00 95.00 ? 39  PRO B CA 1 
ATOM 320  C CA . GLU B 2 31  ? -1.957  -11.987 22.750  1.00 95.00 ? 40  GLU B CA 1 
ATOM 321  C CA . TYR B 2 32  ? 0.725   -9.825  24.349  1.00 95.00 ? 41  TYR B CA 1 
ATOM 322  C CA . LEU B 2 33  ? 4.334   -10.215 23.066  1.00 95.00 ? 42  LEU B CA 1 
ATOM 323  C CA . ARG B 2 34  ? 6.168   -13.192 24.650  1.00 95.00 ? 43  ARG B CA 1 
ATOM 324  C CA . ASP B 2 35  ? 9.711   -13.049 26.005  1.00 95.00 ? 44  ASP B CA 1 
ATOM 325  C CA . ASP B 2 36  ? 11.008  -15.469 23.412  1.00 95.00 ? 45  ASP B CA 1 
ATOM 326  C CA . GLU B 2 37  ? 9.662   -13.340 20.590  1.00 95.00 ? 46  GLU B CA 1 
ATOM 327  C CA . ALA B 2 38  ? 10.816  -9.928  21.797  1.00 95.00 ? 47  ALA B CA 1 
ATOM 328  C CA . THR B 2 39  ? 13.789  -7.670  20.834  1.00 95.00 ? 48  THR B CA 1 
ATOM 329  C CA . ALA B 2 40  ? 12.994  -4.287  22.337  1.00 95.00 ? 49  ALA B CA 1 
ATOM 330  C CA . GLU B 2 41  ? 14.414  -4.624  25.870  1.00 95.00 ? 50  GLU B CA 1 
ATOM 331  C CA . ASP B 2 42  ? 12.696  -1.913  27.828  1.00 95.00 ? 51  ASP B CA 1 
ATOM 332  C CA . GLN B 2 43  ? 9.675   -2.535  30.052  1.00 95.00 ? 52  GLN B CA 1 
ATOM 333  C CA . PRO B 2 44  ? 6.407   -2.113  28.081  1.00 95.00 ? 53  PRO B CA 1 
ATOM 334  C CA . THR B 2 45  ? 3.429   0.058   29.192  1.00 95.00 ? 54  THR B CA 1 
ATOM 335  C CA . GLN B 2 46  ? 0.152   -1.781  29.071  1.00 95.00 ? 55  GLN B CA 1 
ATOM 336  C CA . PRO B 2 47  ? -2.530  0.894   29.759  1.00 95.00 ? 56  PRO B CA 1 
ATOM 337  C CA . ASP B 2 48  ? -5.131  -1.821  29.571  1.00 95.00 ? 57  ASP B CA 1 
ATOM 338  C CA . VAL B 2 49  ? -8.660  -0.379  30.121  1.00 95.00 ? 58  VAL B CA 1 
ATOM 339  C CA . ALA B 2 50  ? -7.681  3.215   29.397  1.00 95.00 ? 59  ALA B CA 1 
ATOM 340  C CA . THR B 2 51  ? -6.651  2.019   25.982  1.00 95.00 ? 60  THR B CA 1 
ATOM 341  C CA . CYS B 2 52  ? -8.348  -1.263  25.120  1.00 95.00 ? 61  CYS B CA 1 
ATOM 342  C CA . ARG B 2 53  ? -11.959 -0.135  24.682  1.00 95.00 ? 62  ARG B CA 1 
ATOM 343  C CA . PHE B 2 54  ? -14.494 0.773   22.002  1.00 95.00 ? 63  PHE B CA 1 
ATOM 344  C CA . TYR B 2 55  ? -13.827 3.936   19.988  1.00 95.00 ? 64  TYR B CA 1 
ATOM 345  C CA . THR B 2 56  ? -16.572 4.847   17.502  1.00 95.00 ? 65  THR B CA 1 
ATOM 346  C CA . LEU B 2 57  ? -15.465 6.573   14.256  1.00 95.00 ? 66  LEU B CA 1 
ATOM 347  C CA . GLU B 2 58  ? -17.545 9.126   12.380  1.00 95.00 ? 67  GLU B CA 1 
ATOM 348  C CA . SER B 2 59  ? -20.367 7.341   10.417  1.00 95.00 ? 68  SER B CA 1 
ATOM 349  C CA . VAL B 2 60  ? -20.831 7.178   6.626   1.00 95.00 ? 69  VAL B CA 1 
ATOM 350  C CA . THR B 2 61  ? -23.964 7.220   4.473   1.00 95.00 ? 70  THR B CA 1 
ATOM 351  C CA . TRP B 2 62  ? -24.848 4.270   2.298   1.00 95.00 ? 71  TRP B CA 1 
ATOM 352  C CA . GLU B 2 63  ? -26.311 5.671   -0.898  1.00 95.00 ? 72  GLU B CA 1 
ATOM 353  C CA . LYS B 2 64  ? -27.926 3.744   -3.725  1.00 95.00 ? 73  LYS B CA 1 
ATOM 354  C CA . ASP B 2 65  ? -24.645 4.139   -5.670  1.00 95.00 ? 74  ASP B CA 1 
ATOM 355  C CA . SER B 2 66  ? -21.878 4.124   -3.031  1.00 95.00 ? 75  SER B CA 1 
ATOM 356  C CA . PRO B 2 67  ? -18.840 2.270   -4.402  1.00 95.00 ? 76  PRO B CA 1 
ATOM 357  C CA . GLY B 2 68  ? -17.319 1.682   -1.011  1.00 95.00 ? 77  GLY B CA 1 
ATOM 358  C CA . TRP B 2 69  ? -15.070 3.018   1.753   1.00 95.00 ? 78  TRP B CA 1 
ATOM 359  C CA . TRP B 2 70  ? -11.802 2.235   3.569   1.00 95.00 ? 79  TRP B CA 1 
ATOM 360  C CA . TRP B 2 71  ? -9.721  3.151   6.610   1.00 95.00 ? 80  TRP B CA 1 
ATOM 361  C CA . LYS B 2 72  ? -6.007  2.521   7.281   1.00 95.00 ? 81  LYS B CA 1 
ATOM 362  C CA . PHE B 2 73  ? -5.399  1.226   10.752  1.00 95.00 ? 82  PHE B CA 1 
ATOM 363  C CA . PRO B 2 74  ? -3.150  1.942   13.468  1.00 95.00 ? 83  PRO B CA 1 
ATOM 364  C CA . ASP B 2 75  ? -3.471  5.599   11.960  1.00 95.00 ? 84  ASP B CA 1 
ATOM 365  C CA . ALA B 2 76  ? -7.242  6.457   12.280  1.00 95.00 ? 85  ALA B CA 1 
ATOM 366  C CA . LEU B 2 77  ? -7.320  5.866   15.911  1.00 95.00 ? 86  LEU B CA 1 
ATOM 367  C CA . LYS B 2 78  ? -4.398  8.284   16.379  1.00 95.00 ? 87  LYS B CA 1 
ATOM 368  C CA . ASP B 2 79  ? -6.667  10.870  17.987  1.00 95.00 ? 88  ASP B CA 1 
ATOM 369  C CA . MET B 2 80  ? -8.701  8.487   20.044  1.00 95.00 ? 89  MET B CA 1 
ATOM 370  C CA . GLY B 2 81  ? -8.141  9.204   23.733  1.00 95.00 ? 90  GLY B CA 1 
ATOM 371  C CA . LEU B 2 82  ? -5.266  7.505   25.483  1.00 95.00 ? 91  LEU B CA 1 
ATOM 372  C CA . PHE B 2 83  ? -4.762  5.000   22.676  1.00 95.00 ? 92  PHE B CA 1 
ATOM 373  C CA . GLY B 2 84  ? -3.688  7.889   20.528  1.00 95.00 ? 93  GLY B CA 1 
ATOM 374  C CA . GLN B 2 85  ? -1.629  9.566   23.234  1.00 95.00 ? 94  GLN B CA 1 
ATOM 375  C CA . ASN B 2 86  ? 0.311   6.386   23.833  1.00 95.00 ? 95  ASN B CA 1 
ATOM 376  C CA . MET B 2 87  ? 0.944   6.316   20.056  1.00 95.00 ? 96  MET B CA 1 
ATOM 377  C CA . TYR B 2 88  ? 2.412   9.802   20.042  1.00 95.00 ? 97  TYR B CA 1 
ATOM 378  C CA . TYR B 2 89  ? 4.754   9.171   22.957  1.00 95.00 ? 98  TYR B CA 1 
ATOM 379  C CA . HIS B 2 90  ? 6.217   5.815   21.944  1.00 95.00 ? 99  HIS B CA 1 
ATOM 380  C CA . TYR B 2 91  ? 8.478   4.672   19.117  1.00 95.00 ? 100 TYR B CA 1 
ATOM 381  C CA . LEU B 2 92  ? 7.025   1.126   19.132  1.00 95.00 ? 101 LEU B CA 1 
ATOM 382  C CA . GLY B 2 93  ? 3.511   -0.206  19.561  1.00 95.00 ? 102 GLY B CA 1 
ATOM 383  C CA . ARG B 2 94  ? 1.545   -3.429  19.137  1.00 95.00 ? 103 ARG B CA 1 
ATOM 384  C CA . ALA B 2 95  ? -2.144  -4.204  19.239  1.00 95.00 ? 104 ALA B CA 1 
ATOM 385  C CA . GLY B 2 96  ? -4.968  -6.403  18.131  1.00 95.00 ? 105 GLY B CA 1 
ATOM 386  C CA . TYR B 2 97  ? -8.513  -5.210  17.482  1.00 95.00 ? 106 TYR B CA 1 
ATOM 387  C CA . THR B 2 98  ? -12.172 -6.054  17.714  1.00 95.00 ? 107 THR B CA 1 
ATOM 388  C CA . ILE B 2 99  ? -13.865 -4.382  14.782  1.00 95.00 ? 108 ILE B CA 1 
ATOM 389  C CA . HIS B 2 100 ? -17.624 -3.982  14.875  1.00 95.00 ? 109 HIS B CA 1 
ATOM 390  C CA . VAL B 2 101 ? -19.332 -2.567  11.748  1.00 95.00 ? 110 VAL B CA 1 
ATOM 391  C CA . GLN B 2 102 ? -22.996 -1.584  12.350  1.00 95.00 ? 111 GLN B CA 1 
ATOM 392  C CA . CYS B 2 103 ? -25.748 -1.142  9.742   1.00 95.00 ? 112 CYS B CA 1 
ATOM 393  C CA . ASN B 2 104 ? -29.451 -1.655  10.342  1.00 95.00 ? 113 ASN B CA 1 
ATOM 394  C CA . ALA B 2 105 ? -32.241 -1.190  7.810   1.00 95.00 ? 114 ALA B CA 1 
ATOM 395  C CA . SER B 2 106 ? -35.668 -2.898  7.590   1.00 95.00 ? 115 SER B CA 1 
ATOM 396  C CA . LYS B 2 107 ? -37.289 -6.091  6.446   1.00 95.00 ? 116 LYS B CA 1 
ATOM 397  C CA . PHE B 2 108 ? -38.280 -4.080  3.336   1.00 95.00 ? 117 PHE B CA 1 
ATOM 398  C CA . HIS B 2 109 ? -34.798 -2.843  2.425   1.00 95.00 ? 118 HIS B CA 1 
ATOM 399  C CA . GLN B 2 110 ? -32.126 -4.867  0.594   1.00 95.00 ? 119 GLN B CA 1 
ATOM 400  C CA . GLY B 2 111 ? -28.393 -4.728  0.002   1.00 95.00 ? 120 GLY B CA 1 
ATOM 401  C CA . CYS B 2 112 ? -25.176 -6.520  0.784   1.00 95.00 ? 121 CYS B CA 1 
ATOM 402  C CA . LEU B 2 113 ? -21.831 -5.245  2.163   1.00 95.00 ? 122 LEU B CA 1 
ATOM 403  C CA . LEU B 2 114 ? -18.499 -7.108  2.193   1.00 95.00 ? 123 LEU B CA 1 
ATOM 404  C CA . VAL B 2 115 ? -16.556 -6.120  5.379   1.00 95.00 ? 124 VAL B CA 1 
ATOM 405  C CA . VAL B 2 116 ? -12.840 -7.014  5.152   1.00 95.00 ? 125 VAL B CA 1 
ATOM 406  C CA . CYS B 2 117 ? -9.611  -6.482  7.009   1.00 95.00 ? 126 CYS B CA 1 
ATOM 407  C CA . VAL B 2 118 ? -6.721  -6.595  4.551   1.00 95.00 ? 127 VAL B CA 1 
ATOM 408  C CA . PRO B 2 119 ? -3.300  -6.924  6.203   1.00 95.00 ? 128 PRO B CA 1 
ATOM 409  C CA . GLU B 2 120 ? -0.630  -4.869  4.483   1.00 95.00 ? 129 GLU B CA 1 
ATOM 410  C CA . ALA B 2 121 ? -2.925  -3.273  1.862   1.00 95.00 ? 130 ALA B CA 1 
ATOM 411  C CA . GLU B 2 122 ? -0.291  -1.453  -0.196  1.00 95.00 ? 131 GLU B CA 1 
ATOM 412  C CA . MET B 2 123 ? -2.164  0.689   -2.717  1.00 95.00 ? 132 MET B CA 1 
ATOM 413  C CA . GLY B 2 124 ? -1.466  1.749   -6.227  1.00 95.00 ? 133 GLY B CA 1 
ATOM 414  C CA . CYS B 2 125 ? -1.273  5.210   -7.720  1.00 95.00 ? 134 CYS B CA 1 
ATOM 415  C CA . SER B 2 126 ? -3.824  6.729   -10.181 1.00 95.00 ? 135 SER B CA 1 
ATOM 416  C CA . THR B 2 127 ? -1.001  8.210   -12.075 1.00 95.00 ? 136 THR B CA 1 
ATOM 417  C CA . VAL B 2 128 ? 0.715   4.998   -13.076 1.00 95.00 ? 137 VAL B CA 1 
ATOM 418  C CA . ASP B 2 129 ? 4.262   6.276   -12.949 1.00 95.00 ? 138 ASP B CA 1 
ATOM 419  C CA . GLY B 2 130 ? 3.701   8.581   -9.992  1.00 95.00 ? 139 GLY B CA 1 
ATOM 420  C CA . THR B 2 131 ? 3.520   7.856   -6.257  1.00 95.00 ? 140 THR B CA 1 
ATOM 421  C CA . VAL B 2 132 ? 0.861   8.208   -3.607  1.00 95.00 ? 141 VAL B CA 1 
ATOM 422  C CA . ASN B 2 133 ? 0.378   10.708  -0.807  1.00 95.00 ? 142 ASN B CA 1 
ATOM 423  C CA . GLU B 2 134 ? -0.278  9.891   2.785   1.00 95.00 ? 143 GLU B CA 1 
ATOM 424  C CA . HIS B 2 135 ? -3.451  11.893  2.150   1.00 95.00 ? 144 HIS B CA 1 
ATOM 425  C CA . GLY B 2 136 ? -4.437  9.743   -0.772  1.00 95.00 ? 145 GLY B CA 1 
ATOM 426  C CA . LEU B 2 137 ? -4.039  6.801   1.598   1.00 95.00 ? 146 LEU B CA 1 
ATOM 427  C CA . SER B 2 138 ? -5.874  7.802   4.688   1.00 95.00 ? 147 SER B CA 1 
ATOM 428  C CA . GLU B 2 139 ? -7.742  10.582  6.298   1.00 95.00 ? 148 GLU B CA 1 
ATOM 429  C CA . GLY B 2 140 ? -7.738  9.285   9.865   1.00 95.00 ? 149 GLY B CA 1 
ATOM 430  C CA . GLU B 2 141 ? -11.311 8.801   10.959  1.00 95.00 ? 150 GLU B CA 1 
ATOM 431  C CA . THR B 2 142 ? -13.629 9.919   8.133   1.00 95.00 ? 151 THR B CA 1 
ATOM 432  C CA . ALA B 2 143 ? -12.689 7.401   5.337   1.00 95.00 ? 152 ALA B CA 1 
ATOM 433  C CA . LYS B 2 144 ? -11.465 7.337   1.853   1.00 95.00 ? 153 LYS B CA 1 
ATOM 434  C CA . LYS B 2 145 ? -14.016 6.481   -0.790  1.00 95.00 ? 154 LYS B CA 1 
ATOM 435  C CA . PHE B 2 146 ? -13.630 3.926   -3.515  1.00 95.00 ? 155 PHE B CA 1 
ATOM 436  C CA . SER B 2 147 ? -14.767 5.007   -6.919  1.00 95.00 ? 156 SER B CA 1 
ATOM 437  C CA . ALA B 2 148 ? -16.918 3.551   -9.633  1.00 95.00 ? 157 ALA B CA 1 
ATOM 438  C CA . THR B 2 149 ? -14.531 4.636   -12.416 1.00 95.00 ? 158 THR B CA 1 
ATOM 439  C CA . GLY B 2 150 ? -10.837 4.952   -12.995 1.00 95.00 ? 159 GLY B CA 1 
ATOM 440  C CA . THR B 2 151 ? -9.379  7.915   -11.134 1.00 95.00 ? 160 THR B CA 1 
ATOM 441  C CA . ASN B 2 152 ? -6.674  10.363  -12.089 1.00 95.00 ? 161 ASN B CA 1 
ATOM 442  C CA . GLY B 2 153 ? -4.667  12.790  -10.183 1.00 95.00 ? 162 GLY B CA 1 
ATOM 443  C CA . THR B 2 154 ? -1.217  12.574  -8.834  1.00 95.00 ? 163 THR B CA 1 
ATOM 444  C CA . ASN B 2 155 ? -0.937  11.178  -5.309  1.00 95.00 ? 164 ASN B CA 1 
ATOM 445  C CA . THR B 2 156 ? -4.431  9.704   -5.114  1.00 95.00 ? 165 THR B CA 1 
ATOM 446  C CA . VAL B 2 157 ? -5.061  5.988   -4.981  1.00 95.00 ? 166 VAL B CA 1 
ATOM 447  C CA . GLN B 2 158 ? -6.312  4.382   -8.200  1.00 95.00 ? 167 GLN B CA 1 
ATOM 448  C CA . SER B 2 159 ? -9.613  3.666   -6.544  1.00 95.00 ? 168 SER B CA 1 
ATOM 449  C CA . ILE B 2 160 ? -11.936 1.891   -8.955  1.00 95.00 ? 169 ILE B CA 1 
ATOM 450  C CA . VAL B 2 161 ? -13.660 -0.666  -6.568  1.00 95.00 ? 170 VAL B CA 1 
ATOM 451  C CA . THR B 2 162 ? -13.342 -3.299  -9.088  1.00 95.00 ? 171 THR B CA 1 
ATOM 452  C CA . ASN B 2 163 ? -9.540  -3.596  -8.384  1.00 95.00 ? 172 ASN B CA 1 
ATOM 453  C CA . ALA B 2 164 ? -9.647  -2.589  -4.674  1.00 95.00 ? 173 ALA B CA 1 
ATOM 454  C CA . GLY B 2 165 ? -6.755  -0.151  -5.081  1.00 95.00 ? 174 GLY B CA 1 
ATOM 455  C CA . MET B 2 166 ? -4.405  -3.125  -5.103  1.00 95.00 ? 175 MET B CA 1 
ATOM 456  C CA . GLY B 2 167 ? -4.566  -4.480  -8.636  1.00 95.00 ? 176 GLY B CA 1 
ATOM 457  C CA . VAL B 2 168 ? -6.549  -7.654  -7.910  1.00 95.00 ? 177 VAL B CA 1 
ATOM 458  C CA . GLY B 2 169 ? -10.087 -8.911  -8.388  1.00 95.00 ? 178 GLY B CA 1 
ATOM 459  C CA . VAL B 2 170 ? -12.250 -7.336  -5.711  1.00 95.00 ? 179 VAL B CA 1 
ATOM 460  C CA . GLY B 2 171 ? -14.343 -10.485 -5.660  1.00 95.00 ? 180 GLY B CA 1 
ATOM 461  C CA . ASN B 2 172 ? -11.330 -12.407 -4.365  1.00 95.00 ? 181 ASN B CA 1 
ATOM 462  C CA . LEU B 2 173 ? -10.918 -10.257 -1.218  1.00 95.00 ? 182 LEU B CA 1 
ATOM 463  C CA . THR B 2 174 ? -12.471 -13.117 0.657   1.00 95.00 ? 183 THR B CA 1 
ATOM 464  C CA . ILE B 2 175 ? -9.084  -14.878 1.446   1.00 95.00 ? 184 ILE B CA 1 
ATOM 465  C CA . PHE B 2 176 ? -8.866  -12.106 4.032   1.00 95.00 ? 185 PHE B CA 1 
ATOM 466  C CA . PRO B 2 177 ? -10.734 -12.167 7.352   1.00 95.00 ? 186 PRO B CA 1 
ATOM 467  C CA . HIS B 2 178 ? -14.262 -10.865 6.678   1.00 95.00 ? 187 HIS B CA 1 
ATOM 468  C CA . GLN B 2 179 ? -18.039 -11.063 7.100   1.00 95.00 ? 188 GLN B CA 1 
ATOM 469  C CA . TRP B 2 180 ? -20.893 -9.909  4.902   1.00 95.00 ? 189 TRP B CA 1 
ATOM 470  C CA . ILE B 2 181 ? -23.740 -7.653  6.014   1.00 95.00 ? 190 ILE B CA 1 
ATOM 471  C CA . ASN B 2 182 ? -26.766 -8.901  4.014   1.00 95.00 ? 191 ASN B CA 1 
ATOM 472  C CA . LEU B 2 183 ? -29.554 -6.624  5.142   1.00 95.00 ? 192 LEU B CA 1 
ATOM 473  C CA . ARG B 2 184 ? -32.171 -9.347  4.890   1.00 95.00 ? 193 ARG B CA 1 
ATOM 474  C CA . THR B 2 185 ? -30.411 -11.440 7.509   1.00 95.00 ? 194 THR B CA 1 
ATOM 475  C CA . ASN B 2 186 ? -27.882 -9.507  9.383   1.00 95.00 ? 195 ASN B CA 1 
ATOM 476  C CA . ASN B 2 187 ? -27.238 -6.042  10.893  1.00 95.00 ? 196 ASN B CA 1 
ATOM 477  C CA . CYS B 2 188 ? -23.592 -5.970  11.912  1.00 95.00 ? 197 CYS B CA 1 
ATOM 478  C CA . ALA B 2 189 ? -20.224 -7.583  11.331  1.00 95.00 ? 198 ALA B CA 1 
ATOM 479  C CA . THR B 2 190 ? -17.596 -8.470  13.960  1.00 95.00 ? 199 THR B CA 1 
ATOM 480  C CA . ILE B 2 191 ? -13.999 -9.325  13.244  1.00 95.00 ? 200 ILE B CA 1 
ATOM 481  C CA . VAL B 2 192 ? -11.258 -9.787  15.805  1.00 95.00 ? 201 VAL B CA 1 
ATOM 482  C CA . MET B 2 193 ? -7.838  -9.228  14.207  1.00 95.00 ? 202 MET B CA 1 
ATOM 483  C CA . PRO B 2 194 ? -4.611  -10.330 15.866  1.00 95.00 ? 203 PRO B CA 1 
ATOM 484  C CA . TYR B 2 195 ? -1.386  -8.343  15.372  1.00 95.00 ? 204 TYR B CA 1 
ATOM 485  C CA . ILE B 2 196 ? 0.041   -9.421  11.969  1.00 95.00 ? 205 ILE B CA 1 
ATOM 486  C CA . ASN B 2 197 ? 3.466   -8.214  10.720  1.00 95.00 ? 206 ASN B CA 1 
ATOM 487  C CA . ASN B 2 198 ? 6.968   -9.626  9.965   1.00 95.00 ? 207 ASN B CA 1 
ATOM 488  C CA . VAL B 2 199 ? 8.466   -8.068  13.116  1.00 95.00 ? 208 VAL B CA 1 
ATOM 489  C CA . PRO B 2 200 ? 7.267   -8.296  16.723  1.00 95.00 ? 209 PRO B CA 1 
ATOM 490  C CA . MET B 2 201 ? 6.447   -4.609  17.134  1.00 95.00 ? 210 MET B CA 1 
ATOM 491  C CA . ASP B 2 202 ? 6.413   -1.562  14.900  1.00 95.00 ? 211 ASP B CA 1 
ATOM 492  C CA . ASN B 2 203 ? 5.919   2.173   14.705  1.00 95.00 ? 212 ASN B CA 1 
ATOM 493  C CA . MET B 2 204 ? 2.260   3.117   14.513  1.00 95.00 ? 213 MET B CA 1 
ATOM 494  C CA . PHE B 2 205 ? 2.496   6.212   12.381  1.00 95.00 ? 214 PHE B CA 1 
ATOM 495  C CA . ARG B 2 206 ? 4.838   4.937   9.703   1.00 95.00 ? 215 ARG B CA 1 
ATOM 496  C CA . HIS B 2 207 ? 3.137   1.596   8.971   1.00 95.00 ? 216 HIS B CA 1 
ATOM 497  C CA . HIS B 2 208 ? -0.564  0.824   8.276   1.00 95.00 ? 217 HIS B CA 1 
ATOM 498  C CA . ASN B 2 209 ? -0.843  -2.663  9.650   1.00 95.00 ? 218 ASN B CA 1 
ATOM 499  C CA . PHE B 2 210 ? -4.080  -3.285  7.832   1.00 95.00 ? 219 PHE B CA 1 
ATOM 500  C CA . THR B 2 211 ? -6.956  -1.718  5.954   1.00 95.00 ? 220 THR B CA 1 
ATOM 501  C CA . LEU B 2 212 ? -10.685 -2.062  6.695   1.00 95.00 ? 221 LEU B CA 1 
ATOM 502  C CA . MET B 2 213 ? -12.762 -2.021  3.481   1.00 95.00 ? 222 MET B CA 1 
ATOM 503  C CA . ILE B 2 214 ? -16.603 -1.856  3.322   1.00 95.00 ? 223 ILE B CA 1 
ATOM 504  C CA . ILE B 2 215 ? -17.704 -2.499  -0.277  1.00 95.00 ? 224 ILE B CA 1 
ATOM 505  C CA . PRO B 2 216 ? -21.283 -2.882  -1.287  1.00 95.00 ? 225 PRO B CA 1 
ATOM 506  C CA . PHE B 2 217 ? -21.620 -5.853  -3.699  1.00 95.00 ? 226 PHE B CA 1 
ATOM 507  C CA . VAL B 2 218 ? -25.456 -5.704  -3.996  1.00 95.00 ? 227 VAL B CA 1 
ATOM 508  C CA . PRO B 2 219 ? -26.622 -2.069  -3.757  1.00 95.00 ? 228 PRO B CA 1 
ATOM 509  C CA . LEU B 2 220 ? -28.978 -0.470  -1.314  1.00 95.00 ? 229 LEU B CA 1 
ATOM 510  C CA . ASN B 2 221 ? -32.571 -0.406  -2.451  1.00 95.00 ? 230 ASN B CA 1 
ATOM 511  C CA . TYR B 2 222 ? -36.098 0.237   -1.166  1.00 95.00 ? 231 TYR B CA 1 
ATOM 512  C CA . SER B 2 223 ? -39.557 1.753   -2.111  1.00 95.00 ? 232 SER B CA 1 
ATOM 513  C CA . SER B 2 224 ? -41.893 4.422   -0.614  1.00 95.00 ? 233 SER B CA 1 
ATOM 514  C CA . ASP B 2 225 ? -39.948 3.194   2.570   1.00 95.00 ? 234 ASP B CA 1 
ATOM 515  C CA . PHE B 2 226 ? -39.796 6.580   4.170   1.00 95.00 ? 235 PHE B CA 1 
ATOM 516  C CA . SER B 2 227 ? -36.235 5.605   5.150   1.00 95.00 ? 236 SER B CA 1 
ATOM 517  C CA . THR B 2 228 ? -33.696 6.540   2.579   1.00 95.00 ? 237 THR B CA 1 
ATOM 518  C CA . TYR B 2 229 ? -31.137 7.316   5.228   1.00 95.00 ? 238 TYR B CA 1 
ATOM 519  C CA . VAL B 2 230 ? -29.138 4.185   5.939   1.00 95.00 ? 239 VAL B CA 1 
ATOM 520  C CA . PRO B 2 231 ? -25.872 4.926   7.814   1.00 95.00 ? 240 PRO B CA 1 
ATOM 521  C CA . ILE B 2 232 ? -22.953 2.562   8.460   1.00 95.00 ? 241 ILE B CA 1 
ATOM 522  C CA . THR B 2 233 ? -20.910 2.971   11.644  1.00 95.00 ? 242 THR B CA 1 
ATOM 523  C CA . VAL B 2 234 ? -17.502 1.549   12.542  1.00 95.00 ? 243 VAL B CA 1 
ATOM 524  C CA . THR B 2 235 ? -16.536 0.940   16.173  1.00 95.00 ? 244 THR B CA 1 
ATOM 525  C CA . VAL B 2 236 ? -13.191 -0.569  17.007  1.00 95.00 ? 245 VAL B CA 1 
ATOM 526  C CA . ALA B 2 237 ? -11.403 -1.597  20.154  1.00 95.00 ? 246 ALA B CA 1 
ATOM 527  C CA . PRO B 2 238 ? -7.636  -2.069  20.519  1.00 95.00 ? 247 PRO B CA 1 
ATOM 528  C CA . MET B 2 239 ? -6.766  -5.275  22.337  1.00 95.00 ? 248 MET B CA 1 
ATOM 529  C CA . CYS B 2 240 ? -3.591  -6.006  24.297  1.00 95.00 ? 249 CYS B CA 1 
ATOM 530  C CA . ALA B 2 241 ? -2.013  -2.716  23.428  1.00 95.00 ? 250 ALA B CA 1 
ATOM 531  C CA . GLU B 2 242 ? 1.596   -2.511  24.550  1.00 95.00 ? 251 GLU B CA 1 
ATOM 532  C CA . TYR B 2 243 ? 4.143   0.218   23.934  1.00 95.00 ? 252 TYR B CA 1 
ATOM 533  C CA . ASN B 2 244 ? 7.954   0.526   23.998  1.00 95.00 ? 253 ASN B CA 1 
ATOM 534  C CA . GLY B 2 245 ? 10.582  3.254   23.559  1.00 95.00 ? 254 GLY B CA 1 
ATOM 535  C CA . LEU B 2 246 ? 9.151   6.203   25.425  1.00 95.00 ? 255 LEU B CA 1 
ATOM 536  C CA . ARG B 2 247 ? 10.336  9.752   24.652  1.00 95.00 ? 256 ARG B CA 1 
ATOM 537  C CA . LEU B 2 248 ? 8.949   13.159  23.739  1.00 95.00 ? 257 LEU B CA 1 
ATOM 538  C CA . SER B 2 249 ? 5.778   13.273  21.659  1.00 95.00 ? 258 SER B CA 1 
ATOM 539  C CA . THR B 2 250 ? 5.813   13.047  17.854  1.00 95.00 ? 259 THR B CA 1 
ATOM 540  C CA . ALA B 2 251 ? 5.426   16.086  15.628  1.00 95.00 ? 260 ALA B CA 1 
ATOM 541  C CA . LEU B 2 252 ? 1.887   16.322  14.136  1.00 95.00 ? 261 LEU B CA 1 
ATOM 542  C CA . GLY C 3 1   ? 41.822  -41.677 -7.143  1.00 95.00 ? 1   GLY C CA 1 
ATOM 543  C CA . LEU C 3 2   ? 38.442  -43.503 -7.011  1.00 95.00 ? 2   LEU C CA 1 
ATOM 544  C CA . PRO C 3 3   ? 37.224  -44.662 -10.484 1.00 95.00 ? 3   PRO C CA 1 
ATOM 545  C CA . VAL C 3 4   ? 34.242  -42.802 -11.845 1.00 95.00 ? 4   VAL C CA 1 
ATOM 546  C CA . ILE C 3 5   ? 32.056  -42.534 -15.130 1.00 95.00 ? 5   ILE C CA 1 
ATOM 547  C CA . ASN C 3 6   ? 30.025  -39.405 -15.864 1.00 95.00 ? 6   ASN C CA 1 
ATOM 548  C CA . THR C 3 7   ? 26.494  -40.160 -16.983 1.00 95.00 ? 7   THR C CA 1 
ATOM 549  C CA . PRO C 3 8   ? 24.358  -38.233 -19.477 1.00 95.00 ? 8   PRO C CA 1 
ATOM 550  C CA . GLY C 3 9   ? 23.028  -35.202 -17.574 1.00 95.00 ? 9   GLY C CA 1 
ATOM 551  C CA . SER C 3 10  ? 26.361  -34.228 -16.070 1.00 95.00 ? 10  SER C CA 1 
ATOM 552  C CA . ASN C 3 11  ? 26.779  -30.479 -16.009 1.00 95.00 ? 11  ASN C CA 1 
ATOM 553  C CA . GLN C 3 12  ? 23.246  -29.582 -17.006 1.00 95.00 ? 12  GLN C CA 1 
ATOM 554  C CA . PHE C 3 13  ? 21.064  -27.094 -15.235 1.00 95.00 ? 13  PHE C CA 1 
ATOM 555  C CA . LEU C 3 14  ? 17.570  -28.455 -14.726 1.00 95.00 ? 14  LEU C CA 1 
ATOM 556  C CA . THR C 3 15  ? 15.167  -25.818 -13.347 1.00 95.00 ? 15  THR C CA 1 
ATOM 557  C CA . SER C 3 16  ? 13.487  -28.377 -11.129 1.00 95.00 ? 16  SER C CA 1 
ATOM 558  C CA . ASP C 3 17  ? 16.565  -30.217 -9.895  1.00 95.00 ? 17  ASP C CA 1 
ATOM 559  C CA . ASP C 3 18  ? 17.055  -30.708 -6.184  1.00 95.00 ? 18  ASP C CA 1 
ATOM 560  C CA . PHE C 3 19  ? 20.668  -30.907 -4.952  1.00 95.00 ? 19  PHE C CA 1 
ATOM 561  C CA . GLN C 3 20  ? 22.803  -29.713 -2.075  1.00 95.00 ? 20  GLN C CA 1 
ATOM 562  C CA . SER C 3 21  ? 25.023  -26.603 -2.802  1.00 95.00 ? 21  SER C CA 1 
ATOM 563  C CA . PRO C 3 22  ? 27.784  -24.775 -0.865  1.00 95.00 ? 22  PRO C CA 1 
ATOM 564  C CA . SER C 3 23  ? 26.639  -21.805 1.123   1.00 95.00 ? 23  SER C CA 1 
ATOM 565  C CA . ALA C 3 24  ? 28.229  -18.512 0.245   1.00 95.00 ? 24  ALA C CA 1 
ATOM 566  C CA . MET C 3 25  ? 27.768  -17.379 3.858   1.00 95.00 ? 25  MET C CA 1 
ATOM 567  C CA . PRO C 3 26  ? 29.282  -20.000 6.179   1.00 95.00 ? 26  PRO C CA 1 
ATOM 568  C CA . GLN C 3 27  ? 27.745  -19.945 9.678   1.00 95.00 ? 27  GLN C CA 1 
ATOM 569  C CA . PHE C 3 28  ? 25.367  -17.034 9.066   1.00 95.00 ? 28  PHE C CA 1 
ATOM 570  C CA . ASP C 3 29  ? 23.104  -16.656 12.104  1.00 95.00 ? 29  ASP C CA 1 
ATOM 571  C CA . VAL C 3 30  ? 19.613  -16.368 10.657  1.00 95.00 ? 30  VAL C CA 1 
ATOM 572  C CA . THR C 3 31  ? 17.107  -14.125 12.540  1.00 95.00 ? 31  THR C CA 1 
ATOM 573  C CA . PRO C 3 32  ? 14.742  -16.129 14.923  1.00 95.00 ? 32  PRO C CA 1 
ATOM 574  C CA . GLU C 3 33  ? 11.492  -17.361 13.600  1.00 95.00 ? 33  GLU C CA 1 
ATOM 575  C CA . LEU C 3 34  ? 8.376   -15.516 14.666  1.00 95.00 ? 34  LEU C CA 1 
ATOM 576  C CA . ASN C 3 35  ? 4.970   -17.081 14.903  1.00 95.00 ? 35  ASN C CA 1 
ATOM 577  C CA . ILE C 3 36  ? 2.892   -15.073 12.420  1.00 95.00 ? 36  ILE C CA 1 
ATOM 578  C CA . PRO C 3 37  ? -0.816  -15.808 12.151  1.00 95.00 ? 37  PRO C CA 1 
ATOM 579  C CA . GLY C 3 38  ? -2.138  -17.229 8.889   1.00 95.00 ? 38  GLY C CA 1 
ATOM 580  C CA . GLU C 3 39  ? 0.454   -19.683 7.780   1.00 95.00 ? 39  GLU C CA 1 
ATOM 581  C CA . VAL C 3 40  ? -0.266  -21.197 4.366   1.00 95.00 ? 40  VAL C CA 1 
ATOM 582  C CA . GLN C 3 41  ? 0.974   -24.744 3.550   1.00 95.00 ? 41  GLN C CA 1 
ATOM 583  C CA . ASN C 3 42  ? -0.661  -25.987 0.385   1.00 95.00 ? 42  ASN C CA 1 
ATOM 584  C CA . LEU C 3 43  ? -2.190  -23.886 -2.379  1.00 95.00 ? 43  LEU C CA 1 
ATOM 585  C CA . MET C 3 44  ? -5.305  -26.034 -1.966  1.00 95.00 ? 44  MET C CA 1 
ATOM 586  C CA . GLU C 3 45  ? -5.928  -24.271 1.355   1.00 95.00 ? 45  GLU C CA 1 
ATOM 587  C CA . ILE C 3 46  ? -6.573  -21.168 -0.804  1.00 95.00 ? 46  ILE C CA 1 
ATOM 588  C CA . ALA C 3 47  ? -8.716  -23.009 -3.380  1.00 95.00 ? 47  ALA C CA 1 
ATOM 589  C CA . GLU C 3 48  ? -10.900 -24.316 -0.583  1.00 95.00 ? 48  GLU C CA 1 
ATOM 590  C CA . VAL C 3 49  ? -11.931 -20.732 0.274   1.00 95.00 ? 49  VAL C CA 1 
ATOM 591  C CA . ASP C 3 50  ? -15.042 -19.219 -1.294  1.00 95.00 ? 50  ASP C CA 1 
ATOM 592  C CA . SER C 3 51  ? -14.499 -16.332 -3.720  1.00 95.00 ? 51  SER C CA 1 
ATOM 593  C CA . VAL C 3 52  ? -17.171 -14.440 -5.725  1.00 95.00 ? 52  VAL C CA 1 
ATOM 594  C CA . VAL C 3 53  ? -17.909 -15.724 -9.245  1.00 95.00 ? 53  VAL C CA 1 
ATOM 595  C CA . PRO C 3 54  ? -18.388 -13.111 -12.011 1.00 95.00 ? 54  PRO C CA 1 
ATOM 596  C CA . VAL C 3 55  ? -21.406 -14.943 -13.509 1.00 95.00 ? 55  VAL C CA 1 
ATOM 597  C CA . ASN C 3 56  ? -22.758 -11.876 -15.267 1.00 95.00 ? 56  ASN C CA 1 
ATOM 598  C CA . ASN C 3 57  ? -19.565 -11.374 -17.309 1.00 95.00 ? 57  ASN C CA 1 
ATOM 599  C CA . VAL C 3 58  ? -21.427 -9.729  -20.110 1.00 95.00 ? 58  VAL C CA 1 
ATOM 600  C CA . ALA C 3 59  ? -20.026 -7.025  -22.351 1.00 95.00 ? 59  ALA C CA 1 
ATOM 601  C CA . GLY C 3 60  ? -20.275 -3.755  -20.433 1.00 95.00 ? 60  GLY C CA 1 
ATOM 602  C CA . ASN C 3 61  ? -20.007 -5.234  -16.969 1.00 95.00 ? 61  ASN C CA 1 
ATOM 603  C CA . LEU C 3 62  ? -16.356 -6.139  -17.225 1.00 95.00 ? 62  LEU C CA 1 
ATOM 604  C CA . GLU C 3 63  ? -15.387 -3.278  -14.902 1.00 95.00 ? 63  GLU C CA 1 
ATOM 605  C CA . THR C 3 64  ? -18.364 -2.737  -12.697 1.00 95.00 ? 64  THR C CA 1 
ATOM 606  C CA . MET C 3 65  ? -19.732 -4.548  -9.656  1.00 95.00 ? 65  MET C CA 1 
ATOM 607  C CA . ASP C 3 66  ? -22.604 -5.938  -11.805 1.00 95.00 ? 66  ASP C CA 1 
ATOM 608  C CA . ILE C 3 67  ? -20.565 -8.799  -13.265 1.00 95.00 ? 67  ILE C CA 1 
ATOM 609  C CA . TYR C 3 68  ? -21.042 -10.291 -9.773  1.00 95.00 ? 68  TYR C CA 1 
ATOM 610  C CA . ARG C 3 69  ? -24.872 -9.907  -9.656  1.00 95.00 ? 69  ARG C CA 1 
ATOM 611  C CA . ILE C 3 70  ? -27.351 -12.483 -10.979 1.00 95.00 ? 70  ILE C CA 1 
ATOM 612  C CA . PRO C 3 71  ? -30.678 -10.580 -11.688 1.00 95.00 ? 71  PRO C CA 1 
ATOM 613  C CA . VAL C 3 72  ? -33.831 -12.270 -10.578 1.00 95.00 ? 72  VAL C CA 1 
ATOM 614  C CA . GLN C 3 73  ? -37.387 -10.907 -10.253 1.00 95.00 ? 73  GLN C CA 1 
ATOM 615  C CA . SER C 3 74  ? -41.045 -10.881 -9.197  1.00 95.00 ? 74  SER C CA 1 
ATOM 616  C CA . GLY C 3 75  ? -43.746 -11.759 -11.743 1.00 95.00 ? 75  GLY C CA 1 
ATOM 617  C CA . ASN C 3 76  ? -44.094 -14.581 -14.301 1.00 95.00 ? 76  ASN C CA 1 
ATOM 618  C CA . HIS C 3 77  ? -40.702 -15.519 -15.813 1.00 95.00 ? 77  HIS C CA 1 
ATOM 619  C CA . GLN C 3 78  ? -40.630 -19.298 -15.508 1.00 95.00 ? 78  GLN C CA 1 
ATOM 620  C CA . SER C 3 79  ? -39.766 -19.976 -19.229 1.00 95.00 ? 79  SER C CA 1 
ATOM 621  C CA . SER C 3 80  ? -36.938 -17.516 -18.769 1.00 95.00 ? 80  SER C CA 1 
ATOM 622  C CA . GLN C 3 81  ? -33.793 -19.379 -17.493 1.00 95.00 ? 81  GLN C CA 1 
ATOM 623  C CA . VAL C 3 82  ? -31.995 -17.440 -14.711 1.00 95.00 ? 82  VAL C CA 1 
ATOM 624  C CA . PHE C 3 83  ? -28.403 -18.230 -15.787 1.00 95.00 ? 83  PHE C CA 1 
ATOM 625  C CA . GLY C 3 84  ? -26.153 -21.053 -16.989 1.00 95.00 ? 84  GLY C CA 1 
ATOM 626  C CA . PHE C 3 85  ? -22.458 -21.642 -17.528 1.00 95.00 ? 85  PHE C CA 1 
ATOM 627  C CA . GLN C 3 86  ? -19.971 -24.336 -18.441 1.00 95.00 ? 86  GLN C CA 1 
ATOM 628  C CA . VAL C 3 87  ? -18.070 -26.179 -15.775 1.00 95.00 ? 87  VAL C CA 1 
ATOM 629  C CA . GLN C 3 88  ? -14.458 -25.362 -16.865 1.00 95.00 ? 88  GLN C CA 1 
ATOM 630  C CA . PRO C 3 89  ? -12.928 -24.075 -13.657 1.00 95.00 ? 89  PRO C CA 1 
ATOM 631  C CA . GLY C 3 90  ? -9.604  -23.109 -15.106 1.00 95.00 ? 90  GLY C CA 1 
ATOM 632  C CA . LEU C 3 91  ? -10.718 -21.976 -18.522 1.00 95.00 ? 91  LEU C CA 1 
ATOM 633  C CA . ASP C 3 92  ? -14.096 -20.233 -18.914 1.00 95.00 ? 92  ASP C CA 1 
ATOM 634  C CA . GLY C 3 93  ? -14.271 -16.535 -18.097 1.00 95.00 ? 93  GLY C CA 1 
ATOM 635  C CA . VAL C 3 94  ? -16.787 -17.213 -15.372 1.00 95.00 ? 94  VAL C CA 1 
ATOM 636  C CA . PHE C 3 95  ? -14.176 -19.105 -13.345 1.00 95.00 ? 95  PHE C CA 1 
ATOM 637  C CA . LYS C 3 96  ? -10.638 -18.484 -14.516 1.00 95.00 ? 96  LYS C CA 1 
ATOM 638  C CA . HIS C 3 97  ? -9.969  -15.375 -12.375 1.00 95.00 ? 97  HIS C CA 1 
ATOM 639  C CA . THR C 3 98  ? -11.614 -16.786 -9.337  1.00 95.00 ? 98  THR C CA 1 
ATOM 640  C CA . LEU C 3 99  ? -9.490  -17.825 -6.317  1.00 95.00 ? 99  LEU C CA 1 
ATOM 641  C CA . LEU C 3 100 ? -9.946  -21.490 -7.459  1.00 95.00 ? 100 LEU C CA 1 
ATOM 642  C CA . GLY C 3 101 ? -9.314  -20.513 -11.072 1.00 95.00 ? 101 GLY C CA 1 
ATOM 643  C CA . GLU C 3 102 ? -6.129  -18.533 -10.559 1.00 95.00 ? 102 GLU C CA 1 
ATOM 644  C CA . ILE C 3 103 ? -4.718  -21.467 -8.687  1.00 95.00 ? 103 ILE C CA 1 
ATOM 645  C CA . LEU C 3 104 ? -5.762  -24.022 -11.299 1.00 95.00 ? 104 LEU C CA 1 
ATOM 646  C CA . ASN C 3 105 ? -3.911  -21.966 -13.901 1.00 95.00 ? 105 ASN C CA 1 
ATOM 647  C CA . TYR C 3 106 ? -0.505  -22.782 -12.391 1.00 95.00 ? 106 TYR C CA 1 
ATOM 648  C CA . TYR C 3 107 ? -1.238  -26.485 -13.106 1.00 95.00 ? 107 TYR C CA 1 
ATOM 649  C CA . ALA C 3 108 ? -2.232  -28.624 -16.091 1.00 95.00 ? 108 ALA C CA 1 
ATOM 650  C CA . HIS C 3 109 ? -4.460  -31.215 -14.390 1.00 95.00 ? 109 HIS C CA 1 
ATOM 651  C CA . TRP C 3 110 ? -7.331  -31.061 -11.884 1.00 95.00 ? 110 TRP C CA 1 
ATOM 652  C CA . SER C 3 111 ? -9.774  -33.426 -10.181 1.00 95.00 ? 111 SER C CA 1 
ATOM 653  C CA . GLY C 3 112 ? -12.440 -33.084 -7.521  1.00 95.00 ? 112 GLY C CA 1 
ATOM 654  C CA . SER C 3 113 ? -15.841 -31.862 -6.502  1.00 95.00 ? 113 SER C CA 1 
ATOM 655  C CA . ILE C 3 114 ? -16.768 -28.236 -6.543  1.00 95.00 ? 114 ILE C CA 1 
ATOM 656  C CA . LYS C 3 115 ? -19.022 -26.202 -4.311  1.00 95.00 ? 115 LYS C CA 1 
ATOM 657  C CA . LEU C 3 116 ? -21.187 -23.440 -5.686  1.00 95.00 ? 116 LEU C CA 1 
ATOM 658  C CA . THR C 3 117 ? -22.819 -21.393 -2.883  1.00 95.00 ? 117 THR C CA 1 
ATOM 659  C CA . PHE C 3 118 ? -25.718 -19.120 -3.890  1.00 95.00 ? 118 PHE C CA 1 
ATOM 660  C CA . VAL C 3 119 ? -26.776 -16.303 -1.623  1.00 95.00 ? 119 VAL C CA 1 
ATOM 661  C CA . PHE C 3 120 ? -30.059 -14.368 -1.970  1.00 95.00 ? 120 PHE C CA 1 
ATOM 662  C CA . CYS C 3 121 ? -29.806 -10.595 -1.416  1.00 95.00 ? 121 CYS C CA 1 
ATOM 663  C CA . GLY C 3 122 ? -33.354 -9.395  -1.741  1.00 95.00 ? 122 GLY C CA 1 
ATOM 664  C CA . SER C 3 123 ? -35.386 -7.966  1.125   1.00 95.00 ? 123 SER C CA 1 
ATOM 665  C CA . ALA C 3 124 ? -36.355 -10.214 3.989   1.00 95.00 ? 124 ALA C CA 1 
ATOM 666  C CA . MET C 3 125 ? -40.003 -9.998  2.891   1.00 95.00 ? 125 MET C CA 1 
ATOM 667  C CA . ALA C 3 126 ? -39.092 -11.514 -0.505  1.00 95.00 ? 126 ALA C CA 1 
ATOM 668  C CA . THR C 3 127 ? -39.831 -15.136 -1.202  1.00 95.00 ? 127 THR C CA 1 
ATOM 669  C CA . GLY C 3 128 ? -39.136 -17.859 -3.731  1.00 95.00 ? 128 GLY C CA 1 
ATOM 670  C CA . LYS C 3 129 ? -37.858 -21.261 -4.845  1.00 95.00 ? 129 LYS C CA 1 
ATOM 671  C CA . PHE C 3 130 ? -35.196 -21.929 -7.525  1.00 95.00 ? 130 PHE C CA 1 
ATOM 672  C CA . LEU C 3 131 ? -33.971 -25.099 -9.199  1.00 95.00 ? 131 LEU C CA 1 
ATOM 673  C CA . LEU C 3 132 ? -30.180 -25.393 -9.434  1.00 95.00 ? 132 LEU C CA 1 
ATOM 674  C CA . ALA C 3 133 ? -29.105 -28.129 -11.879 1.00 95.00 ? 133 ALA C CA 1 
ATOM 675  C CA . TYR C 3 134 ? -25.887 -29.691 -12.984 1.00 95.00 ? 134 TYR C CA 1 
ATOM 676  C CA . ALA C 3 135 ? -25.814 -31.798 -16.129 1.00 95.00 ? 135 ALA C CA 1 
ATOM 677  C CA . PRO C 3 136 ? -22.871 -34.138 -16.766 1.00 95.00 ? 136 PRO C CA 1 
ATOM 678  C CA . PRO C 3 137 ? -21.541 -33.968 -20.388 1.00 95.00 ? 137 PRO C CA 1 
ATOM 679  C CA . GLY C 3 138 ? -22.925 -35.778 -23.414 1.00 95.00 ? 138 GLY C CA 1 
ATOM 680  C CA . ALA C 3 139 ? -25.901 -33.637 -24.374 1.00 95.00 ? 139 ALA C CA 1 
ATOM 681  C CA . ASN C 3 140 ? -26.427 -29.978 -24.984 1.00 95.00 ? 140 ASN C CA 1 
ATOM 682  C CA . ALA C 3 141 ? -27.390 -27.643 -22.193 1.00 95.00 ? 141 ALA C CA 1 
ATOM 683  C CA . PRO C 3 142 ? -30.922 -28.197 -20.926 1.00 95.00 ? 142 PRO C CA 1 
ATOM 684  C CA . LYS C 3 143 ? -33.199 -25.760 -22.718 1.00 95.00 ? 143 LYS C CA 1 
ATOM 685  C CA . SER C 3 144 ? -36.111 -25.951 -20.229 1.00 95.00 ? 144 SER C CA 1 
ATOM 686  C CA . ARG C 3 145 ? -36.702 -26.663 -16.585 1.00 95.00 ? 145 ARG C CA 1 
ATOM 687  C CA . LYS C 3 146 ? -38.139 -30.079 -17.648 1.00 95.00 ? 146 LYS C CA 1 
ATOM 688  C CA . ASP C 3 147 ? -34.823 -31.070 -19.160 1.00 95.00 ? 147 ASP C CA 1 
ATOM 689  C CA . ALA C 3 148 ? -32.742 -29.634 -16.406 1.00 95.00 ? 148 ALA C CA 1 
ATOM 690  C CA . MET C 3 149 ? -34.449 -31.420 -13.582 1.00 95.00 ? 149 MET C CA 1 
ATOM 691  C CA . LEU C 3 150 ? -33.480 -34.777 -15.094 1.00 95.00 ? 150 LEU C CA 1 
ATOM 692  C CA . GLY C 3 151 ? -29.921 -34.187 -13.914 1.00 95.00 ? 151 GLY C CA 1 
ATOM 693  C CA . THR C 3 152 ? -28.287 -33.489 -10.521 1.00 95.00 ? 152 THR C CA 1 
ATOM 694  C CA . HIS C 3 153 ? -30.105 -30.669 -8.718  1.00 95.00 ? 153 HIS C CA 1 
ATOM 695  C CA . ILE C 3 154 ? -31.315 -29.002 -5.455  1.00 95.00 ? 154 ILE C CA 1 
ATOM 696  C CA . ILE C 3 155 ? -34.475 -27.020 -5.058  1.00 95.00 ? 155 ILE C CA 1 
ATOM 697  C CA . TRP C 3 156 ? -33.587 -23.980 -3.023  1.00 95.00 ? 156 TRP C CA 1 
ATOM 698  C CA . ASP C 3 157 ? -36.142 -22.341 -0.758  1.00 95.00 ? 157 ASP C CA 1 
ATOM 699  C CA . VAL C 3 158 ? -35.339 -18.743 0.092   1.00 95.00 ? 158 VAL C CA 1 
ATOM 700  C CA . GLY C 3 159 ? -35.734 -18.267 3.848   1.00 95.00 ? 159 GLY C CA 1 
ATOM 701  C CA . LEU C 3 160 ? -33.731 -17.231 6.953   1.00 95.00 ? 160 LEU C CA 1 
ATOM 702  C CA . GLN C 3 161 ? -30.821 -19.352 5.619   1.00 95.00 ? 161 GLN C CA 1 
ATOM 703  C CA . SER C 3 162 ? -29.845 -16.879 2.925   1.00 95.00 ? 162 SER C CA 1 
ATOM 704  C CA . SER C 3 163 ? -27.512 -19.327 1.175   1.00 95.00 ? 163 SER C CA 1 
ATOM 705  C CA . CYS C 3 164 ? -27.801 -22.661 -0.626  1.00 95.00 ? 164 CYS C CA 1 
ATOM 706  C CA . VAL C 3 165 ? -25.006 -24.999 -1.749  1.00 95.00 ? 165 VAL C CA 1 
ATOM 707  C CA . LEU C 3 166 ? -25.048 -26.861 -5.058  1.00 95.00 ? 166 LEU C CA 1 
ATOM 708  C CA . CYS C 3 167 ? -22.226 -29.334 -4.910  1.00 95.00 ? 167 CYS C CA 1 
ATOM 709  C CA . ILE C 3 168 ? -20.921 -30.614 -8.271  1.00 95.00 ? 168 ILE C CA 1 
ATOM 710  C CA . PRO C 3 169 ? -19.811 -34.208 -7.643  1.00 95.00 ? 169 PRO C CA 1 
ATOM 711  C CA . TRP C 3 170 ? -16.856 -35.476 -9.610  1.00 95.00 ? 170 TRP C CA 1 
ATOM 712  C CA . ILE C 3 171 ? -18.248 -37.580 -12.467 1.00 95.00 ? 171 ILE C CA 1 
ATOM 713  C CA . SER C 3 172 ? -15.683 -38.289 -15.183 1.00 95.00 ? 172 SER C CA 1 
ATOM 714  C CA . GLN C 3 173 ? -14.347 -41.106 -17.339 1.00 95.00 ? 173 GLN C CA 1 
ATOM 715  C CA . THR C 3 174 ? -10.826 -40.110 -16.273 1.00 95.00 ? 174 THR C CA 1 
ATOM 716  C CA . HIS C 3 175 ? -9.358  -39.418 -12.799 1.00 95.00 ? 175 HIS C CA 1 
ATOM 717  C CA . TYR C 3 176 ? -8.246  -36.010 -14.045 1.00 95.00 ? 176 TYR C CA 1 
ATOM 718  C CA . ARG C 3 177 ? -9.302  -33.295 -16.478 1.00 95.00 ? 177 ARG C CA 1 
ATOM 719  C CA . LEU C 3 178 ? -7.078  -30.748 -18.313 1.00 95.00 ? 178 LEU C CA 1 
ATOM 720  C CA . VAL C 3 179 ? -7.269  -27.241 -16.679 1.00 95.00 ? 179 VAL C CA 1 
ATOM 721  C CA . GLN C 3 180 ? -6.973  -26.150 -20.268 1.00 95.00 ? 180 GLN C CA 1 
ATOM 722  C CA . GLN C 3 181 ? -10.186 -28.192 -20.883 1.00 95.00 ? 181 GLN C CA 1 
ATOM 723  C CA . ASP C 3 182 ? -11.099 -29.828 -24.207 1.00 95.00 ? 182 ASP C CA 1 
ATOM 724  C CA . GLU C 3 183 ? -14.181 -31.745 -25.298 1.00 95.00 ? 183 GLU C CA 1 
ATOM 725  C CA . TYR C 3 184 ? -12.544 -35.004 -24.283 1.00 95.00 ? 184 TYR C CA 1 
ATOM 726  C CA . THR C 3 185 ? -12.385 -33.761 -20.668 1.00 95.00 ? 185 THR C CA 1 
ATOM 727  C CA . SER C 3 186 ? -15.728 -31.971 -20.723 1.00 95.00 ? 186 SER C CA 1 
ATOM 728  C CA . ALA C 3 187 ? -17.444 -31.542 -17.371 1.00 95.00 ? 187 ALA C CA 1 
ATOM 729  C CA . GLY C 3 188 ? -20.947 -30.386 -18.241 1.00 95.00 ? 188 GLY C CA 1 
ATOM 730  C CA . ASN C 3 189 ? -22.949 -27.290 -17.212 1.00 95.00 ? 189 ASN C CA 1 
ATOM 731  C CA . VAL C 3 190 ? -25.058 -25.876 -14.409 1.00 95.00 ? 190 VAL C CA 1 
ATOM 732  C CA . THR C 3 191 ? -28.209 -23.910 -15.154 1.00 95.00 ? 191 THR C CA 1 
ATOM 733  C CA . CYS C 3 192 ? -30.738 -22.270 -12.851 1.00 95.00 ? 192 CYS C CA 1 
ATOM 734  C CA . TRP C 3 193 ? -34.537 -21.884 -13.127 1.00 95.00 ? 193 TRP C CA 1 
ATOM 735  C CA . TYR C 3 194 ? -37.464 -20.416 -11.269 1.00 95.00 ? 194 TYR C CA 1 
ATOM 736  C CA . GLN C 3 195 ? -39.074 -23.416 -9.523  1.00 95.00 ? 195 GLN C CA 1 
ATOM 737  C CA . THR C 3 196 ? -41.935 -21.309 -8.392  1.00 95.00 ? 196 THR C CA 1 
ATOM 738  C CA . GLY C 3 197 ? -41.400 -17.596 -8.991  1.00 95.00 ? 197 GLY C CA 1 
ATOM 739  C CA . ILE C 3 198 ? -40.363 -14.653 -6.662  1.00 95.00 ? 198 ILE C CA 1 
ATOM 740  C CA . VAL C 3 199 ? -43.302 -13.320 -4.660  1.00 95.00 ? 199 VAL C CA 1 
ATOM 741  C CA . VAL C 3 200 ? -43.202 -10.090 -2.721  1.00 95.00 ? 200 VAL C CA 1 
ATOM 742  C CA . PRO C 3 201 ? -45.450 -7.870  -0.585  1.00 95.00 ? 201 PRO C CA 1 
ATOM 743  C CA . ALA C 3 202 ? -46.234 -4.280  -1.388  1.00 95.00 ? 202 ALA C CA 1 
ATOM 744  C CA . GLY C 3 203 ? -43.622 -1.660  -0.602  1.00 95.00 ? 203 GLY C CA 1 
ATOM 745  C CA . THR C 3 204 ? -40.663 -3.789  -1.413  1.00 95.00 ? 204 THR C CA 1 
ATOM 746  C CA . PRO C 3 205 ? -38.399 -3.827  -4.511  1.00 95.00 ? 205 PRO C CA 1 
ATOM 747  C CA . THR C 3 206 ? -39.627 -6.223  -7.212  1.00 95.00 ? 206 THR C CA 1 
ATOM 748  C CA . SER C 3 207 ? -36.169 -7.314  -8.347  1.00 95.00 ? 207 SER C CA 1 
ATOM 749  C CA . CYS C 3 208 ? -32.995 -8.375  -6.560  1.00 95.00 ? 208 CYS C CA 1 
ATOM 750  C CA . SER C 3 209 ? -29.677 -10.008 -6.943  1.00 95.00 ? 209 SER C CA 1 
ATOM 751  C CA . ILE C 3 210 ? -28.347 -13.483 -6.202  1.00 95.00 ? 210 ILE C CA 1 
ATOM 752  C CA . MET C 3 211 ? -24.575 -13.879 -5.811  1.00 95.00 ? 211 MET C CA 1 
ATOM 753  C CA . CYS C 3 212 ? -22.548 -17.030 -6.507  1.00 95.00 ? 212 CYS C CA 1 
ATOM 754  C CA . PHE C 3 213 ? -19.399 -18.252 -4.689  1.00 95.00 ? 213 PHE C CA 1 
ATOM 755  C CA . VAL C 3 214 ? -17.136 -21.122 -5.744  1.00 95.00 ? 214 VAL C CA 1 
ATOM 756  C CA . SER C 3 215 ? -14.709 -23.288 -3.801  1.00 95.00 ? 215 SER C CA 1 
ATOM 757  C CA . ALA C 3 216 ? -13.093 -26.676 -3.891  1.00 95.00 ? 216 ALA C CA 1 
ATOM 758  C CA . CYS C 3 217 ? -14.341 -29.640 -1.842  1.00 95.00 ? 217 CYS C CA 1 
ATOM 759  C CA . ASN C 3 218 ? -11.977 -31.899 0.096   1.00 95.00 ? 218 ASN C CA 1 
ATOM 760  C CA . ASP C 3 219 ? -11.504 -34.464 -2.693  1.00 95.00 ? 219 ASP C CA 1 
ATOM 761  C CA . PHE C 3 220 ? -9.887  -31.796 -4.914  1.00 95.00 ? 220 PHE C CA 1 
ATOM 762  C CA . SER C 3 221 ? -6.257  -31.830 -6.086  1.00 95.00 ? 221 SER C CA 1 
ATOM 763  C CA . VAL C 3 222 ? -4.116  -30.543 -8.965  1.00 95.00 ? 222 VAL C CA 1 
ATOM 764  C CA . ARG C 3 223 ? -1.009  -31.775 -10.809 1.00 95.00 ? 223 ARG C CA 1 
ATOM 765  C CA . LEU C 3 224 ? 1.706   -30.953 -13.274 1.00 95.00 ? 224 LEU C CA 1 
ATOM 766  C CA . LEU C 3 225 ? 3.072   -27.453 -12.569 1.00 95.00 ? 225 LEU C CA 1 
ATOM 767  C CA . LYS C 3 226 ? 3.249   -24.923 -15.499 1.00 95.00 ? 226 LYS C CA 1 
ATOM 768  C CA . ASP C 3 227 ? 3.335   -21.110 -15.898 1.00 95.00 ? 227 ASP C CA 1 
ATOM 769  C CA . THR C 3 228 ? 0.192   -18.949 -15.903 1.00 95.00 ? 228 THR C CA 1 
ATOM 770  C CA . PRO C 3 229 ? -1.123  -17.504 -19.125 1.00 95.00 ? 229 PRO C CA 1 
ATOM 771  C CA . PHE C 3 230 ? -2.291  -14.524 -17.104 1.00 95.00 ? 230 PHE C CA 1 
ATOM 772  C CA . ILE C 3 231 ? 0.871   -12.526 -16.450 1.00 95.00 ? 231 ILE C CA 1 
ATOM 773  C CA . GLN C 3 232 ? 3.438   -11.097 -18.856 1.00 95.00 ? 232 GLN C CA 1 
ATOM 774  C CA . GLN C 3 233 ? 5.885   -8.426  -19.828 1.00 95.00 ? 233 GLN C CA 1 
ATOM 775  C CA . ALA C 3 234 ? 7.513   -6.740  -22.718 1.00 95.00 ? 234 ALA C CA 1 
ATOM 776  C CA . ALA C 3 235 ? 10.743  -5.746  -20.891 1.00 95.00 ? 235 ALA C CA 1 
ATOM 777  C CA . LEU C 3 236 ? 12.683  -5.715  -17.609 1.00 95.00 ? 236 LEU C CA 1 
ATOM 778  C CA . LEU C 3 237 ? 12.451  -3.093  -14.636 1.00 95.00 ? 237 LEU C CA 1 
ATOM 779  C CA . GLN C 3 238 ? 9.314   -5.246  -14.853 1.00 95.00 ? 238 GLN C CA 1 
ATOM 780  C CA . GLY D 4 1   ? 25.637  -40.739 9.472   1.00 95.00 ? 2   GLY D CA 1 
ATOM 781  C CA . ALA D 4 2   ? 22.970  -41.022 6.811   1.00 95.00 ? 3   ALA D CA 1 
ATOM 782  C CA . GLN D 4 3   ? 19.178  -41.008 6.426   1.00 95.00 ? 4   GLN D CA 1 
ATOM 783  C CA . VAL D 4 4   ? 16.948  -43.349 4.527   1.00 95.00 ? 5   VAL D CA 1 
ATOM 784  C CA . SER D 4 5   ? 13.379  -42.420 3.715   1.00 95.00 ? 6   SER D CA 1 
ATOM 785  C CA . THR D 4 6   ? 10.862  -43.458 1.058   1.00 95.00 ? 7   THR D CA 1 
ATOM 786  C CA . GLN D 4 7   ? 10.530  -42.314 -2.532  1.00 95.00 ? 8   GLN D CA 1 
ATOM 787  C CA . LYS D 4 8   ? 7.361   -40.786 -4.014  1.00 95.00 ? 9   LYS D CA 1 
ATOM 788  C CA . THR D 4 9   ? 5.559   -43.696 -5.570  1.00 95.00 ? 10  THR D CA 1 
ATOM 789  C CA . GLY D 4 10  ? 5.525   -44.024 -9.416  1.00 95.00 ? 11  GLY D CA 1 
ATOM 790  C CA . ALA D 4 11  ? 4.215   -46.203 -12.377 1.00 95.00 ? 12  ALA D CA 1 
ATOM 791  C CA . HIS D 4 12  ? 2.855   -49.245 -10.217 1.00 95.00 ? 13  HIS D CA 1 
ATOM 792  C CA . GLU D 4 13  ? 0.130   -50.164 -7.526  1.00 95.00 ? 14  GLU D CA 1 
ATOM 793  C CA . SER D 4 14  ? 11.797  -52.099 -0.319  1.00 95.00 ? 23  SER D CA 1 
ATOM 794  C CA . ILE D 4 15  ? 13.537  -50.651 -3.464  1.00 95.00 ? 24  ILE D CA 1 
ATOM 795  C CA . ILE D 4 16  ? 11.099  -47.803 -3.082  1.00 95.00 ? 25  ILE D CA 1 
ATOM 796  C CA . HIS D 4 17  ? 13.484  -45.705 -1.031  1.00 95.00 ? 26  HIS D CA 1 
ATOM 797  C CA . TYR D 4 18  ? 16.590  -43.591 -1.223  1.00 95.00 ? 27  TYR D CA 1 
ATOM 798  C CA . THR D 4 19  ? 19.459  -42.644 0.954   1.00 95.00 ? 28  THR D CA 1 
ATOM 799  C CA . ASN D 4 20  ? 20.865  -39.165 1.623   1.00 95.00 ? 29  ASN D CA 1 
ATOM 800  C CA . ILE D 4 21  ? 23.972  -37.703 3.392   1.00 95.00 ? 30  ILE D CA 1 
ATOM 801  C CA . ASN D 4 22  ? 24.512  -33.970 4.004   1.00 95.00 ? 31  ASN D CA 1 
ATOM 802  C CA . TYR D 4 23  ? 27.944  -32.760 3.060   1.00 95.00 ? 32  TYR D CA 1 
ATOM 803  C CA . TYR D 4 24  ? 27.722  -29.093 4.123   1.00 95.00 ? 33  TYR D CA 1 
ATOM 804  C CA . LYS D 4 25  ? 27.987  -27.223 7.401   1.00 95.00 ? 34  LYS D CA 1 
ATOM 805  C CA . ASP D 4 26  ? 24.928  -24.987 6.913   1.00 95.00 ? 35  ASP D CA 1 
ATOM 806  C CA . ALA D 4 27  ? 21.279  -26.017 6.771   1.00 95.00 ? 36  ALA D CA 1 
ATOM 807  C CA . ALA D 4 28  ? 20.859  -23.577 3.893   1.00 95.00 ? 37  ALA D CA 1 
ATOM 808  C CA . SER D 4 29  ? 22.932  -25.892 1.739   1.00 95.00 ? 38  SER D CA 1 
ATOM 809  C CA . ASN D 4 30  ? 20.456  -28.764 2.132   1.00 95.00 ? 39  ASN D CA 1 
ATOM 810  C CA . SER D 4 31  ? 18.006  -29.811 -0.581  1.00 95.00 ? 40  SER D CA 1 
ATOM 811  C CA . ALA D 4 32  ? 14.302  -28.828 -0.536  1.00 95.00 ? 41  ALA D CA 1 
ATOM 812  C CA . ASN D 4 33  ? 11.601  -30.367 1.791   1.00 95.00 ? 42  ASN D CA 1 
ATOM 813  C CA . ARG D 4 34  ? 9.510   -31.666 -1.012  1.00 95.00 ? 43  ARG D CA 1 
ATOM 814  C CA . GLN D 4 35  ? 8.170   -34.441 1.136   1.00 95.00 ? 44  GLN D CA 1 
ATOM 815  C CA . ASP D 4 36  ? 6.449   -32.541 3.903   1.00 95.00 ? 45  ASP D CA 1 
ATOM 816  C CA . PHE D 4 37  ? 2.631   -32.532 3.271   1.00 95.00 ? 46  PHE D CA 1 
ATOM 817  C CA . THR D 4 38  ? 0.716   -30.939 6.199   1.00 95.00 ? 47  THR D CA 1 
ATOM 818  C CA . GLN D 4 39  ? -2.510  -28.899 5.818   1.00 95.00 ? 48  GLN D CA 1 
ATOM 819  C CA . ASP D 4 40  ? -4.876  -26.681 7.795   1.00 95.00 ? 49  ASP D CA 1 
ATOM 820  C CA . PRO D 4 41  ? -7.621  -25.118 5.605   1.00 95.00 ? 50  PRO D CA 1 
ATOM 821  C CA . GLY D 4 42  ? -9.430  -23.990 8.745   1.00 95.00 ? 51  GLY D CA 1 
ATOM 822  C CA . LYS D 4 43  ? -7.344  -20.799 9.272   1.00 95.00 ? 52  LYS D CA 1 
ATOM 823  C CA . PHE D 4 44  ? -9.077  -19.583 6.158   1.00 95.00 ? 53  PHE D CA 1 
ATOM 824  C CA . THR D 4 45  ? -12.256 -21.601 5.396   1.00 95.00 ? 54  THR D CA 1 
ATOM 825  C CA . GLU D 4 46  ? -14.026 -21.339 8.782   1.00 95.00 ? 55  GLU D CA 1 
ATOM 826  C CA . PRO D 4 47  ? -12.269 -18.679 11.009  1.00 95.00 ? 56  PRO D CA 1 
ATOM 827  C CA . VAL D 4 48  ? -15.527 -18.230 13.039  1.00 95.00 ? 57  VAL D CA 1 
ATOM 828  C CA . LYS D 4 49  ? -15.565 -18.446 16.913  1.00 95.00 ? 58  LYS D CA 1 
ATOM 829  C CA . ASP D 4 50  ? -18.724 -20.396 17.763  1.00 95.00 ? 59  ASP D CA 1 
ATOM 830  C CA . ILE D 4 51  ? -18.389 -23.758 15.877  1.00 95.00 ? 60  ILE D CA 1 
ATOM 831  C CA . MET D 4 52  ? -20.707 -24.019 12.822  1.00 95.00 ? 61  MET D CA 1 
ATOM 832  C CA . VAL D 4 53  ? -22.003 -27.637 12.759  1.00 95.00 ? 62  VAL D CA 1 
ATOM 833  C CA . LYS D 4 54  ? -23.614 -27.127 9.299   1.00 95.00 ? 63  LYS D CA 1 
ATOM 834  C CA . SER D 4 55  ? -26.257 -29.883 9.075   1.00 95.00 ? 64  SER D CA 1 
ATOM 835  C CA . LEU D 4 56  ? -28.068 -27.410 11.465  1.00 95.00 ? 65  LEU D CA 1 
ATOM 836  C CA . PRO D 4 57  ? -29.464 -24.039 10.389  1.00 95.00 ? 66  PRO D CA 1 
ATOM 837  C CA . ALA D 4 58  ? -26.355 -21.675 10.932  1.00 95.00 ? 67  ALA D CA 1 
ATOM 838  C CA . LEU D 4 59  ? -28.726 -18.905 12.144  1.00 95.00 ? 68  LEU D CA 1 
ATOM 839  C CA . ASN D 4 60  ? -32.194 -19.196 13.849  1.00 95.00 ? 69  ASN D CA 1 
ATOM 840  C CA A GLN E 5 65  ? 36.783  82.309  23.370  0.10 95.00 ? 2   GLN E CA 1 
ATOM 841  C CA B GLN E 5 65  ? 45.045  74.962  10.737  0.10 95.00 ? 2   GLN E CA 1 
ATOM 842  C CA A ASP E 5 66  ? 36.521  78.876  21.701  0.10 95.00 ? 3   ASP E CA 1 
ATOM 843  C CA B ASP E 5 66  ? 45.348  71.983  13.119  0.10 95.00 ? 3   ASP E CA 1 
ATOM 844  C CA A CYS E 5 67  ? 36.289  75.437  23.308  0.10 95.00 ? 4   CYS E CA 1 
ATOM 845  C CA B CYS E 5 67  ? 42.748  70.518  15.477  0.10 95.00 ? 4   CYS E CA 1 
ATOM 846  C CA A GLY E 5 68  ? 38.755  72.701  22.435  0.10 95.00 ? 5   GLY E CA 1 
ATOM 847  C CA B GLY E 5 68  ? 43.464  70.120  19.172  0.10 95.00 ? 5   GLY E CA 1 
ATOM 848  C CA A LEU E 5 69  ? 37.893  69.023  22.048  0.10 95.00 ? 6   LEU E CA 1 
ATOM 849  C CA B LEU E 5 69  ? 42.351  67.186  21.310  0.10 95.00 ? 6   LEU E CA 1 
ATOM 850  C CA A PRO E 5 70  ? 35.041  67.809  24.245  0.10 95.00 ? 7   PRO E CA 1 
ATOM 851  C CA B PRO E 5 70  ? 39.074  65.586  20.250  0.10 95.00 ? 7   PRO E CA 1 
ATOM 852  C CA A PRO E 5 71  ? 35.982  65.795  27.318  0.10 95.00 ? 8   PRO E CA 1 
ATOM 853  C CA B PRO E 5 71  ? 36.010  66.415  22.325  0.10 95.00 ? 8   PRO E CA 1 
ATOM 854  C CA A ASP E 5 72  ? 36.530  62.043  27.227  0.10 95.00 ? 9   ASP E CA 1 
ATOM 855  C CA B ASP E 5 72  ? 35.075  64.503  25.465  0.10 95.00 ? 9   ASP E CA 1 
ATOM 856  C CA A VAL E 5 73  ? 33.435  59.979  28.006  0.10 95.00 ? 10  VAL E CA 1 
ATOM 857  C CA B VAL E 5 73  ? 32.707  61.587  24.888  0.10 95.00 ? 10  VAL E CA 1 
ATOM 858  C CA A PRO E 5 74  ? 33.806  56.218  28.498  0.10 95.00 ? 11  PRO E CA 1 
ATOM 859  C CA B PRO E 5 74  ? 31.194  59.819  27.906  0.10 95.00 ? 11  PRO E CA 1 
ATOM 860  C CA A ASN E 5 75  ? 32.004  54.151  25.859  0.10 95.00 ? 12  ASN E CA 1 
ATOM 861  C CA B ASN E 5 75  ? 32.288  56.192  28.255  0.10 95.00 ? 12  ASN E CA 1 
ATOM 862  C CA A ALA E 5 76  ? 30.964  57.291  23.988  0.10 95.00 ? 13  ALA E CA 1 
ATOM 863  C CA B ALA E 5 76  ? 34.610  56.515  25.263  0.10 95.00 ? 13  ALA E CA 1 
ATOM 864  C CA A GLN E 5 77  ? 32.340  59.266  21.039  0.10 95.00 ? 14  GLN E CA 1 
ATOM 865  C CA B GLN E 5 77  ? 38.313  57.251  24.779  0.10 95.00 ? 14  GLN E CA 1 
ATOM 866  C CA A PRO E 5 78  ? 31.431  62.930  20.528  0.10 95.00 ? 15  PRO E CA 1 
ATOM 867  C CA B PRO E 5 78  ? 39.636  58.595  21.469  0.10 95.00 ? 15  PRO E CA 1 
ATOM 868  C CA A ALA E 5 79  ? 30.116  63.852  17.096  0.10 95.00 ? 16  ALA E CA 1 
ATOM 869  C CA B ALA E 5 79  ? 42.548  56.704  19.952  0.10 95.00 ? 16  ALA E CA 1 
ATOM 870  C CA A LEU E 5 80  ? 32.632  66.523  16.069  0.10 95.00 ? 17  LEU E CA 1 
ATOM 871  C CA B LEU E 5 80  ? 45.140  59.486  19.694  0.10 95.00 ? 17  LEU E CA 1 
ATOM 872  C CA A GLU E 5 81  ? 32.047  66.318  12.304  0.10 95.00 ? 18  GLU E CA 1 
ATOM 873  C CA B GLU E 5 81  ? 48.230  57.255  19.506  0.10 95.00 ? 18  GLU E CA 1 
ATOM 874  C CA A GLY E 5 82  ? 34.803  66.998  12.181  0.10 95.00 ? 19  GLY E CA 1 
ATOM 875  C CA B GLY E 5 82  ? 49.462  59.423  20.866  0.10 95.00 ? 19  GLY E CA 1 
ATOM 876  C CA A ARG E 5 83  ? 35.972  70.124  13.975  0.10 95.00 ? 20  ARG E CA 1 
ATOM 877  C CA B ARG E 5 83  ? 49.247  62.876  19.321  0.10 95.00 ? 20  ARG E CA 1 
ATOM 878  C CA A THR E 5 84  ? 38.836  70.676  16.443  0.10 95.00 ? 21  THR E CA 1 
ATOM 879  C CA B THR E 5 84  ? 48.172  66.227  20.810  0.10 95.00 ? 21  THR E CA 1 
ATOM 880  C CA A SER E 5 85  ? 37.545  73.974  17.850  0.10 95.00 ? 22  SER E CA 1 
ATOM 881  C CA B SER E 5 85  ? 47.547  67.981  17.484  0.10 95.00 ? 22  SER E CA 1 
ATOM 882  C CA A PHE E 5 86  ? 34.006  74.903  18.854  0.10 95.00 ? 23  PHE E CA 1 
ATOM 883  C CA B PHE E 5 86  ? 45.787  66.655  14.396  0.10 95.00 ? 23  PHE E CA 1 
ATOM 884  C CA A PRO E 5 87  ? 32.518  78.347  19.345  0.10 95.00 ? 24  PRO E CA 1 
ATOM 885  C CA B PRO E 5 87  ? 45.958  67.946  10.843  0.10 95.00 ? 24  PRO E CA 1 
ATOM 886  C CA A GLU E 5 88  ? 30.599  79.159  22.525  0.10 95.00 ? 25  GLU E CA 1 
ATOM 887  C CA B GLU E 5 88  ? 42.758  68.615  8.902   0.10 95.00 ? 25  GLU E CA 1 
ATOM 888  C CA A ASP E 5 89  ? 27.016  77.850  22.641  0.10 95.00 ? 26  ASP E CA 1 
ATOM 889  C CA B ASP E 5 89  ? 41.059  65.523  7.449   0.10 95.00 ? 26  ASP E CA 1 
ATOM 890  C CA A THR E 5 90  ? 28.234  74.837  20.662  0.10 95.00 ? 27  THR E CA 1 
ATOM 891  C CA B THR E 5 90  ? 42.259  63.629  10.524  0.10 95.00 ? 27  THR E CA 1 
ATOM 892  C CA A VAL E 5 91  ? 26.313  71.725  21.709  0.10 95.00 ? 28  VAL E CA 1 
ATOM 893  C CA B VAL E 5 91  ? 39.704  60.988  11.508  0.10 95.00 ? 28  VAL E CA 1 
ATOM 894  C CA A ILE E 5 92  ? 28.062  68.430  21.085  0.10 95.00 ? 29  ILE E CA 1 
ATOM 895  C CA B ILE E 5 92  ? 39.785  59.897  15.129  0.10 95.00 ? 29  ILE E CA 1 
ATOM 896  C CA A THR E 5 93  ? 26.224  65.136  21.350  0.10 95.00 ? 30  THR E CA 1 
ATOM 897  C CA B THR E 5 93  ? 37.896  56.844  16.316  0.10 95.00 ? 30  THR E CA 1 
ATOM 898  C CA A TYR E 5 94  ? 28.051  62.008  22.465  0.10 95.00 ? 31  TYR E CA 1 
ATOM 899  C CA B TYR E 5 94  ? 36.508  56.701  19.840  0.10 95.00 ? 31  TYR E CA 1 
ATOM 900  C CA A LYS E 5 95  ? 27.192  58.677  20.837  0.10 95.00 ? 32  LYS E CA 1 
ATOM 901  C CA B LYS E 5 95  ? 36.611  53.407  21.742  0.10 95.00 ? 32  LYS E CA 1 
ATOM 902  C CA A CYS E 5 96  ? 27.571  55.367  22.671  0.10 95.00 ? 33  CYS E CA 1 
ATOM 903  C CA B CYS E 5 96  ? 34.052  52.527  24.413  0.10 95.00 ? 33  CYS E CA 1 
ATOM 904  C CA A GLU E 5 97  ? 30.022  52.811  21.287  0.10 95.00 ? 34  GLU E CA 1 
ATOM 905  C CA B GLU E 5 97  ? 35.273  51.992  27.974  0.10 95.00 ? 34  GLU E CA 1 
ATOM 906  C CA A GLU E 5 98  ? 29.002  49.429  19.852  0.10 95.00 ? 35  GLU E CA 1 
ATOM 907  C CA B GLU E 5 98  ? 35.136  48.649  29.803  0.10 95.00 ? 35  GLU E CA 1 
ATOM 908  C CA A SER E 5 99  ? 27.337  47.145  22.404  0.10 95.00 ? 36  SER E CA 1 
ATOM 909  C CA B SER E 5 99  ? 31.592  47.358  30.326  0.10 95.00 ? 36  SER E CA 1 
ATOM 910  C CA A PHE E 5 100 ? 26.252  50.265  24.286  0.10 95.00 ? 37  PHE E CA 1 
ATOM 911  C CA B PHE E 5 100 ? 30.556  49.359  27.265  0.10 95.00 ? 37  PHE E CA 1 
ATOM 912  C CA A VAL E 5 101 ? 22.993  52.199  24.386  0.10 95.00 ? 38  VAL E CA 1 
ATOM 913  C CA B VAL E 5 101 ? 30.011  48.403  23.637  0.10 95.00 ? 38  VAL E CA 1 
ATOM 914  C CA A LYS E 5 102 ? 22.246  55.538  26.022  0.10 95.00 ? 39  LYS E CA 1 
ATOM 915  C CA B LYS E 5 102 ? 29.375  50.645  20.645  0.10 95.00 ? 39  LYS E CA 1 
ATOM 916  C CA A ILE E 5 103 ? 20.547  55.204  29.415  0.10 95.00 ? 40  ILE E CA 1 
ATOM 917  C CA B ILE E 5 103 ? 25.694  50.877  19.695  0.10 95.00 ? 40  ILE E CA 1 
ATOM 918  C CA A PRO E 5 104 ? 17.201  56.922  29.020  0.10 95.00 ? 41  PRO E CA 1 
ATOM 919  C CA B PRO E 5 104 ? 25.491  49.506  16.174  0.10 95.00 ? 41  PRO E CA 1 
ATOM 920  C CA A GLY E 5 105 ? 16.906  60.372  30.591  0.10 95.00 ? 42  GLY E CA 1 
ATOM 921  C CA B GLY E 5 105 ? 25.097  52.084  13.407  0.10 95.00 ? 42  GLY E CA 1 
ATOM 922  C CA A GLU E 5 106 ? 20.634  60.824  31.131  0.10 95.00 ? 43  GLU E CA 1 
ATOM 923  C CA B GLU E 5 106 ? 25.988  55.063  15.581  0.10 95.00 ? 43  GLU E CA 1 
ATOM 924  C CA A LYS E 5 107 ? 22.750  63.708  29.848  0.10 95.00 ? 44  LYS E CA 1 
ATOM 925  C CA B LYS E 5 107 ? 28.744  57.590  14.899  0.10 95.00 ? 44  LYS E CA 1 
ATOM 926  C CA A ASP E 5 108 ? 24.350  62.660  26.568  0.10 95.00 ? 45  ASP E CA 1 
ATOM 927  C CA B ASP E 5 108 ? 31.851  56.521  16.801  0.10 95.00 ? 45  ASP E CA 1 
ATOM 928  C CA A SER E 5 109 ? 25.640  66.079  25.505  0.10 95.00 ? 46  SER E CA 1 
ATOM 929  C CA B SER E 5 109 ? 34.310  58.921  15.164  0.10 95.00 ? 46  SER E CA 1 
ATOM 930  C CA A VAL E 5 110 ? 27.789  69.046  26.476  0.10 95.00 ? 47  VAL E CA 1 
ATOM 931  C CA B VAL E 5 110 ? 35.099  62.550  14.410  0.10 95.00 ? 47  VAL E CA 1 
ATOM 932  C CA A ILE E 5 111 ? 27.942  72.702  25.558  0.10 95.00 ? 48  ILE E CA 1 
ATOM 933  C CA B ILE E 5 111 ? 37.131  64.407  11.829  0.10 95.00 ? 48  ILE E CA 1 
ATOM 934  C CA A CYS E 5 112 ? 30.707  75.242  25.175  0.10 95.00 ? 49  CYS E CA 1 
ATOM 935  C CA B CYS E 5 112 ? 39.189  67.569  11.827  0.10 95.00 ? 49  CYS E CA 1 
ATOM 936  C CA A LEU E 5 113 ? 30.262  77.636  28.099  0.10 95.00 ? 50  LEU E CA 1 
ATOM 937  C CA B LEU E 5 113 ? 37.207  70.039  9.717   0.10 95.00 ? 50  LEU E CA 1 
ATOM 938  C CA A LYS E 5 114 ? 31.870  80.978  28.851  0.10 95.00 ? 51  LYS E CA 1 
ATOM 939  C CA B LYS E 5 114 ? 38.132  73.433  8.325   0.10 95.00 ? 51  LYS E CA 1 
ATOM 940  C CA A GLY E 5 115 ? 35.574  80.600  29.589  0.10 95.00 ? 52  GLY E CA 1 
ATOM 941  C CA B GLY E 5 115 ? 38.574  75.993  11.092  0.10 95.00 ? 52  GLY E CA 1 
ATOM 942  C CA A SER E 5 116 ? 36.134  77.950  26.925  0.10 95.00 ? 53  SER E CA 1 
ATOM 943  C CA B SER E 5 116 ? 40.283  73.568  13.465  0.10 95.00 ? 53  SER E CA 1 
ATOM 944  C CA A GLN E 5 117 ? 34.631  75.477  29.362  0.10 95.00 ? 54  GLN E CA 1 
ATOM 945  C CA B GLN E 5 117 ? 36.833  72.218  14.239  0.10 95.00 ? 54  GLN E CA 1 
ATOM 946  C CA A TRP E 5 118 ? 32.534  72.509  28.297  0.10 95.00 ? 55  TRP E CA 1 
ATOM 947  C CA B TRP E 5 118 ? 36.145  68.579  15.030  0.10 95.00 ? 55  TRP E CA 1 
ATOM 948  C CA A SER E 5 119 ? 29.485  71.720  30.419  0.10 95.00 ? 56  SER E CA 1 
ATOM 949  C CA B SER E 5 119 ? 33.003  67.067  13.524  0.10 95.00 ? 56  SER E CA 1 
ATOM 950  C CA A ASP E 5 120 ? 29.732  68.691  32.699  0.10 95.00 ? 57  ASP E CA 1 
ATOM 951  C CA B ASP E 5 120 ? 30.093  66.472  15.892  0.10 95.00 ? 57  ASP E CA 1 
ATOM 952  C CA A ILE E 5 121 ? 28.906  65.180  31.529  0.10 95.00 ? 58  ILE E CA 1 
ATOM 953  C CA B ILE E 5 121 ? 29.743  63.302  17.941  0.10 95.00 ? 58  ILE E CA 1 
ATOM 954  C CA A GLU E 5 122 ? 29.345  61.656  32.850  0.10 95.00 ? 59  GLU E CA 1 
ATOM 955  C CA B GLU E 5 122 ? 27.590  62.100  20.819  0.10 95.00 ? 59  GLU E CA 1 
ATOM 956  C CA A GLU E 5 123 ? 28.833  58.048  31.775  0.10 95.00 ? 60  GLU E CA 1 
ATOM 957  C CA B GLU E 5 123 ? 27.228  59.122  23.152  0.10 95.00 ? 60  GLU E CA 1 
ATOM 958  C CA A PHE E 5 124 ? 25.379  57.653  30.231  0.10 95.00 ? 61  PHE E CA 1 
ATOM 959  C CA B PHE E 5 124 ? 27.338  55.899  21.135  0.10 95.00 ? 61  PHE E CA 1 
ATOM 960  C CA A CYS E 5 125 ? 25.927  54.415  28.331  0.10 95.00 ? 62  CYS E CA 1 
ATOM 961  C CA B CYS E 5 125 ? 28.176  53.466  23.923  0.10 95.00 ? 62  CYS E CA 1 
ATOM 962  C CA A ASN E 5 126 ? 25.134  50.926  29.095  0.10 95.00 ? 63  ASN E CA 1 
ATOM 963  C CA B ASN E 5 126 ? 26.124  51.216  25.951  0.10 95.00 ? 63  ASN E CA 1 
ATOM 964  C CA . ARG E 5 127 ? 25.807  47.653  27.264  0.10 95.00 ? 64  ARG E CA 1 
ATOM 965  C CA . SER E 5 128 ? 22.810  46.835  25.295  0.10 95.00 ? 65  SER E CA 1 
ATOM 966  C CA . CYS E 5 129 ? 21.605  44.183  22.887  0.20 95.00 ? 66  CYS E CA 1 
ATOM 967  C CA . GLU E 5 130 ? 20.640  45.321  19.399  0.20 95.00 ? 67  GLU E CA 1 
ATOM 968  C CA . VAL E 5 131 ? 17.053  45.669  18.218  0.20 95.00 ? 68  VAL E CA 1 
ATOM 969  C CA . PRO E 5 132 ? 15.718  42.100  17.940  0.20 95.00 ? 69  PRO E CA 1 
ATOM 970  C CA . THR E 5 133 ? 16.064  40.571  14.444  0.20 95.00 ? 70  THR E CA 1 
ATOM 971  C CA . ARG E 5 134 ? 12.909  40.456  12.337  0.20 95.00 ? 71  ARG E CA 1 
ATOM 972  C CA . LEU E 5 135 ? 10.936  37.217  12.519  0.20 95.00 ? 72  LEU E CA 1 
ATOM 973  C CA . ASN E 5 136 ? 8.356   36.181  9.935   0.20 95.00 ? 73  ASN E CA 1 
ATOM 974  C CA . SER E 5 137 ? 6.206   34.275  12.429  0.20 95.00 ? 74  SER E CA 1 
ATOM 975  C CA . ALA E 5 138 ? 5.785   37.005  15.014  0.20 95.00 ? 75  ALA E CA 1 
ATOM 976  C CA . SER E 5 139 ? 6.286   40.700  15.715  0.20 95.00 ? 76  SER E CA 1 
ATOM 977  C CA . LEU E 5 140 ? 7.443   42.534  18.833  0.20 95.00 ? 77  LEU E CA 1 
ATOM 978  C CA . LYS E 5 141 ? 4.624   43.745  21.077  0.20 95.00 ? 78  LYS E CA 1 
ATOM 979  C CA . GLN E 5 142 ? 4.286   47.285  22.427  0.20 95.00 ? 79  GLN E CA 1 
ATOM 980  C CA . PRO E 5 143 ? 6.222   48.860  23.840  0.20 95.00 ? 80  PRO E CA 1 
ATOM 981  C CA . TYR E 5 144 ? 9.318   46.843  22.856  0.20 95.00 ? 81  TYR E CA 1 
ATOM 982  C CA . ILE E 5 145 ? 8.613   47.437  19.161  0.20 95.00 ? 82  ILE E CA 1 
ATOM 983  C CA . THR E 5 146 ? 9.573   51.119  19.561  0.20 95.00 ? 83  THR E CA 1 
ATOM 984  C CA . GLN E 5 147 ? 12.514  50.611  21.912  0.20 95.00 ? 84  GLN E CA 1 
ATOM 985  C CA . ASN E 5 148 ? 16.273  50.568  21.330  0.20 95.00 ? 85  ASN E CA 1 
ATOM 986  C CA . TYR E 5 149 ? 17.631  50.373  24.864  0.20 95.00 ? 86  TYR E CA 1 
ATOM 987  C CA . PHE E 5 150 ? 18.039  46.719  25.899  0.20 95.00 ? 87  PHE E CA 1 
ATOM 988  C CA . PRO E 5 151 ? 20.536  46.175  28.750  0.20 95.00 ? 88  PRO E CA 1 
ATOM 989  C CA . VAL E 5 152 ? 21.464  42.656  29.896  0.20 95.00 ? 89  VAL E CA 1 
ATOM 990  C CA . GLY E 5 153 ? 18.458  40.915  31.487  0.20 95.00 ? 90  GLY E CA 1 
ATOM 991  C CA . THR E 5 154 ? 15.889  42.779  29.385  0.20 95.00 ? 91  THR E CA 1 
ATOM 992  C CA . VAL E 5 155 ? 13.057  40.518  28.250  0.20 95.00 ? 92  VAL E CA 1 
ATOM 993  C CA . VAL E 5 156 ? 10.767  41.498  25.376  0.20 95.00 ? 93  VAL E CA 1 
ATOM 994  C CA . GLU E 5 157 ? 7.539   39.832  24.269  0.20 95.00 ? 94  GLU E CA 1 
ATOM 995  C CA . TYR E 5 158 ? 6.303   38.887  20.789  0.20 95.00 ? 95  TYR E CA 1 
ATOM 996  C CA . GLU E 5 159 ? 2.877   38.346  19.262  0.20 95.00 ? 96  GLU E CA 1 
ATOM 997  C CA . CYS E 5 160 ? 2.048   36.265  16.214  0.20 95.00 ? 97  CYS E CA 1 
ATOM 998  C CA . ARG E 5 161 ? 1.838   37.740  12.736  0.20 95.00 ? 98  ARG E CA 1 
ATOM 999  C CA . PRO E 5 162 ? -0.704  36.423  10.230  0.20 95.00 ? 99  PRO E CA 1 
ATOM 1000 C CA . GLY E 5 163 ? -0.989  33.716  9.302   0.20 95.00 ? 100 GLY E CA 1 
ATOM 1001 C CA . TYR E 5 164 ? 0.649   32.241  12.417  0.20 95.00 ? 101 TYR E CA 1 
ATOM 1002 C CA . ARG E 5 165 ? -0.694  30.864  15.694  0.20 95.00 ? 102 ARG E CA 1 
ATOM 1003 C CA . ARG E 5 166 ? 0.721   30.541  19.213  0.20 95.00 ? 103 ARG E CA 1 
ATOM 1004 C CA . GLU E 5 167 ? 2.321   27.273  20.334  0.20 95.00 ? 104 GLU E CA 1 
ATOM 1005 C CA . PRO E 5 168 ? 0.954   27.308  23.873  0.20 95.00 ? 105 PRO E CA 1 
ATOM 1006 C CA . SER E 5 169 ? 3.703   25.079  25.307  0.20 95.00 ? 106 SER E CA 1 
ATOM 1007 C CA . LEU E 5 170 ? 6.235   27.734  24.356  0.20 95.00 ? 107 LEU E CA 1 
ATOM 1008 C CA . SER E 5 171 ? 7.265   31.195  25.482  0.20 95.00 ? 108 SER E CA 1 
ATOM 1009 C CA . PRO E 5 172 ? 6.944   34.154  23.124  0.20 95.00 ? 109 PRO E CA 1 
ATOM 1010 C CA . LYS E 5 173 ? 9.719   35.972  25.005  0.20 95.00 ? 110 LYS E CA 1 
ATOM 1011 C CA . LEU E 5 174 ? 13.374  36.722  24.301  0.20 95.00 ? 111 LEU E CA 1 
ATOM 1012 C CA . THR E 5 175 ? 15.973  37.748  26.863  0.20 95.00 ? 112 THR E CA 1 
ATOM 1013 C CA . CYS E 5 176 ? 19.050  39.893  26.338  0.20 95.00 ? 113 CYS E CA 1 
ATOM 1014 C CA . LEU E 5 177 ? 21.958  37.733  27.513  0.20 95.00 ? 114 LEU E CA 1 
ATOM 1015 C CA . GLN E 5 178 ? 25.218  38.745  29.214  0.20 95.00 ? 115 GLN E CA 1 
ATOM 1016 C CA . ASN E 5 179 ? 27.012  38.418  25.873  0.20 95.00 ? 116 ASN E CA 1 
ATOM 1017 C CA . LEU E 5 180 ? 24.768  41.096  24.360  0.20 95.00 ? 117 LEU E CA 1 
ATOM 1018 C CA . LYS E 5 181 ? 22.782  38.568  22.351  0.20 95.00 ? 118 LYS E CA 1 
ATOM 1019 C CA . TRP E 5 182 ? 19.093  37.607  22.455  0.20 95.00 ? 119 TRP E CA 1 
ATOM 1020 C CA . SER E 5 183 ? 18.191  34.165  23.806  0.20 95.00 ? 120 SER E CA 1 
ATOM 1021 C CA . THR E 5 184 ? 17.616  31.165  21.510  0.20 95.00 ? 121 THR E CA 1 
ATOM 1022 C CA . ALA E 5 185 ? 14.516  31.484  19.355  0.20 95.00 ? 122 ALA E CA 1 
ATOM 1023 C CA . VAL E 5 186 ? 11.813  28.807  19.475  0.20 95.00 ? 123 VAL E CA 1 
ATOM 1024 C CA . GLU E 5 187 ? 8.686   28.336  17.339  0.20 95.00 ? 124 GLU E CA 1 
ATOM 1025 C CA . PHE E 5 188 ? 6.308   30.003  19.797  0.20 95.00 ? 125 PHE E CA 1 
ATOM 1026 C CA . CYS E 5 189 ? 4.330   31.254  16.785  0.20 95.00 ? 126 CYS E CA 1 
ATOM 1027 C CA . LYS E 5 190 ? 3.561   28.427  14.339  0.20 95.00 ? 127 LYS E CA 1 
ATOM 1028 C CA . LYS E 5 191 ? 2.031   28.563  10.869  0.20 95.00 ? 128 LYS E CA 1 
ATOM 1029 C CA . LYS E 5 192 ? -1.326  28.834  10.657  0.20 95.00 ? 129 LYS E CA 1 
ATOM 1030 C CA . SER E 5 193 ? -3.078  25.985  8.854   0.20 95.00 ? 130 SER E CA 1 
ATOM 1031 C CA . CYS E 5 194 ? -5.941  25.788  6.396   0.20 95.00 ? 131 CYS E CA 1 
ATOM 1032 C CA . PRO E 5 195 ? -8.880  23.525  7.112   0.20 95.00 ? 132 PRO E CA 1 
ATOM 1033 C CA . ASN E 5 196 ? -8.845  19.940  5.940   0.20 95.00 ? 133 ASN E CA 1 
ATOM 1034 C CA . PRO E 5 197 ? -9.141  19.989  2.105   0.20 95.00 ? 134 PRO E CA 1 
ATOM 1035 C CA . GLY E 5 198 ? -11.881 17.357  2.107   0.20 95.00 ? 135 GLY E CA 1 
ATOM 1036 C CA . GLU E 5 199 ? -12.611 15.048  -0.817  0.20 95.00 ? 136 GLU E CA 1 
ATOM 1037 C CA . ILE E 5 200 ? -13.591 15.300  -4.466  0.20 95.00 ? 137 ILE E CA 1 
ATOM 1038 C CA . ARG E 5 201 ? -16.219 12.757  -5.589  0.20 95.00 ? 138 ARG E CA 1 
ATOM 1039 C CA . ASN E 5 202 ? -14.712 10.774  -8.522  0.20 95.00 ? 139 ASN E CA 1 
ATOM 1040 C CA . GLY E 5 203 ? -11.518 12.764  -7.979  0.20 95.00 ? 140 GLY E CA 1 
ATOM 1041 C CA . GLN E 5 204 ? -8.220  13.111  -6.076  0.20 95.00 ? 141 GLN E CA 1 
ATOM 1042 C CA . ILE E 5 205 ? -6.549  15.800  -3.922  0.20 95.00 ? 142 ILE E CA 1 
ATOM 1043 C CA . ASP E 5 206 ? -2.723  15.882  -3.890  0.20 95.00 ? 143 ASP E CA 1 
ATOM 1044 C CA . VAL E 5 207 ? -1.138  17.435  -0.803  0.20 95.00 ? 144 VAL E CA 1 
ATOM 1045 C CA . PRO E 5 208 ? 2.636   17.285  -1.252  0.20 95.00 ? 145 PRO E CA 1 
ATOM 1046 C CA . GLY E 5 209 ? 3.491   20.210  1.006   0.20 95.00 ? 146 GLY E CA 1 
ATOM 1047 C CA . GLY E 5 210 ? 1.251   20.168  4.064   0.20 95.00 ? 147 GLY E CA 1 
ATOM 1048 C CA . ILE E 5 211 ? -1.690  22.523  4.651   0.20 95.00 ? 148 ILE E CA 1 
ATOM 1049 C CA . LEU E 5 212 ? -0.032  25.515  6.350   0.20 95.00 ? 149 LEU E CA 1 
ATOM 1050 C CA . PHE E 5 213 ? -0.016  29.022  4.959   0.20 95.00 ? 150 PHE E CA 1 
ATOM 1051 C CA . GLY E 5 214 ? 1.678   29.130  1.600   0.20 95.00 ? 151 GLY E CA 1 
ATOM 1052 C CA . ALA E 5 215 ? 0.861   25.495  0.780   0.20 95.00 ? 152 ALA E CA 1 
ATOM 1053 C CA . THR E 5 216 ? -0.645  24.599  -2.601  0.20 95.00 ? 153 THR E CA 1 
ATOM 1054 C CA . ILE E 5 217 ? -2.815  21.522  -3.128  0.20 95.00 ? 154 ILE E CA 1 
ATOM 1055 C CA . SER E 5 218 ? -3.684  19.997  -6.471  0.20 95.00 ? 155 SER E CA 1 
ATOM 1056 C CA . PHE E 5 219 ? -6.902  18.463  -7.823  0.20 95.00 ? 156 PHE E CA 1 
ATOM 1057 C CA . SER E 5 220 ? -7.472  15.869  -10.559 0.20 95.00 ? 157 SER E CA 1 
ATOM 1058 C CA . CYS E 5 221 ? -10.392 13.725  -11.698 0.20 95.00 ? 158 CYS E CA 1 
ATOM 1059 C CA . ASN E 5 222 ? -10.453 9.954   -12.034 0.20 95.00 ? 159 ASN E CA 1 
ATOM 1060 C CA . THR E 5 223 ? -10.149 8.491   -15.542 0.20 95.00 ? 160 THR E CA 1 
ATOM 1061 C CA . GLY E 5 224 ? -13.426 8.867   -17.357 0.20 95.00 ? 161 GLY E CA 1 
ATOM 1062 C CA . TYR E 5 225 ? -14.285 12.117  -15.509 0.20 95.00 ? 162 TYR E CA 1 
ATOM 1063 C CA . LYS E 5 226 ? -13.564 15.691  -16.510 0.20 95.00 ? 163 LYS E CA 1 
ATOM 1064 C CA . LEU E 5 227 ? -12.645 18.526  -14.129 0.20 95.00 ? 164 LEU E CA 1 
ATOM 1065 C CA . PHE E 5 228 ? -14.913 21.547  -13.881 0.20 95.00 ? 165 PHE E CA 1 
ATOM 1066 C CA . GLY E 5 229 ? -13.539 24.351  -11.739 0.20 95.00 ? 166 GLY E CA 1 
ATOM 1067 C CA . SER E 5 230 ? -10.057 25.042  -10.348 0.20 95.00 ? 167 SER E CA 1 
ATOM 1068 C CA . THR E 5 231 ? -7.235  22.491  -10.403 0.20 95.00 ? 168 THR E CA 1 
ATOM 1069 C CA . SER E 5 232 ? -5.334  23.890  -7.459  0.20 95.00 ? 169 SER E CA 1 
ATOM 1070 C CA . SER E 5 233 ? -5.846  25.872  -4.255  0.20 95.00 ? 170 SER E CA 1 
ATOM 1071 C CA . PHE E 5 234 ? -3.444  27.971  -2.156  0.20 95.00 ? 171 PHE E CA 1 
ATOM 1072 C CA . CYS E 5 235 ? -3.582  28.371  1.616   0.10 95.00 ? 172 CYS E CA 1 
ATOM 1073 C CA A LEU E 5 236 ? -3.690  32.028  2.423   0.10 95.00 ? 173 LEU E CA 1 
ATOM 1074 C CA B LEU E 5 236 ? -3.867  32.230  1.928   0.10 95.00 ? 173 LEU E CA 1 
ATOM 1075 C CA A ILE E 5 237 ? -4.185  34.437  5.327   0.10 95.00 ? 174 ILE E CA 1 
ATOM 1076 C CA B ILE E 5 237 ? -1.121  34.450  -0.154  0.10 95.00 ? 174 ILE E CA 1 
ATOM 1077 C CA A SER E 5 238 ? -7.028  36.916  4.879   0.10 95.00 ? 175 SER E CA 1 
ATOM 1078 C CA B SER E 5 238 ? 0.000   37.767  -0.959  0.10 95.00 ? 175 SER E CA 1 
ATOM 1079 C CA A GLY E 5 239 ? -7.767  39.127  7.845   0.10 95.00 ? 176 GLY E CA 1 
ATOM 1080 C CA B GLY E 5 239 ? -1.885  40.537  -1.726  0.10 95.00 ? 176 GLY E CA 1 
ATOM 1081 C CA A SER E 5 240 ? -8.012  36.723  10.779  0.10 95.00 ? 177 SER E CA 1 
ATOM 1082 C CA B SER E 5 240 ? -2.894  38.979  1.633   0.10 95.00 ? 177 SER E CA 1 
ATOM 1083 C CA A SER E 5 241 ? -8.760  33.688  8.748   0.10 95.00 ? 178 SER E CA 1 
ATOM 1084 C CA B SER E 5 241 ? -5.587  36.439  1.347   0.10 95.00 ? 178 SER E CA 1 
ATOM 1085 C CA A VAL E 5 242 ? -6.479  31.131  7.204   0.10 95.00 ? 179 VAL E CA 1 
ATOM 1086 C CA B VAL E 5 242 ? -7.362  34.020  3.842   0.10 95.00 ? 179 VAL E CA 1 
ATOM 1087 C CA A GLN E 5 243 ? -8.395  29.838  4.194   0.10 95.00 ? 180 GLN E CA 1 
ATOM 1088 C CA B GLN E 5 243 ? -8.183  30.330  3.845   0.10 95.00 ? 180 GLN E CA 1 
ATOM 1089 C CA . TRP E 5 244 ? -8.146  28.156  0.827   0.10 95.00 ? 181 TRP E CA 1 
ATOM 1090 C CA . SER E 5 245 ? -7.944  30.434  -2.227  0.20 95.00 ? 182 SER E CA 1 
ATOM 1091 C CA . ASP E 5 246 ? -10.055 28.121  -4.398  0.20 95.00 ? 183 ASP E CA 1 
ATOM 1092 C CA . PRO E 5 247 ? -12.942 25.698  -3.744  0.20 95.00 ? 184 PRO E CA 1 
ATOM 1093 C CA . LEU E 5 248 ? -13.019 22.048  -4.736  0.20 95.00 ? 185 LEU E CA 1 
ATOM 1094 C CA . PRO E 5 249 ? -13.940 21.427  -8.377  0.20 95.00 ? 186 PRO E CA 1 
ATOM 1095 C CA . GLU E 5 250 ? -16.508 18.948  -9.706  0.20 95.00 ? 187 GLU E CA 1 
ATOM 1096 C CA . CYS E 5 251 ? -15.515 15.781  -11.597 0.20 95.00 ? 188 CYS E CA 1 
ATOM 1097 C CA . ARG E 5 252 ? -18.205 14.935  -14.129 0.20 95.00 ? 189 ARG E CA 1 
ATOM 1098 C CA . GLU E 5 253 ? -18.744 11.844  -16.198 0.20 95.00 ? 190 GLU E CA 1 
ATOM 1099 C CA . ILE E 5 254 ? -20.559 11.542  -20.126 0.20 95.00 ? 191 ILE E CA 1 
ATOM 1100 C CA . TYR E 5 255 ? -22.750 9.991   -22.809 0.20 95.00 ? 192 TYR E CA 1 
ATOM 1101 C CA . CYS E 5 256 ? -21.668 8.809   -26.208 0.20 95.00 ? 193 CYS E CA 1 
ATOM 1102 C CA . PRO E 5 257 ? -23.723 10.058  -29.133 0.20 95.00 ? 194 PRO E CA 1 
ATOM 1103 C CA . ALA E 5 258 ? -26.402 7.872   -30.767 0.20 95.00 ? 195 ALA E CA 1 
ATOM 1104 C CA . PRO E 5 259 ? -24.624 4.866   -32.339 0.20 95.00 ? 196 PRO E CA 1 
ATOM 1105 C CA . PRO E 5 260 ? -24.079 4.720   -36.081 0.20 95.00 ? 197 PRO E CA 1 
ATOM 1106 C CA . GLN E 5 261 ? -26.607 2.896   -38.212 0.20 95.00 ? 198 GLN E CA 1 
ATOM 1107 C CA . ILE E 5 262 ? -25.231 0.278   -40.548 0.20 95.00 ? 199 ILE E CA 1 
ATOM 1108 C CA . ASP E 5 263 ? -26.619 -0.483  -43.942 0.20 95.00 ? 200 ASP E CA 1 
ATOM 1109 C CA . ASN E 5 264 ? -28.722 -3.586  -44.019 0.20 95.00 ? 201 ASN E CA 1 
ATOM 1110 C CA . GLY E 5 265 ? -28.326 -4.392  -40.378 0.20 95.00 ? 202 GLY E CA 1 
ATOM 1111 C CA . ILE E 5 266 ? -30.018 -3.348  -37.136 0.20 95.00 ? 203 ILE E CA 1 
ATOM 1112 C CA . ILE E 5 267 ? -28.889 -2.075  -33.760 0.20 95.00 ? 204 ILE E CA 1 
ATOM 1113 C CA . GLN E 5 268 ? -30.009 -4.571  -31.170 0.20 95.00 ? 205 GLN E CA 1 
ATOM 1114 C CA . GLY E 5 269 ? -32.160 -3.010  -28.522 0.20 95.00 ? 206 GLY E CA 1 
ATOM 1115 C CA . GLU E 5 270 ? -31.351 0.599   -29.354 0.20 95.00 ? 207 GLU E CA 1 
ATOM 1116 C CA . ARG E 5 271 ? -31.924 3.094   -26.542 0.20 95.00 ? 208 ARG E CA 1 
ATOM 1117 C CA . ASP E 5 272 ? -30.593 6.360   -25.122 0.20 95.00 ? 209 ASP E CA 1 
ATOM 1118 C CA . HIS E 5 273 ? -27.859 7.303   -22.655 0.20 95.00 ? 210 HIS E CA 1 
ATOM 1119 C CA . TYR E 5 274 ? -24.948 5.087   -23.585 0.20 95.00 ? 211 TYR E CA 1 
ATOM 1120 C CA . GLY E 5 275 ? -22.440 5.837   -20.855 0.20 95.00 ? 212 GLY E CA 1 
ATOM 1121 C CA . TYR E 5 276 ? -18.798 4.931   -20.480 0.20 95.00 ? 213 TYR E CA 1 
ATOM 1122 C CA . ARG E 5 277 ? -18.039 1.228   -21.092 0.20 95.00 ? 214 ARG E CA 1 
ATOM 1123 C CA . GLN E 5 278 ? -21.559 0.368   -22.309 0.20 95.00 ? 215 GLN E CA 1 
ATOM 1124 C CA . SER E 5 279 ? -21.788 -1.380  -25.608 0.20 95.00 ? 216 SER E CA 1 
ATOM 1125 C CA . VAL E 5 280 ? -24.016 -1.462  -28.707 0.20 95.00 ? 217 VAL E CA 1 
ATOM 1126 C CA . THR E 5 281 ? -24.366 -4.651  -30.729 0.20 95.00 ? 218 THR E CA 1 
ATOM 1127 C CA . TYR E 5 282 ? -25.504 -5.152  -34.292 0.20 95.00 ? 219 TYR E CA 1 
ATOM 1128 C CA . ALA E 5 283 ? -27.008 -7.933  -36.342 0.20 95.00 ? 220 ALA E CA 1 
ATOM 1129 C CA . CYS E 5 284 ? -27.446 -8.115  -40.131 0.20 95.00 ? 221 CYS E CA 1 
ATOM 1130 C CA . ASN E 5 285 ? -30.823 -8.417  -41.816 0.20 95.00 ? 222 ASN E CA 1 
ATOM 1131 C CA . LYS E 5 286 ? -32.088 -11.552 -43.546 0.20 95.00 ? 223 LYS E CA 1 
ATOM 1132 C CA . GLY E 5 287 ? -30.092 -11.973 -46.747 0.20 95.00 ? 224 GLY E CA 1 
ATOM 1133 C CA . PHE E 5 288 ? -26.880 -10.386 -45.407 0.20 95.00 ? 225 PHE E CA 1 
ATOM 1134 C CA . THR E 5 289 ? -23.761 -11.620 -43.595 0.20 95.00 ? 226 THR E CA 1 
ATOM 1135 C CA . MET E 5 290 ? -21.720 -9.668  -41.105 0.20 95.00 ? 227 MET E CA 1 
ATOM 1136 C CA . ILE E 5 291 ? -18.004 -8.924  -41.255 0.20 95.00 ? 228 ILE E CA 1 
ATOM 1137 C CA . GLY E 5 292 ? -16.211 -6.979  -38.545 0.20 95.00 ? 229 GLY E CA 1 
ATOM 1138 C CA . GLU E 5 293 ? -16.795 -6.566  -34.768 0.20 95.00 ? 230 GLU E CA 1 
ATOM 1139 C CA . HIS E 5 294 ? -20.427 -7.231  -33.815 0.20 95.00 ? 231 HIS E CA 1 
ATOM 1140 C CA . SER E 5 295 ? -20.155 -4.794  -30.902 0.20 95.00 ? 232 SER E CA 1 
ATOM 1141 C CA . ILE E 5 296 ? -18.771 -1.328  -30.235 0.20 95.00 ? 233 ILE E CA 1 
ATOM 1142 C CA . TYR E 5 297 ? -18.204 0.402   -26.880 0.20 95.00 ? 234 TYR E CA 1 
ATOM 1143 C CA . CYS E 5 298 ? -18.587 3.896   -25.523 0.20 95.00 ? 235 CYS E CA 1 
ATOM 1144 C CA . THR E 5 299 ? -15.204 5.261   -24.567 0.20 95.00 ? 236 THR E CA 1 
ATOM 1145 C CA . VAL E 5 300 ? -13.841 8.643   -23.540 0.20 95.00 ? 237 VAL E CA 1 
ATOM 1146 C CA . ASN E 5 301 ? -11.396 10.609  -25.638 0.20 95.00 ? 238 ASN E CA 1 
ATOM 1147 C CA . ASN E 5 302 ? -10.249 14.034  -24.522 0.20 95.00 ? 239 ASN E CA 1 
ATOM 1148 C CA . ASP E 5 303 ? -13.137 14.347  -22.082 0.20 95.00 ? 240 ASP E CA 1 
ATOM 1149 C CA . GLU E 5 304 ? -15.653 13.507  -24.800 0.20 95.00 ? 241 GLU E CA 1 
ATOM 1150 C CA . GLY E 5 305 ? -17.638 10.306  -25.295 0.20 95.00 ? 242 GLY E CA 1 
ATOM 1151 C CA . GLU E 5 306 ? -16.778 8.471   -28.539 0.20 95.00 ? 243 GLU E CA 1 
ATOM 1152 C CA . TRP E 5 307 ? -17.605 5.025   -29.927 0.20 95.00 ? 244 TRP E CA 1 
ATOM 1153 C CA . SER E 5 308 ? -14.705 2.535   -30.007 0.20 95.00 ? 245 SER E CA 1 
ATOM 1154 C CA . GLY E 5 309 ? -13.714 0.498   -33.068 0.20 95.00 ? 246 GLY E CA 1 
ATOM 1155 C CA . PRO E 5 310 ? -15.473 0.682   -36.433 0.20 95.00 ? 247 PRO E CA 1 
ATOM 1156 C CA . PRO E 5 311 ? -18.988 -0.716  -36.763 0.20 95.00 ? 248 PRO E CA 1 
ATOM 1157 C CA . PRO E 5 312 ? -19.455 -3.923  -38.753 0.20 95.00 ? 249 PRO E CA 1 
ATOM 1158 C CA . GLU E 5 313 ? -20.666 -4.140  -42.313 0.20 95.00 ? 250 GLU E CA 1 
ATOM 1159 C CA . CYS E 5 314 ? -23.460 -6.298  -43.675 0.20 95.00 ? 251 CYS E CA 1 
ATOM 1160 C CA . ARG E 5 315 ? -22.984 -7.870  -47.117 0.20 95.00 ? 252 ARG E CA 1 
ATOM 1161 C CA . GLY E 5 316 ? -25.567 -9.487  -49.393 0.20 95.00 ? 253 GLY E CA 1 
# 
